data_9QUW
#
_entry.id   9QUW
#
_cell.length_a   1.00
_cell.length_b   1.00
_cell.length_c   1.00
_cell.angle_alpha   90.00
_cell.angle_beta   90.00
_cell.angle_gamma   90.00
#
_symmetry.space_group_name_H-M   'P 1'
#
loop_
_entity.id
_entity.type
_entity.pdbx_description
1 polymer 'Fab light chain'
2 polymer 'Fab heavy chain'
3 polymer 'Sodium/hydrogen exchanger 9B2'
4 non-polymer '2-(HEXADECANOYLOXY)-1-[(PHOSPHONOOXY)METHYL]ETHYL HEXADECANOATE'
5 non-polymer 3-(4-HYDROXYPHENYL)-1-(2,4,6-TRIHYDROXYPHENYL)PROPAN-1-ONE
#
loop_
_entity_poly.entity_id
_entity_poly.type
_entity_poly.pdbx_seq_one_letter_code
_entity_poly.pdbx_strand_id
1 'polypeptide(L)'
;DIVMTQTTSSLSASLGDRVTISCRASQDISNYLNWFQQKPDGTVKLLICYTSRLHSGVPSRFSGSGSGTDYSLTISNLEQ
EDIATYFCQQDSKHPWTFGGGTKLEIKRADAAPTVSIFPPSSEQLTSGGASVVCFLNNFYPKDINVKWKIDGSERQNGVL
NSWTDQDSKDSTYSMSSTLTLTKDEYERHNSYTCEATHKTSTSPIVKSFNRNEC
;
E,C
2 'polypeptide(L)'
;EVQLQESGPELVKPGASVKMSCKASGYTFTNYFIHWVKQKPGQGLEWIGYINPYNDITKFNEKFKGKATLTSDKSSRTAY
MELSSLTSEDSAVYYCARCDGYYRYYAMDYWGQGTSVTVSSAKTTAPSVYPLAPVCGDTSGSSVTLGCLVKGYFPEPVTL
TWNSGSLSSGVHTFPAVLQSDLYTLSSSVTVTSSTWPSQSITCNVAHPASSTKVDKKIEPRGPTIKPCPPCKCPAPNLLG
GPSVFIFPPKIKDVLM
;
D,F
3 'polypeptide(L)'
;MGDEDKRITYEDSEPSTGMNYTPSMHQEAQEETVMKLKGIDANEPTEGSILLKSSEKKLQETPTEANHVQRLRQMLACPP
HGLLDRVITNVTIIVLLWAVVWSITGSECLPGGNLFGIIILFYCAIIGGKLLGLIKLPTLPPLPSLLGMLLAGFLIRNIP
VINDNVQIKHKWSSSLRSIALSIILVRAGLGLDSKALKKLKGVCVRLSMGPCIVEACTSALLAHYLLGLPWQWGFILGFV
LGAVSPAVVVPSMLLLQGGGYGVEKGVPTLLMAAGSFDDILAITGFNTCLGIAFSTGSTVFNVLRGVLEVVIGVATGSVL
GFFIQYFPSRDQDKLVCKRTFLVLGLSVLAVFSSVHFGFPGSGGLCTLVMAFLAGMGWTSEKAEVEKIIAVAWDIFQPLL
FGLIGAEVSIASLRPETVGLCVATVGIAVLIRILTTFLMVCFAGFNLKEKIFISFAWLPKATVQAAIGSVALDTARSHGE
KQLEDYGMDVLTVAFLSILITAPIGSLLIGLLGPRLLQKVEHQNKDEEVQGETSVQV
;
A,B
#
loop_
_chem_comp.id
_chem_comp.type
_chem_comp.name
_chem_comp.formula
G50 non-polymer 3-(4-HYDROXYPHENYL)-1-(2,4,6-TRIHYDROXYPHENYL)PROPAN-1-ONE 'C15 H14 O5'
LPP non-polymer '2-(HEXADECANOYLOXY)-1-[(PHOSPHONOOXY)METHYL]ETHYL HEXADECANOATE' 'C35 H69 O8 P'
#
# COMPACT_ATOMS: atom_id res chain seq x y z
N ASP A 1 10.32 -11.55 -34.29
CA ASP A 1 11.36 -11.24 -33.32
C ASP A 1 12.69 -11.81 -33.80
N ILE A 2 13.51 -12.27 -32.85
CA ILE A 2 14.83 -12.82 -33.18
C ILE A 2 14.81 -14.30 -32.84
N VAL A 3 13.68 -14.96 -33.10
CA VAL A 3 13.55 -16.37 -32.80
C VAL A 3 14.80 -17.11 -33.24
N MET A 4 15.39 -17.85 -32.32
CA MET A 4 16.60 -18.62 -32.57
C MET A 4 16.23 -20.06 -32.89
N THR A 5 17.13 -20.74 -33.61
CA THR A 5 16.91 -22.12 -34.01
C THR A 5 18.17 -22.92 -33.77
N GLN A 6 18.03 -24.06 -33.10
CA GLN A 6 19.11 -25.02 -32.96
C GLN A 6 18.86 -26.16 -33.95
N THR A 7 19.82 -26.37 -34.86
CA THR A 7 19.58 -27.25 -35.99
C THR A 7 19.21 -28.66 -35.54
N THR A 8 19.96 -29.22 -34.59
CA THR A 8 19.75 -30.58 -34.13
C THR A 8 19.23 -30.55 -32.70
N SER A 9 18.12 -31.24 -32.47
CA SER A 9 17.50 -31.28 -31.15
C SER A 9 18.01 -32.42 -30.28
N SER A 10 18.63 -33.43 -30.87
CA SER A 10 19.17 -34.56 -30.11
C SER A 10 20.25 -35.21 -30.95
N LEU A 11 21.50 -35.08 -30.52
CA LEU A 11 22.65 -35.63 -31.24
C LEU A 11 23.43 -36.55 -30.32
N SER A 12 23.76 -37.73 -30.81
CA SER A 12 24.50 -38.69 -30.02
C SER A 12 25.96 -38.27 -29.91
N ALA A 13 26.61 -38.73 -28.84
CA ALA A 13 28.01 -38.42 -28.60
C ALA A 13 28.57 -39.45 -27.62
N SER A 14 29.77 -39.94 -27.93
CA SER A 14 30.42 -40.91 -27.05
C SER A 14 30.95 -40.20 -25.81
N LEU A 15 31.63 -40.95 -24.95
CA LEU A 15 32.17 -40.43 -23.71
C LEU A 15 33.62 -39.96 -23.83
N GLY A 16 34.18 -39.96 -25.04
CA GLY A 16 35.55 -39.52 -25.22
C GLY A 16 35.76 -38.74 -26.50
N ASP A 17 34.72 -38.08 -26.98
CA ASP A 17 34.77 -37.39 -28.27
C ASP A 17 34.47 -35.91 -28.08
N ARG A 18 34.61 -35.18 -29.18
CA ARG A 18 34.33 -33.75 -29.23
C ARG A 18 33.02 -33.52 -29.96
N VAL A 19 32.10 -32.80 -29.32
CA VAL A 19 30.79 -32.53 -29.90
C VAL A 19 30.65 -31.04 -30.14
N THR A 20 29.76 -30.68 -31.06
CA THR A 20 29.49 -29.31 -31.42
C THR A 20 28.00 -29.07 -31.45
N ILE A 21 27.59 -27.92 -30.90
CA ILE A 21 26.19 -27.52 -30.85
C ILE A 21 26.04 -26.26 -31.70
N SER A 22 25.05 -26.26 -32.59
CA SER A 22 24.86 -25.18 -33.54
C SER A 22 23.62 -24.39 -33.20
N CYS A 23 23.77 -23.07 -33.10
CA CYS A 23 22.65 -22.15 -32.84
C CYS A 23 22.67 -21.06 -33.89
N ARG A 24 21.52 -20.86 -34.53
CA ARG A 24 21.41 -19.85 -35.62
C ARG A 24 20.24 -18.91 -35.36
N ALA A 25 20.48 -17.61 -35.42
CA ALA A 25 19.46 -16.61 -35.12
C ALA A 25 18.78 -16.13 -36.39
N SER A 26 17.58 -15.59 -36.23
CA SER A 26 16.78 -15.08 -37.33
C SER A 26 17.06 -13.61 -37.62
N GLN A 27 18.25 -13.12 -37.27
CA GLN A 27 18.61 -11.72 -37.42
C GLN A 27 20.12 -11.64 -37.33
N ASP A 28 20.64 -10.44 -37.10
CA ASP A 28 22.07 -10.23 -36.90
C ASP A 28 22.28 -9.68 -35.48
N ILE A 29 22.41 -10.58 -34.52
CA ILE A 29 22.91 -10.21 -33.21
C ILE A 29 24.42 -10.10 -33.30
N SER A 30 24.97 -8.99 -32.81
CA SER A 30 26.39 -8.75 -33.02
C SER A 30 27.22 -9.87 -32.42
N ASN A 31 27.21 -10.00 -31.10
CA ASN A 31 27.80 -11.19 -30.48
C ASN A 31 27.05 -11.63 -29.23
N TYR A 32 25.87 -11.10 -28.93
CA TYR A 32 25.19 -11.36 -27.67
C TYR A 32 24.44 -12.67 -27.78
N LEU A 33 25.17 -13.77 -27.54
CA LEU A 33 24.68 -15.12 -27.74
C LEU A 33 25.07 -16.01 -26.57
N ASN A 34 24.69 -15.60 -25.35
CA ASN A 34 24.94 -16.43 -24.18
C ASN A 34 24.55 -17.87 -24.44
N TRP A 35 25.20 -18.79 -23.72
CA TRP A 35 24.86 -20.21 -23.74
C TRP A 35 24.48 -20.65 -22.33
N PHE A 36 23.62 -21.66 -22.24
CA PHE A 36 23.17 -22.18 -20.96
C PHE A 36 23.16 -23.69 -20.99
N GLN A 37 23.29 -24.29 -19.81
CA GLN A 37 23.18 -25.74 -19.67
C GLN A 37 22.16 -26.06 -18.60
N GLN A 38 21.25 -26.98 -18.91
CA GLN A 38 20.27 -27.46 -17.95
C GLN A 38 20.45 -28.96 -17.80
N LYS A 39 20.60 -29.41 -16.58
CA LYS A 39 20.77 -30.83 -16.34
C LYS A 39 19.42 -31.51 -16.18
N PRO A 40 19.37 -32.83 -16.34
CA PRO A 40 18.08 -33.51 -16.28
C PRO A 40 17.33 -33.29 -14.98
N ASP A 41 18.03 -33.05 -13.87
CA ASP A 41 17.33 -32.79 -12.61
C ASP A 41 16.65 -31.44 -12.59
N GLY A 42 16.90 -30.58 -13.57
CA GLY A 42 16.24 -29.29 -13.66
C GLY A 42 17.05 -28.09 -13.23
N THR A 43 18.34 -28.26 -12.96
CA THR A 43 19.22 -27.16 -12.57
C THR A 43 19.93 -26.64 -13.81
N VAL A 44 19.84 -25.32 -14.03
CA VAL A 44 20.40 -24.68 -15.22
C VAL A 44 21.48 -23.70 -14.77
N LYS A 45 22.64 -23.77 -15.42
CA LYS A 45 23.78 -22.94 -15.09
C LYS A 45 24.35 -22.29 -16.34
N LEU A 46 24.83 -21.06 -16.18
CA LEU A 46 25.41 -20.35 -17.31
C LEU A 46 26.72 -20.98 -17.73
N LEU A 47 27.02 -20.91 -19.03
CA LEU A 47 28.23 -21.49 -19.59
C LEU A 47 29.12 -20.45 -20.26
N ILE A 48 28.57 -19.63 -21.14
CA ILE A 48 29.37 -18.78 -22.00
C ILE A 48 28.61 -17.50 -22.32
N CYS A 49 29.06 -16.37 -21.79
CA CYS A 49 28.44 -15.08 -22.07
C CYS A 49 29.19 -14.38 -23.20
N TYR A 50 28.44 -13.74 -24.09
CA TYR A 50 29.01 -12.97 -25.19
C TYR A 50 29.80 -13.87 -26.15
N THR A 51 29.12 -14.90 -26.63
CA THR A 51 29.67 -15.77 -27.66
C THR A 51 30.77 -16.69 -27.14
N SER A 52 31.93 -16.14 -26.80
CA SER A 52 33.07 -16.95 -26.43
C SER A 52 33.66 -16.62 -25.06
N ARG A 53 33.10 -15.66 -24.33
CA ARG A 53 33.65 -15.31 -23.03
C ARG A 53 33.30 -16.40 -22.01
N LEU A 54 34.20 -17.34 -21.81
CA LEU A 54 33.96 -18.42 -20.87
C LEU A 54 33.65 -17.86 -19.49
N HIS A 55 32.66 -18.44 -18.83
CA HIS A 55 32.27 -17.95 -17.53
C HIS A 55 33.23 -18.45 -16.45
N SER A 56 33.17 -17.80 -15.29
CA SER A 56 34.03 -18.16 -14.18
C SER A 56 33.56 -19.46 -13.53
N GLY A 57 34.50 -20.38 -13.30
CA GLY A 57 34.17 -21.65 -12.71
C GLY A 57 33.78 -22.73 -13.69
N VAL A 58 33.58 -22.38 -14.96
CA VAL A 58 33.25 -23.36 -15.99
C VAL A 58 34.52 -24.11 -16.40
N PRO A 59 34.47 -25.42 -16.57
CA PRO A 59 35.67 -26.15 -16.99
C PRO A 59 36.14 -25.67 -18.35
N SER A 60 37.45 -25.80 -18.58
CA SER A 60 38.07 -25.29 -19.80
C SER A 60 37.63 -26.01 -21.05
N ARG A 61 36.94 -27.16 -20.92
CA ARG A 61 36.51 -27.89 -22.11
C ARG A 61 35.55 -27.07 -22.96
N PHE A 62 34.62 -26.37 -22.35
CA PHE A 62 33.62 -25.62 -23.10
C PHE A 62 34.29 -24.49 -23.86
N SER A 63 34.11 -24.46 -25.18
CA SER A 63 34.67 -23.42 -26.03
C SER A 63 33.53 -22.82 -26.87
N GLY A 64 33.17 -21.59 -26.56
CA GLY A 64 32.06 -20.93 -27.24
C GLY A 64 32.45 -20.18 -28.50
N SER A 65 32.73 -20.91 -29.57
CA SER A 65 33.15 -20.28 -30.82
C SER A 65 31.92 -19.66 -31.49
N GLY A 66 32.07 -19.32 -32.77
CA GLY A 66 30.95 -18.80 -33.55
C GLY A 66 30.88 -17.29 -33.53
N SER A 67 30.39 -16.73 -34.63
CA SER A 67 30.26 -15.29 -34.76
C SER A 67 29.32 -14.97 -35.91
N GLY A 68 28.82 -13.73 -35.92
CA GLY A 68 27.90 -13.29 -36.95
C GLY A 68 26.46 -13.54 -36.60
N THR A 69 25.82 -14.49 -37.28
CA THR A 69 24.50 -14.97 -36.89
C THR A 69 24.44 -16.49 -36.87
N ASP A 70 25.59 -17.16 -37.00
CA ASP A 70 25.68 -18.62 -36.95
C ASP A 70 26.67 -18.98 -35.85
N TYR A 71 26.18 -19.10 -34.63
CA TYR A 71 27.02 -19.40 -33.49
C TYR A 71 27.07 -20.89 -33.22
N SER A 72 28.03 -21.29 -32.41
CA SER A 72 28.22 -22.69 -32.08
C SER A 72 28.92 -22.81 -30.75
N LEU A 73 28.76 -23.96 -30.11
CA LEU A 73 29.43 -24.29 -28.87
C LEU A 73 30.09 -25.66 -29.03
N THR A 74 31.29 -25.80 -28.51
CA THR A 74 32.08 -27.01 -28.69
C THR A 74 32.51 -27.58 -27.35
N ILE A 75 32.59 -28.91 -27.29
CA ILE A 75 33.04 -29.62 -26.10
C ILE A 75 34.32 -30.36 -26.49
N SER A 76 35.41 -30.07 -25.78
CA SER A 76 36.68 -30.71 -26.10
C SER A 76 36.54 -32.23 -26.05
N ASN A 77 36.25 -32.77 -24.87
CA ASN A 77 35.93 -34.17 -24.69
C ASN A 77 34.68 -34.28 -23.81
N LEU A 78 33.89 -35.32 -24.03
CA LEU A 78 32.60 -35.45 -23.37
C LEU A 78 32.73 -36.32 -22.13
N GLU A 79 32.31 -35.79 -21.00
CA GLU A 79 32.26 -36.53 -19.75
C GLU A 79 30.82 -36.85 -19.40
N GLN A 80 30.63 -37.85 -18.54
CA GLN A 80 29.28 -38.23 -18.15
C GLN A 80 28.51 -37.07 -17.55
N GLU A 81 29.20 -36.09 -16.97
CA GLU A 81 28.52 -34.92 -16.42
C GLU A 81 27.91 -34.08 -17.53
N ASP A 82 28.60 -33.95 -18.66
CA ASP A 82 28.20 -33.02 -19.73
C ASP A 82 27.01 -33.51 -20.53
N ILE A 83 26.30 -34.54 -20.07
CA ILE A 83 25.13 -35.05 -20.75
C ILE A 83 23.92 -34.29 -20.21
N ALA A 84 23.49 -33.28 -20.94
CA ALA A 84 22.37 -32.45 -20.50
C ALA A 84 21.83 -31.69 -21.71
N THR A 85 20.98 -30.70 -21.45
CA THR A 85 20.37 -29.89 -22.49
C THR A 85 21.00 -28.51 -22.51
N TYR A 86 21.37 -28.04 -23.70
CA TYR A 86 22.09 -26.80 -23.86
C TYR A 86 21.26 -25.82 -24.67
N PHE A 87 21.03 -24.65 -24.10
CA PHE A 87 20.23 -23.60 -24.73
C PHE A 87 21.11 -22.44 -25.12
N CYS A 88 20.81 -21.83 -26.27
CA CYS A 88 21.48 -20.62 -26.72
C CYS A 88 20.52 -19.46 -26.57
N GLN A 89 20.97 -18.41 -25.88
CA GLN A 89 20.13 -17.24 -25.65
C GLN A 89 20.71 -16.05 -26.39
N GLN A 90 19.89 -15.00 -26.52
CA GLN A 90 20.31 -13.76 -27.14
C GLN A 90 19.72 -12.60 -26.36
N ASP A 91 20.56 -11.63 -26.00
CA ASP A 91 20.10 -10.41 -25.36
C ASP A 91 20.44 -9.17 -26.19
N SER A 92 20.61 -9.36 -27.50
CA SER A 92 20.87 -8.22 -28.38
C SER A 92 19.71 -7.24 -28.38
N LYS A 93 18.49 -7.74 -28.45
CA LYS A 93 17.31 -6.91 -28.51
C LYS A 93 16.49 -7.05 -27.22
N HIS A 94 15.33 -6.41 -27.19
CA HIS A 94 14.56 -6.28 -25.95
C HIS A 94 14.08 -7.63 -25.45
N PRO A 95 13.18 -8.31 -26.17
CA PRO A 95 12.68 -9.60 -25.67
C PRO A 95 13.70 -10.69 -25.85
N TRP A 96 14.34 -11.10 -24.76
CA TRP A 96 15.35 -12.15 -24.83
C TRP A 96 14.69 -13.46 -25.24
N THR A 97 15.25 -14.11 -26.25
CA THR A 97 14.67 -15.33 -26.79
C THR A 97 15.68 -16.46 -26.67
N PHE A 98 15.25 -17.57 -26.09
CA PHE A 98 16.07 -18.76 -25.98
C PHE A 98 15.87 -19.63 -27.22
N GLY A 99 16.79 -20.58 -27.39
CA GLY A 99 16.67 -21.54 -28.46
C GLY A 99 15.74 -22.68 -28.11
N GLY A 100 15.62 -23.62 -29.04
CA GLY A 100 14.81 -24.80 -28.78
C GLY A 100 15.45 -25.79 -27.84
N GLY A 101 16.76 -25.72 -27.64
CA GLY A 101 17.46 -26.65 -26.78
C GLY A 101 17.92 -27.89 -27.52
N THR A 102 18.95 -28.52 -26.95
CA THR A 102 19.51 -29.74 -27.51
C THR A 102 19.85 -30.69 -26.37
N LYS A 103 19.54 -31.96 -26.57
CA LYS A 103 19.84 -33.00 -25.59
C LYS A 103 20.97 -33.87 -26.11
N LEU A 104 21.97 -34.09 -25.26
CA LEU A 104 23.09 -34.96 -25.62
C LEU A 104 22.77 -36.36 -25.15
N GLU A 105 22.89 -37.32 -26.06
CA GLU A 105 22.58 -38.72 -25.77
C GLU A 105 23.80 -39.58 -26.06
N ILE A 106 24.11 -40.49 -25.13
CA ILE A 106 25.30 -41.33 -25.27
C ILE A 106 25.07 -42.35 -26.39
N LYS A 107 26.07 -42.49 -27.26
CA LYS A 107 26.01 -43.51 -28.30
C LYS A 107 26.11 -44.90 -27.69
N ARG A 108 25.48 -45.87 -28.36
CA ARG A 108 25.53 -47.26 -27.93
C ARG A 108 25.10 -48.12 -29.12
N ALA A 109 25.28 -49.43 -28.96
CA ALA A 109 24.81 -50.37 -29.97
C ALA A 109 23.29 -50.41 -30.00
N ASP A 110 22.74 -50.62 -31.20
CA ASP A 110 21.30 -50.62 -31.36
C ASP A 110 20.66 -51.76 -30.57
N ALA A 111 19.45 -51.51 -30.08
CA ALA A 111 18.71 -52.47 -29.28
C ALA A 111 17.33 -52.71 -29.85
N ALA A 112 16.67 -53.75 -29.35
CA ALA A 112 15.34 -54.13 -29.78
C ALA A 112 14.39 -54.11 -28.58
N PRO A 113 13.24 -53.45 -28.69
CA PRO A 113 12.33 -53.38 -27.54
C PRO A 113 11.78 -54.75 -27.18
N THR A 114 11.51 -54.91 -25.88
CA THR A 114 10.94 -56.17 -25.40
C THR A 114 9.53 -56.38 -25.93
N VAL A 115 8.75 -55.31 -26.02
CA VAL A 115 7.38 -55.31 -26.54
C VAL A 115 6.51 -56.42 -25.97
N SER A 116 6.47 -56.53 -24.64
CA SER A 116 5.60 -57.49 -23.97
C SER A 116 4.21 -56.93 -23.67
N ILE A 117 3.20 -57.78 -23.84
CA ILE A 117 1.83 -57.37 -23.60
C ILE A 117 1.48 -57.58 -22.13
N PHE A 118 0.44 -56.90 -21.67
CA PHE A 118 0.01 -57.03 -20.28
C PHE A 118 -1.51 -56.98 -20.18
N PRO A 119 -2.17 -58.11 -19.98
CA PRO A 119 -3.63 -58.11 -19.87
C PRO A 119 -4.09 -57.50 -18.56
N PRO A 120 -5.06 -56.59 -18.60
CA PRO A 120 -5.57 -56.03 -17.34
C PRO A 120 -6.12 -57.13 -16.44
N SER A 121 -5.85 -57.00 -15.15
CA SER A 121 -6.23 -58.05 -14.21
C SER A 121 -7.74 -58.07 -14.00
N SER A 122 -8.22 -59.12 -13.34
CA SER A 122 -9.64 -59.24 -13.05
C SER A 122 -10.16 -58.05 -12.26
N GLU A 123 -9.28 -57.40 -11.49
CA GLU A 123 -9.69 -56.20 -10.77
C GLU A 123 -10.18 -55.14 -11.76
N GLN A 124 -9.53 -55.03 -12.91
CA GLN A 124 -9.96 -54.07 -13.92
C GLN A 124 -11.39 -54.35 -14.36
N LEU A 125 -11.71 -55.61 -14.66
CA LEU A 125 -13.06 -55.94 -15.10
C LEU A 125 -14.09 -55.63 -14.01
N THR A 126 -13.80 -56.02 -12.77
CA THR A 126 -14.74 -55.78 -11.67
C THR A 126 -14.81 -54.30 -11.31
N SER A 127 -13.67 -53.59 -11.34
CA SER A 127 -13.65 -52.18 -10.97
C SER A 127 -14.53 -51.37 -11.91
N GLY A 128 -14.49 -51.67 -13.21
CA GLY A 128 -15.28 -50.95 -14.19
C GLY A 128 -14.46 -50.50 -15.37
N GLY A 129 -13.19 -50.19 -15.15
CA GLY A 129 -12.32 -49.76 -16.21
C GLY A 129 -11.83 -50.91 -17.06
N ALA A 130 -11.19 -50.56 -18.17
CA ALA A 130 -10.65 -51.55 -19.10
C ALA A 130 -9.44 -50.91 -19.80
N SER A 131 -8.24 -51.25 -19.33
CA SER A 131 -7.00 -50.71 -19.87
C SER A 131 -6.08 -51.84 -20.26
N VAL A 132 -5.55 -51.79 -21.49
CA VAL A 132 -4.58 -52.76 -21.98
C VAL A 132 -3.24 -52.08 -22.08
N VAL A 133 -2.19 -52.77 -21.62
CA VAL A 133 -0.86 -52.20 -21.48
C VAL A 133 0.11 -52.95 -22.37
N CYS A 134 0.84 -52.22 -23.20
CA CYS A 134 1.98 -52.74 -23.94
C CYS A 134 3.25 -52.22 -23.31
N PHE A 135 4.19 -53.12 -23.03
CA PHE A 135 5.45 -52.79 -22.37
C PHE A 135 6.61 -53.22 -23.26
N LEU A 136 7.03 -52.33 -24.13
CA LEU A 136 8.25 -52.51 -24.92
C LEU A 136 9.38 -51.75 -24.25
N ASN A 137 10.45 -52.45 -23.93
CA ASN A 137 11.50 -51.89 -23.08
C ASN A 137 12.86 -52.22 -23.67
N ASN A 138 13.86 -51.40 -23.30
CA ASN A 138 15.23 -51.59 -23.72
C ASN A 138 15.35 -51.59 -25.25
N PHE A 139 14.99 -50.45 -25.84
CA PHE A 139 15.11 -50.23 -27.27
C PHE A 139 16.02 -49.04 -27.53
N TYR A 140 16.56 -49.00 -28.75
CA TYR A 140 17.56 -47.99 -29.10
C TYR A 140 17.66 -47.90 -30.62
N PRO A 141 17.57 -46.71 -31.20
CA PRO A 141 17.31 -45.38 -30.58
C PRO A 141 15.84 -45.16 -30.27
N LYS A 142 15.45 -43.89 -30.13
CA LYS A 142 14.08 -43.54 -29.78
C LYS A 142 13.09 -43.82 -30.90
N ASP A 143 13.56 -44.27 -32.06
CA ASP A 143 12.69 -44.53 -33.21
C ASP A 143 11.86 -45.78 -32.92
N ILE A 144 10.63 -45.57 -32.47
CA ILE A 144 9.69 -46.66 -32.20
C ILE A 144 8.31 -46.29 -32.71
N ASN A 145 7.50 -47.33 -32.94
CA ASN A 145 6.14 -47.17 -33.41
C ASN A 145 5.19 -47.86 -32.45
N VAL A 146 4.11 -47.17 -32.09
CA VAL A 146 3.15 -47.67 -31.11
C VAL A 146 1.85 -48.00 -31.83
N LYS A 147 1.39 -49.24 -31.67
CA LYS A 147 0.14 -49.69 -32.27
C LYS A 147 -0.34 -50.93 -31.54
N TRP A 148 -1.66 -51.08 -31.45
CA TRP A 148 -2.27 -52.23 -30.80
C TRP A 148 -3.17 -52.97 -31.78
N LYS A 149 -3.17 -54.29 -31.65
CA LYS A 149 -3.91 -55.18 -32.55
C LYS A 149 -4.83 -56.10 -31.75
N ILE A 150 -5.59 -55.51 -30.83
CA ILE A 150 -6.52 -56.29 -30.03
C ILE A 150 -7.50 -57.01 -30.94
N ASP A 151 -7.46 -58.35 -30.90
CA ASP A 151 -8.39 -59.19 -31.66
C ASP A 151 -8.42 -58.80 -33.14
N GLY A 152 -7.30 -58.31 -33.65
CA GLY A 152 -7.24 -57.88 -35.03
C GLY A 152 -7.77 -56.49 -35.26
N SER A 153 -8.79 -56.10 -34.49
CA SER A 153 -9.37 -54.78 -34.63
C SER A 153 -8.33 -53.70 -34.33
N GLU A 154 -8.39 -52.61 -35.09
CA GLU A 154 -7.40 -51.54 -35.02
C GLU A 154 -8.10 -50.22 -34.72
N ARG A 155 -7.63 -49.54 -33.67
CA ARG A 155 -8.12 -48.21 -33.34
C ARG A 155 -6.96 -47.24 -33.25
N GLN A 156 -7.24 -45.98 -33.59
CA GLN A 156 -6.27 -44.90 -33.52
C GLN A 156 -6.60 -43.93 -32.39
N ASN A 157 -7.23 -44.43 -31.33
CA ASN A 157 -7.73 -43.55 -30.28
C ASN A 157 -7.62 -44.24 -28.93
N GLY A 158 -7.62 -43.43 -27.87
CA GLY A 158 -7.58 -43.96 -26.51
C GLY A 158 -6.27 -44.64 -26.15
N VAL A 159 -5.15 -44.01 -26.51
CA VAL A 159 -3.82 -44.55 -26.21
C VAL A 159 -3.07 -43.53 -25.38
N LEU A 160 -2.51 -43.98 -24.26
CA LEU A 160 -1.65 -43.15 -23.42
C LEU A 160 -0.22 -43.65 -23.53
N ASN A 161 0.70 -42.75 -23.89
CA ASN A 161 2.09 -43.09 -24.12
C ASN A 161 2.98 -42.32 -23.15
N SER A 162 3.98 -43.00 -22.60
CA SER A 162 4.95 -42.39 -21.70
C SER A 162 6.34 -42.93 -22.02
N TRP A 163 7.32 -42.05 -22.00
CA TRP A 163 8.70 -42.39 -22.30
C TRP A 163 9.57 -42.25 -21.07
N THR A 164 10.72 -42.90 -21.11
CA THR A 164 11.73 -42.79 -20.06
C THR A 164 12.95 -42.07 -20.61
N ASP A 165 13.54 -41.20 -19.80
CA ASP A 165 14.74 -40.51 -20.21
C ASP A 165 15.85 -41.52 -20.50
N GLN A 166 16.95 -41.02 -21.05
CA GLN A 166 18.07 -41.88 -21.37
C GLN A 166 18.51 -42.66 -20.15
N ASP A 167 18.69 -43.96 -20.32
CA ASP A 167 19.08 -44.82 -19.20
C ASP A 167 20.53 -44.54 -18.80
N SER A 168 20.76 -44.39 -17.50
CA SER A 168 22.06 -44.00 -16.98
C SER A 168 23.00 -45.19 -16.80
N LYS A 169 22.52 -46.42 -16.85
CA LYS A 169 23.37 -47.60 -16.64
C LYS A 169 23.63 -48.40 -17.90
N ASP A 170 22.66 -48.48 -18.81
CA ASP A 170 22.86 -49.17 -20.07
C ASP A 170 22.48 -48.32 -21.28
N SER A 171 22.03 -47.09 -21.06
CA SER A 171 21.65 -46.18 -22.13
C SER A 171 20.69 -46.85 -23.12
N THR A 172 19.51 -47.18 -22.60
CA THR A 172 18.42 -47.72 -23.39
C THR A 172 17.17 -46.88 -23.16
N TYR A 173 16.04 -47.34 -23.69
CA TYR A 173 14.81 -46.57 -23.65
C TYR A 173 13.64 -47.47 -23.28
N SER A 174 12.60 -46.85 -22.73
CA SER A 174 11.41 -47.55 -22.26
C SER A 174 10.16 -46.84 -22.76
N MET A 175 9.21 -47.63 -23.26
CA MET A 175 7.93 -47.14 -23.75
C MET A 175 6.81 -47.88 -23.04
N SER A 176 5.81 -47.15 -22.56
CA SER A 176 4.61 -47.74 -21.96
C SER A 176 3.39 -47.18 -22.66
N SER A 177 2.60 -48.07 -23.24
CA SER A 177 1.37 -47.70 -23.95
C SER A 177 0.19 -48.30 -23.21
N THR A 178 -0.74 -47.45 -22.79
CA THR A 178 -1.92 -47.87 -22.04
C THR A 178 -3.16 -47.47 -22.82
N LEU A 179 -4.04 -48.44 -23.09
CA LEU A 179 -5.27 -48.21 -23.84
C LEU A 179 -6.44 -48.38 -22.89
N THR A 180 -7.25 -47.33 -22.76
CA THR A 180 -8.43 -47.34 -21.90
C THR A 180 -9.66 -47.35 -22.79
N LEU A 181 -10.52 -48.34 -22.61
CA LEU A 181 -11.72 -48.50 -23.41
C LEU A 181 -12.89 -48.89 -22.52
N THR A 182 -14.08 -48.86 -23.09
CA THR A 182 -15.28 -49.26 -22.38
C THR A 182 -15.24 -50.76 -22.08
N LYS A 183 -15.88 -51.14 -20.98
CA LYS A 183 -15.91 -52.54 -20.60
C LYS A 183 -16.54 -53.39 -21.69
N ASP A 184 -17.54 -52.86 -22.39
CA ASP A 184 -18.17 -53.61 -23.46
C ASP A 184 -17.17 -53.97 -24.55
N GLU A 185 -16.31 -53.02 -24.93
CA GLU A 185 -15.25 -53.33 -25.88
C GLU A 185 -14.35 -54.44 -25.36
N TYR A 186 -14.12 -54.47 -24.05
CA TYR A 186 -13.39 -55.58 -23.44
C TYR A 186 -14.11 -56.90 -23.66
N GLU A 187 -15.43 -56.91 -23.47
CA GLU A 187 -16.17 -58.17 -23.45
C GLU A 187 -16.09 -58.91 -24.78
N ARG A 188 -16.01 -58.18 -25.89
CA ARG A 188 -16.03 -58.79 -27.21
C ARG A 188 -14.65 -59.25 -27.68
N HIS A 189 -13.60 -59.08 -26.87
CA HIS A 189 -12.27 -59.49 -27.27
C HIS A 189 -11.58 -60.19 -26.10
N ASN A 190 -10.84 -61.25 -26.40
CA ASN A 190 -10.11 -62.00 -25.39
C ASN A 190 -8.68 -62.35 -25.77
N SER A 191 -8.25 -62.08 -27.00
CA SER A 191 -6.90 -62.37 -27.45
C SER A 191 -6.14 -61.05 -27.57
N TYR A 192 -4.92 -61.01 -27.04
CA TYR A 192 -4.11 -59.81 -27.03
C TYR A 192 -2.97 -59.94 -28.04
N THR A 193 -2.85 -58.94 -28.91
CA THR A 193 -1.79 -58.87 -29.89
C THR A 193 -1.37 -57.41 -30.04
N CYS A 194 -0.12 -57.11 -29.70
CA CYS A 194 0.40 -55.75 -29.73
C CYS A 194 1.61 -55.70 -30.65
N GLU A 195 1.66 -54.66 -31.49
CA GLU A 195 2.71 -54.50 -32.49
C GLU A 195 3.58 -53.30 -32.17
N ALA A 196 4.88 -53.46 -32.37
CA ALA A 196 5.84 -52.39 -32.14
C ALA A 196 6.98 -52.47 -33.15
N GLU B 1 -31.46 13.84 -0.97
CA GLU B 1 -31.75 12.40 -0.86
C GLU B 1 -30.48 11.61 -0.61
N VAL B 2 -30.63 10.43 -0.03
CA VAL B 2 -29.53 9.54 0.28
C VAL B 2 -29.71 8.27 -0.54
N GLN B 3 -28.62 7.79 -1.13
CA GLN B 3 -28.68 6.57 -1.92
C GLN B 3 -27.32 5.90 -1.91
N LEU B 4 -27.33 4.58 -1.80
CA LEU B 4 -26.13 3.76 -1.94
C LEU B 4 -26.28 2.92 -3.20
N GLN B 5 -25.27 2.97 -4.06
CA GLN B 5 -25.24 2.20 -5.30
C GLN B 5 -24.05 1.27 -5.27
N GLU B 6 -24.26 0.02 -5.62
CA GLU B 6 -23.20 -0.98 -5.61
C GLU B 6 -23.06 -1.62 -6.98
N SER B 7 -21.94 -2.32 -7.16
CA SER B 7 -21.62 -2.92 -8.45
C SER B 7 -22.77 -3.82 -8.91
N GLY B 8 -22.73 -4.17 -10.20
CA GLY B 8 -23.78 -5.06 -10.76
C GLY B 8 -23.45 -6.52 -10.55
N PRO B 9 -24.34 -7.46 -10.91
CA PRO B 9 -24.12 -8.89 -10.68
C PRO B 9 -22.75 -9.36 -11.14
N GLU B 10 -22.14 -10.29 -10.39
CA GLU B 10 -20.75 -10.72 -10.73
C GLU B 10 -20.68 -12.24 -10.97
N LEU B 11 -19.95 -12.65 -12.00
CA LEU B 11 -19.74 -14.07 -12.28
C LEU B 11 -18.31 -14.42 -11.92
N VAL B 12 -18.14 -15.44 -11.08
CA VAL B 12 -16.83 -15.81 -10.57
C VAL B 12 -16.67 -17.32 -10.66
N LYS B 13 -15.41 -17.76 -10.58
CA LYS B 13 -15.11 -19.21 -10.65
C LYS B 13 -14.59 -19.66 -9.29
N PRO B 14 -14.87 -20.90 -8.88
CA PRO B 14 -14.50 -21.37 -7.54
C PRO B 14 -13.01 -21.14 -7.29
N GLY B 15 -12.71 -20.71 -6.06
CA GLY B 15 -11.34 -20.42 -5.69
C GLY B 15 -10.86 -19.03 -6.07
N ALA B 16 -11.68 -18.24 -6.76
CA ALA B 16 -11.27 -16.91 -7.19
C ALA B 16 -11.68 -15.88 -6.13
N SER B 17 -11.56 -14.60 -6.47
CA SER B 17 -11.94 -13.52 -5.58
C SER B 17 -12.69 -12.45 -6.36
N VAL B 18 -13.54 -11.72 -5.65
CA VAL B 18 -14.40 -10.70 -6.25
C VAL B 18 -14.36 -9.45 -5.39
N LYS B 19 -14.37 -8.28 -6.04
CA LYS B 19 -14.35 -7.00 -5.37
C LYS B 19 -15.72 -6.35 -5.49
N MET B 20 -16.42 -6.23 -4.37
CA MET B 20 -17.70 -5.54 -4.34
C MET B 20 -17.48 -4.05 -4.11
N SER B 21 -18.34 -3.24 -4.71
CA SER B 21 -18.24 -1.79 -4.58
C SER B 21 -19.58 -1.22 -4.14
N CYS B 22 -19.54 -0.29 -3.19
CA CYS B 22 -20.73 0.35 -2.66
C CYS B 22 -20.43 1.83 -2.50
N LYS B 23 -20.99 2.66 -3.39
CA LYS B 23 -20.77 4.08 -3.38
C LYS B 23 -22.06 4.80 -2.95
N ALA B 24 -21.91 5.77 -2.05
CA ALA B 24 -23.05 6.45 -1.45
C ALA B 24 -22.97 7.94 -1.69
N SER B 25 -24.12 8.55 -1.94
CA SER B 25 -24.22 9.98 -2.18
C SER B 25 -25.43 10.54 -1.46
N GLY B 26 -25.36 11.82 -1.11
CA GLY B 26 -26.44 12.49 -0.42
C GLY B 26 -26.23 12.69 1.06
N TYR B 27 -25.04 12.35 1.58
CA TYR B 27 -24.76 12.52 3.00
C TYR B 27 -23.26 12.51 3.19
N THR B 28 -22.82 12.92 4.38
CA THR B 28 -21.40 12.92 4.70
C THR B 28 -20.92 11.47 4.82
N PHE B 29 -20.11 11.04 3.86
CA PHE B 29 -19.75 9.63 3.79
C PHE B 29 -19.02 9.17 5.04
N THR B 30 -18.06 9.97 5.52
CA THR B 30 -17.27 9.57 6.67
C THR B 30 -18.00 9.73 7.99
N ASN B 31 -19.30 10.00 7.96
CA ASN B 31 -20.09 10.25 9.16
C ASN B 31 -20.92 9.04 9.58
N TYR B 32 -20.77 7.91 8.89
CA TYR B 32 -21.67 6.79 9.11
C TYR B 32 -20.89 5.48 8.96
N PHE B 33 -21.45 4.43 9.53
CA PHE B 33 -20.89 3.09 9.41
C PHE B 33 -21.46 2.41 8.18
N ILE B 34 -20.63 1.61 7.51
CA ILE B 34 -21.04 0.84 6.35
C ILE B 34 -21.09 -0.63 6.76
N HIS B 35 -22.28 -1.21 6.67
CA HIS B 35 -22.50 -2.59 7.06
C HIS B 35 -22.80 -3.45 5.83
N TRP B 36 -22.33 -4.68 5.86
CA TRP B 36 -22.51 -5.61 4.75
C TRP B 36 -23.38 -6.78 5.22
N VAL B 37 -24.37 -7.12 4.40
CA VAL B 37 -25.31 -8.18 4.71
C VAL B 37 -25.38 -9.12 3.51
N LYS B 38 -25.29 -10.42 3.78
CA LYS B 38 -25.34 -11.43 2.74
C LYS B 38 -26.67 -12.17 2.84
N GLN B 39 -27.42 -12.21 1.76
CA GLN B 39 -28.71 -12.90 1.71
C GLN B 39 -28.61 -14.04 0.71
N LYS B 40 -28.39 -15.24 1.20
CA LYS B 40 -28.43 -16.40 0.33
C LYS B 40 -29.87 -16.69 -0.07
N PRO B 41 -30.11 -17.09 -1.32
CA PRO B 41 -31.50 -17.29 -1.76
C PRO B 41 -32.21 -18.30 -0.88
N GLY B 42 -33.47 -18.03 -0.61
CA GLY B 42 -34.24 -18.87 0.32
C GLY B 42 -33.92 -18.62 1.78
N GLN B 43 -32.64 -18.54 2.13
CA GLN B 43 -32.25 -18.29 3.50
C GLN B 43 -32.50 -16.83 3.87
N GLY B 44 -32.47 -16.55 5.16
CA GLY B 44 -32.59 -15.21 5.65
C GLY B 44 -31.27 -14.45 5.52
N LEU B 45 -31.31 -13.19 5.93
CA LEU B 45 -30.13 -12.35 5.84
C LEU B 45 -29.09 -12.81 6.87
N GLU B 46 -27.88 -12.28 6.73
CA GLU B 46 -26.80 -12.67 7.63
C GLU B 46 -25.79 -11.53 7.68
N TRP B 47 -25.67 -10.89 8.84
CA TRP B 47 -24.73 -9.79 8.99
C TRP B 47 -23.31 -10.27 8.77
N ILE B 48 -22.55 -9.49 8.01
CA ILE B 48 -21.17 -9.85 7.68
C ILE B 48 -20.20 -9.06 8.55
N GLY B 49 -20.20 -7.75 8.39
CA GLY B 49 -19.33 -6.89 9.16
C GLY B 49 -19.52 -5.46 8.75
N TYR B 50 -18.80 -4.56 9.42
CA TYR B 50 -18.93 -3.14 9.15
C TYR B 50 -17.55 -2.51 9.09
N ILE B 51 -17.48 -1.37 8.41
CA ILE B 51 -16.27 -0.58 8.27
C ILE B 51 -16.59 0.86 8.63
N ASN B 52 -15.75 1.46 9.47
CA ASN B 52 -15.92 2.88 9.80
C ASN B 52 -15.12 3.70 8.82
N PRO B 53 -15.76 4.46 7.94
CA PRO B 53 -14.99 5.23 6.95
C PRO B 53 -14.49 6.55 7.51
N TYR B 54 -14.06 6.52 8.77
CA TYR B 54 -13.44 7.69 9.40
C TYR B 54 -12.04 7.34 9.86
N ASN B 55 -11.91 6.21 10.54
CA ASN B 55 -10.62 5.67 10.95
C ASN B 55 -10.34 4.31 10.34
N ASP B 56 -11.25 3.79 9.53
CA ASP B 56 -11.04 2.52 8.82
C ASP B 56 -10.78 1.38 9.80
N ILE B 57 -11.63 1.29 10.82
CA ILE B 57 -11.66 0.11 11.69
C ILE B 57 -12.84 -0.74 11.27
N THR B 58 -12.76 -2.03 11.59
CA THR B 58 -13.74 -2.98 11.12
C THR B 58 -14.08 -3.97 12.23
N LYS B 59 -15.23 -4.61 12.07
CA LYS B 59 -15.65 -5.72 12.93
C LYS B 59 -16.39 -6.72 12.06
N PHE B 60 -16.05 -8.00 12.20
CA PHE B 60 -16.57 -9.05 11.34
C PHE B 60 -17.30 -10.11 12.17
N ASN B 61 -18.40 -10.60 11.62
CA ASN B 61 -19.02 -11.78 12.16
C ASN B 61 -18.02 -12.93 12.12
N GLU B 62 -17.95 -13.69 13.22
CA GLU B 62 -16.94 -14.74 13.30
C GLU B 62 -17.06 -15.71 12.13
N LYS B 63 -18.27 -15.90 11.61
CA LYS B 63 -18.46 -16.81 10.48
C LYS B 63 -17.69 -16.32 9.26
N PHE B 64 -17.72 -15.01 8.99
CA PHE B 64 -17.11 -14.46 7.80
C PHE B 64 -15.72 -13.91 8.06
N LYS B 65 -15.18 -14.10 9.25
CA LYS B 65 -13.81 -13.68 9.52
C LYS B 65 -12.86 -14.39 8.57
N GLY B 66 -11.96 -13.62 7.96
CA GLY B 66 -11.02 -14.16 7.01
C GLY B 66 -11.58 -14.34 5.61
N LYS B 67 -12.87 -14.68 5.49
CA LYS B 67 -13.48 -14.84 4.18
C LYS B 67 -13.77 -13.50 3.53
N ALA B 68 -13.89 -12.43 4.31
CA ALA B 68 -14.23 -11.12 3.78
C ALA B 68 -13.19 -10.08 4.22
N THR B 69 -13.07 -9.02 3.42
CA THR B 69 -12.15 -7.93 3.71
C THR B 69 -12.81 -6.63 3.30
N LEU B 70 -12.94 -5.70 4.25
CA LEU B 70 -13.63 -4.45 4.03
C LEU B 70 -12.63 -3.31 3.87
N THR B 71 -12.86 -2.47 2.87
CA THR B 71 -12.03 -1.29 2.64
C THR B 71 -12.94 -0.15 2.19
N SER B 72 -12.40 1.07 2.29
CA SER B 72 -13.15 2.25 1.90
C SER B 72 -12.19 3.32 1.41
N ASP B 73 -12.72 4.26 0.64
CA ASP B 73 -11.95 5.39 0.14
C ASP B 73 -12.79 6.64 0.28
N LYS B 74 -12.35 7.58 1.13
CA LYS B 74 -13.14 8.77 1.39
C LYS B 74 -13.29 9.63 0.14
N SER B 75 -12.20 9.81 -0.61
CA SER B 75 -12.26 10.71 -1.76
C SER B 75 -13.29 10.23 -2.79
N SER B 76 -13.30 8.93 -3.08
CA SER B 76 -14.31 8.38 -3.97
C SER B 76 -15.62 8.11 -3.26
N ARG B 77 -15.65 8.22 -1.93
CA ARG B 77 -16.87 8.00 -1.14
C ARG B 77 -17.48 6.63 -1.47
N THR B 78 -16.64 5.61 -1.56
CA THR B 78 -17.07 4.26 -1.89
C THR B 78 -16.41 3.28 -0.93
N ALA B 79 -17.09 2.14 -0.73
CA ALA B 79 -16.60 1.08 0.12
C ALA B 79 -16.60 -0.23 -0.65
N TYR B 80 -15.60 -1.07 -0.39
CA TYR B 80 -15.42 -2.31 -1.12
C TYR B 80 -15.34 -3.49 -0.15
N MET B 81 -15.83 -4.64 -0.60
CA MET B 81 -15.74 -5.88 0.15
C MET B 81 -15.01 -6.92 -0.70
N GLU B 82 -14.02 -7.57 -0.09
CA GLU B 82 -13.20 -8.59 -0.77
C GLU B 82 -13.62 -9.96 -0.26
N LEU B 83 -14.14 -10.77 -1.16
CA LEU B 83 -14.47 -12.16 -0.87
C LEU B 83 -13.39 -13.05 -1.47
N SER B 84 -12.72 -13.83 -0.63
CA SER B 84 -11.58 -14.63 -1.04
C SER B 84 -11.95 -16.10 -1.06
N SER B 85 -11.33 -16.84 -1.98
CA SER B 85 -11.52 -18.27 -2.12
C SER B 85 -13.01 -18.62 -2.18
N LEU B 86 -13.70 -17.99 -3.13
CA LEU B 86 -15.14 -18.20 -3.27
C LEU B 86 -15.43 -19.69 -3.51
N THR B 87 -16.48 -20.17 -2.88
CA THR B 87 -16.95 -21.54 -3.04
C THR B 87 -18.39 -21.51 -3.53
N SER B 88 -19.03 -22.68 -3.55
CA SER B 88 -20.41 -22.76 -3.97
C SER B 88 -21.36 -22.10 -2.99
N GLU B 89 -20.95 -21.92 -1.73
CA GLU B 89 -21.81 -21.34 -0.70
C GLU B 89 -21.71 -19.82 -0.65
N ASP B 90 -20.82 -19.21 -1.42
CA ASP B 90 -20.65 -17.77 -1.42
C ASP B 90 -21.42 -17.08 -2.53
N SER B 91 -22.32 -17.79 -3.21
CA SER B 91 -23.15 -17.21 -4.26
C SER B 91 -24.45 -16.75 -3.63
N ALA B 92 -24.61 -15.45 -3.44
CA ALA B 92 -25.81 -14.87 -2.87
C ALA B 92 -25.78 -13.37 -3.09
N VAL B 93 -26.91 -12.74 -2.81
CA VAL B 93 -27.02 -11.29 -2.95
C VAL B 93 -26.36 -10.61 -1.75
N TYR B 94 -25.61 -9.55 -2.00
CA TYR B 94 -24.90 -8.84 -0.96
C TYR B 94 -25.40 -7.40 -0.90
N TYR B 95 -25.74 -6.95 0.29
CA TYR B 95 -26.22 -5.59 0.51
C TYR B 95 -25.19 -4.79 1.29
N CYS B 96 -25.22 -3.47 1.09
CA CYS B 96 -24.48 -2.54 1.92
C CYS B 96 -25.46 -1.52 2.47
N ALA B 97 -25.38 -1.28 3.77
CA ALA B 97 -26.23 -0.31 4.43
C ALA B 97 -25.40 0.54 5.36
N ARG B 98 -25.82 1.78 5.55
CA ARG B 98 -25.16 2.67 6.49
C ARG B 98 -25.86 2.62 7.84
N CYS B 99 -25.14 3.03 8.88
CA CYS B 99 -25.68 3.02 10.23
C CYS B 99 -25.01 4.13 11.02
N ASP B 100 -25.81 5.00 11.62
CA ASP B 100 -25.28 6.11 12.42
C ASP B 100 -24.70 5.57 13.71
N GLY B 101 -23.37 5.61 13.84
CA GLY B 101 -22.73 5.07 15.02
C GLY B 101 -22.94 5.89 16.27
N TYR B 102 -23.33 7.15 16.14
CA TYR B 102 -23.44 8.06 17.26
C TYR B 102 -24.89 8.44 17.55
N TYR B 103 -25.81 7.50 17.42
CA TYR B 103 -27.21 7.71 17.77
C TYR B 103 -27.66 6.58 18.67
N ARG B 104 -28.34 6.93 19.76
CA ARG B 104 -28.65 5.92 20.77
C ARG B 104 -29.56 4.82 20.24
N TYR B 105 -30.31 5.10 19.18
CA TYR B 105 -31.23 4.13 18.59
C TYR B 105 -30.89 3.87 17.14
N TYR B 106 -29.60 3.73 16.84
CA TYR B 106 -29.19 3.59 15.46
C TYR B 106 -29.72 2.30 14.88
N ALA B 107 -29.83 2.27 13.55
CA ALA B 107 -30.16 1.09 12.78
C ALA B 107 -29.44 1.21 11.44
N MET B 108 -29.88 0.43 10.45
CA MET B 108 -29.32 0.58 9.11
C MET B 108 -30.03 1.70 8.35
N ASP B 109 -31.31 1.51 8.06
CA ASP B 109 -32.26 2.50 7.54
C ASP B 109 -31.95 2.96 6.11
N TYR B 110 -30.83 2.53 5.54
CA TYR B 110 -30.50 2.88 4.16
C TYR B 110 -29.64 1.77 3.58
N TRP B 111 -30.19 1.02 2.64
CA TRP B 111 -29.57 -0.16 2.09
C TRP B 111 -29.24 0.07 0.61
N GLY B 112 -28.41 -0.82 0.08
CA GLY B 112 -28.12 -0.85 -1.34
C GLY B 112 -29.23 -1.55 -2.10
N GLN B 113 -28.90 -1.99 -3.30
CA GLN B 113 -29.85 -2.67 -4.16
C GLN B 113 -29.61 -4.16 -4.32
N GLY B 114 -28.42 -4.64 -3.98
CA GLY B 114 -28.12 -6.06 -4.06
C GLY B 114 -27.25 -6.42 -5.26
N THR B 115 -26.12 -7.07 -5.00
CA THR B 115 -25.13 -7.39 -6.03
C THR B 115 -24.92 -8.91 -6.06
N SER B 116 -25.70 -9.59 -6.88
CA SER B 116 -25.60 -11.04 -6.98
C SER B 116 -24.20 -11.45 -7.40
N VAL B 117 -23.63 -12.43 -6.69
CA VAL B 117 -22.36 -13.04 -7.09
C VAL B 117 -22.61 -14.53 -7.26
N THR B 118 -22.18 -15.07 -8.39
CA THR B 118 -22.36 -16.48 -8.71
C THR B 118 -20.99 -17.13 -8.80
N VAL B 119 -20.79 -18.20 -8.04
CA VAL B 119 -19.55 -18.96 -8.06
C VAL B 119 -19.83 -20.27 -8.77
N SER B 120 -19.53 -20.32 -10.06
CA SER B 120 -19.71 -21.51 -10.87
C SER B 120 -18.46 -21.74 -11.70
N SER B 121 -18.48 -22.80 -12.50
CA SER B 121 -17.34 -23.18 -13.31
C SER B 121 -17.61 -23.15 -14.81
N ALA B 122 -18.84 -23.40 -15.24
CA ALA B 122 -19.11 -23.46 -16.67
C ALA B 122 -18.96 -22.08 -17.30
N LYS B 123 -18.89 -22.08 -18.63
CA LYS B 123 -18.71 -20.86 -19.41
C LYS B 123 -20.02 -20.49 -20.10
N THR B 124 -19.98 -19.41 -20.88
CA THR B 124 -21.17 -18.95 -21.58
C THR B 124 -21.70 -20.02 -22.51
N THR B 125 -23.01 -20.08 -22.65
CA THR B 125 -23.66 -21.06 -23.50
C THR B 125 -24.85 -20.42 -24.20
N ALA B 126 -25.22 -20.99 -25.33
CA ALA B 126 -26.35 -20.51 -26.12
C ALA B 126 -27.61 -21.25 -25.73
N PRO B 127 -28.68 -20.55 -25.36
CA PRO B 127 -29.93 -21.23 -25.01
C PRO B 127 -30.50 -22.00 -26.20
N SER B 128 -31.17 -23.10 -25.90
CA SER B 128 -31.80 -23.94 -26.92
C SER B 128 -33.28 -24.09 -26.59
N VAL B 129 -34.13 -23.76 -27.57
CA VAL B 129 -35.58 -23.75 -27.39
C VAL B 129 -36.15 -25.07 -27.86
N TYR B 130 -37.00 -25.67 -27.03
CA TYR B 130 -37.57 -27.00 -27.30
C TYR B 130 -39.09 -26.90 -27.24
N PRO B 131 -39.73 -26.51 -28.34
CA PRO B 131 -41.19 -26.34 -28.33
C PRO B 131 -41.89 -27.61 -27.91
N LEU B 132 -42.97 -27.46 -27.16
CA LEU B 132 -43.71 -28.57 -26.59
C LEU B 132 -45.17 -28.49 -27.02
N ALA B 133 -45.70 -29.60 -27.52
CA ALA B 133 -47.07 -29.69 -27.99
C ALA B 133 -47.75 -30.92 -27.39
N PRO B 134 -49.07 -30.88 -27.24
CA PRO B 134 -49.86 -31.97 -26.65
C PRO B 134 -49.65 -33.31 -27.37
N VAL B 144 -56.02 -25.33 -23.48
CA VAL B 144 -54.72 -25.95 -23.75
C VAL B 144 -53.60 -24.99 -23.41
N THR B 145 -52.36 -25.44 -23.55
CA THR B 145 -51.20 -24.64 -23.22
C THR B 145 -50.02 -25.03 -24.12
N LEU B 146 -49.02 -24.16 -24.15
CA LEU B 146 -47.83 -24.38 -24.96
C LEU B 146 -46.63 -23.74 -24.29
N GLY B 147 -45.53 -24.48 -24.25
CA GLY B 147 -44.29 -23.97 -23.66
C GLY B 147 -43.10 -24.55 -24.37
N CYS B 148 -41.99 -23.82 -24.33
CA CYS B 148 -40.80 -24.21 -25.08
C CYS B 148 -39.65 -24.73 -24.23
N LEU B 149 -39.66 -24.50 -22.92
CA LEU B 149 -38.69 -25.11 -22.02
C LEU B 149 -37.25 -24.83 -22.49
N VAL B 150 -36.90 -23.54 -22.44
CA VAL B 150 -35.53 -23.13 -22.77
C VAL B 150 -34.56 -24.00 -21.97
N LYS B 151 -33.50 -24.45 -22.64
CA LYS B 151 -32.52 -25.32 -22.01
C LYS B 151 -31.37 -24.52 -21.41
N GLY B 152 -30.27 -25.20 -21.11
CA GLY B 152 -29.22 -24.59 -20.32
C GLY B 152 -28.58 -23.38 -20.99
N TYR B 153 -28.08 -22.47 -20.16
CA TYR B 153 -27.34 -21.30 -20.58
C TYR B 153 -26.69 -20.72 -19.34
N PHE B 154 -25.40 -20.40 -19.42
CA PHE B 154 -24.72 -19.89 -18.22
C PHE B 154 -25.24 -18.53 -17.81
N PRO B 155 -25.18 -17.49 -18.64
CA PRO B 155 -25.63 -16.17 -18.20
C PRO B 155 -27.10 -16.19 -17.84
N GLU B 156 -27.41 -15.82 -16.60
CA GLU B 156 -28.77 -15.91 -16.10
C GLU B 156 -29.77 -15.08 -16.90
N PRO B 157 -29.50 -13.83 -17.27
CA PRO B 157 -30.57 -12.99 -17.84
C PRO B 157 -30.88 -13.34 -19.30
N VAL B 158 -31.51 -14.50 -19.49
CA VAL B 158 -31.96 -14.88 -20.82
C VAL B 158 -33.04 -13.91 -21.32
N THR B 159 -33.98 -13.55 -20.44
CA THR B 159 -35.06 -12.64 -20.77
C THR B 159 -35.90 -13.20 -21.93
N LEU B 160 -36.47 -14.39 -21.69
CA LEU B 160 -37.38 -14.97 -22.65
C LEU B 160 -38.57 -14.06 -22.87
N THR B 161 -39.03 -13.98 -24.12
CA THR B 161 -40.12 -13.10 -24.48
C THR B 161 -41.08 -13.83 -25.41
N TRP B 162 -42.26 -13.26 -25.58
CA TRP B 162 -43.25 -13.77 -26.50
C TRP B 162 -43.79 -12.61 -27.33
N ASN B 163 -43.98 -12.85 -28.63
CA ASN B 163 -44.50 -11.81 -29.49
C ASN B 163 -45.86 -11.32 -28.98
N SER B 164 -46.21 -10.11 -29.37
CA SER B 164 -47.41 -9.47 -28.85
C SER B 164 -48.63 -10.35 -29.10
N GLY B 165 -49.49 -10.44 -28.09
CA GLY B 165 -50.69 -11.25 -28.18
C GLY B 165 -50.70 -12.40 -27.20
N SER B 166 -49.55 -13.06 -27.06
CA SER B 166 -49.45 -14.15 -26.10
C SER B 166 -49.52 -13.65 -24.67
N LEU B 167 -48.98 -12.46 -24.40
CA LEU B 167 -48.93 -11.91 -23.05
C LEU B 167 -50.31 -11.64 -22.47
N SER B 168 -51.38 -11.87 -23.22
CA SER B 168 -52.72 -11.56 -22.72
C SER B 168 -53.04 -12.34 -21.46
N SER B 169 -52.72 -13.63 -21.45
CA SER B 169 -53.01 -14.48 -20.30
C SER B 169 -52.14 -15.72 -20.37
N GLY B 170 -52.05 -16.41 -19.24
CA GLY B 170 -51.29 -17.66 -19.19
C GLY B 170 -49.85 -17.48 -19.62
N VAL B 171 -49.20 -16.41 -19.18
CA VAL B 171 -47.83 -16.13 -19.56
C VAL B 171 -46.85 -16.49 -18.44
N HIS B 172 -47.24 -17.37 -17.53
CA HIS B 172 -46.38 -17.76 -16.42
C HIS B 172 -44.99 -18.14 -16.91
N THR B 173 -44.00 -17.39 -16.46
CA THR B 173 -42.59 -17.64 -16.80
C THR B 173 -41.87 -18.05 -15.52
N PHE B 174 -41.74 -19.36 -15.31
CA PHE B 174 -41.13 -19.86 -14.10
C PHE B 174 -39.67 -19.39 -14.03
N PRO B 175 -39.17 -19.11 -12.83
CA PRO B 175 -37.79 -18.62 -12.71
C PRO B 175 -36.79 -19.67 -13.17
N ALA B 176 -35.67 -19.20 -13.70
CA ALA B 176 -34.61 -20.09 -14.13
C ALA B 176 -34.01 -20.83 -12.94
N VAL B 177 -33.71 -22.11 -13.13
CA VAL B 177 -33.14 -22.93 -12.08
C VAL B 177 -31.69 -23.22 -12.42
N LEU B 178 -30.89 -23.47 -11.37
CA LEU B 178 -29.46 -23.73 -11.58
C LEU B 178 -29.25 -25.02 -12.36
N GLN B 179 -29.84 -26.12 -11.89
CA GLN B 179 -29.84 -27.39 -12.61
C GLN B 179 -28.42 -27.81 -13.01
N SER B 180 -27.65 -28.13 -11.98
CA SER B 180 -26.29 -28.64 -12.14
C SER B 180 -25.49 -27.75 -13.09
N ASP B 181 -25.41 -26.46 -12.73
CA ASP B 181 -24.77 -25.44 -13.54
C ASP B 181 -25.28 -25.60 -14.97
N LEU B 182 -26.60 -25.52 -15.09
CA LEU B 182 -27.27 -25.58 -16.39
C LEU B 182 -28.63 -24.89 -16.21
N TYR B 183 -28.70 -23.62 -16.57
CA TYR B 183 -29.91 -22.85 -16.31
C TYR B 183 -31.05 -23.32 -17.20
N THR B 184 -32.21 -23.54 -16.58
CA THR B 184 -33.39 -24.01 -17.30
C THR B 184 -34.55 -23.09 -16.97
N LEU B 185 -34.99 -22.30 -17.95
CA LEU B 185 -36.13 -21.41 -17.79
C LEU B 185 -37.28 -21.95 -18.63
N SER B 186 -38.40 -22.25 -17.98
CA SER B 186 -39.56 -22.80 -18.66
C SER B 186 -40.66 -21.75 -18.71
N SER B 187 -41.35 -21.68 -19.84
CA SER B 187 -42.48 -20.78 -20.00
C SER B 187 -43.67 -21.56 -20.57
N SER B 188 -44.86 -21.02 -20.33
CA SER B 188 -46.08 -21.65 -20.82
C SER B 188 -47.08 -20.57 -21.20
N VAL B 189 -47.97 -20.91 -22.13
CA VAL B 189 -49.04 -20.01 -22.55
C VAL B 189 -50.32 -20.82 -22.60
N THR B 190 -51.45 -20.11 -22.53
CA THR B 190 -52.76 -20.73 -22.48
C THR B 190 -53.65 -20.14 -23.56
N VAL B 191 -54.58 -20.97 -24.05
CA VAL B 191 -55.53 -20.54 -25.07
C VAL B 191 -56.80 -21.37 -24.98
N PRO B 197 -56.75 -20.99 -31.22
CA PRO B 197 -56.83 -22.40 -30.83
C PRO B 197 -55.55 -23.16 -31.13
N SER B 198 -55.60 -24.07 -32.11
CA SER B 198 -54.42 -24.84 -32.46
C SER B 198 -53.29 -23.93 -32.93
N GLN B 199 -53.61 -22.94 -33.75
CA GLN B 199 -52.61 -21.98 -34.20
C GLN B 199 -52.02 -21.26 -33.00
N SER B 200 -50.69 -21.13 -32.98
CA SER B 200 -50.01 -20.53 -31.85
C SER B 200 -48.86 -19.63 -32.29
N ILE B 201 -48.06 -19.17 -31.33
CA ILE B 201 -46.91 -18.32 -31.57
C ILE B 201 -45.66 -19.02 -31.04
N THR B 202 -44.53 -18.36 -31.16
CA THR B 202 -43.24 -18.90 -30.76
C THR B 202 -42.57 -17.99 -29.75
N CYS B 203 -41.94 -18.59 -28.74
CA CYS B 203 -41.23 -17.81 -27.74
C CYS B 203 -39.94 -17.28 -28.34
N ASN B 204 -39.69 -15.99 -28.14
CA ASN B 204 -38.54 -15.30 -28.73
C ASN B 204 -37.45 -15.18 -27.68
N VAL B 205 -36.65 -16.24 -27.55
CA VAL B 205 -35.53 -16.22 -26.62
C VAL B 205 -34.52 -15.20 -27.09
N ALA B 206 -34.07 -14.33 -26.18
CA ALA B 206 -33.21 -13.21 -26.52
C ALA B 206 -31.99 -13.18 -25.60
N HIS B 207 -31.34 -14.33 -25.46
CA HIS B 207 -30.14 -14.41 -24.63
C HIS B 207 -29.13 -13.36 -25.08
N PRO B 208 -28.93 -12.30 -24.31
CA PRO B 208 -28.06 -11.21 -24.76
C PRO B 208 -26.58 -11.53 -24.64
N ALA B 209 -26.22 -12.35 -23.65
CA ALA B 209 -24.83 -12.68 -23.44
C ALA B 209 -24.22 -13.36 -24.66
N SER B 210 -24.94 -14.33 -25.24
CA SER B 210 -24.54 -14.96 -26.48
C SER B 210 -25.18 -14.33 -27.70
N SER B 211 -26.06 -13.35 -27.50
CA SER B 211 -26.71 -12.63 -28.61
C SER B 211 -27.37 -13.60 -29.58
N THR B 212 -28.02 -14.61 -29.05
CA THR B 212 -28.68 -15.64 -29.85
C THR B 212 -30.18 -15.42 -29.76
N LYS B 213 -30.71 -14.59 -30.67
CA LYS B 213 -32.13 -14.24 -30.68
C LYS B 213 -32.94 -15.33 -31.38
N VAL B 214 -32.79 -16.54 -30.87
CA VAL B 214 -33.45 -17.70 -31.46
C VAL B 214 -34.95 -17.56 -31.27
N ASP B 215 -35.72 -18.02 -32.27
CA ASP B 215 -37.17 -18.00 -32.21
C ASP B 215 -37.75 -19.41 -32.14
N LYS B 216 -37.44 -20.26 -33.10
CA LYS B 216 -37.83 -21.68 -33.08
C LYS B 216 -39.34 -21.80 -32.85
N LYS B 217 -40.08 -21.36 -33.86
CA LYS B 217 -41.53 -21.36 -33.79
C LYS B 217 -42.05 -22.76 -33.52
N ILE B 218 -43.09 -22.84 -32.67
CA ILE B 218 -43.74 -24.10 -32.33
C ILE B 218 -44.99 -24.24 -33.18
N GLU B 219 -45.17 -25.41 -33.78
CA GLU B 219 -46.31 -25.71 -34.63
C GLU B 219 -47.28 -26.65 -33.93
N PRO B 220 -48.55 -26.65 -34.33
CA PRO B 220 -49.55 -27.54 -33.71
C PRO B 220 -49.53 -28.94 -34.30
N ARG B 221 -48.54 -29.74 -33.86
CA ARG B 221 -48.41 -31.11 -34.33
C ARG B 221 -49.52 -31.99 -33.77
N GLU C 1 28.99 -17.54 -0.71
CA GLU C 1 28.25 -18.23 -1.76
C GLU C 1 26.99 -17.46 -2.14
N VAL C 2 26.53 -17.67 -3.37
CA VAL C 2 25.33 -17.03 -3.88
C VAL C 2 24.30 -18.11 -4.15
N GLN C 3 23.08 -17.90 -3.66
CA GLN C 3 22.02 -18.87 -3.86
C GLN C 3 20.69 -18.14 -3.93
N LEU C 4 19.85 -18.57 -4.87
CA LEU C 4 18.47 -18.11 -4.95
C LEU C 4 17.57 -19.30 -4.69
N GLN C 5 16.68 -19.16 -3.70
CA GLN C 5 15.71 -20.19 -3.35
C GLN C 5 14.32 -19.62 -3.55
N GLU C 6 13.45 -20.40 -4.19
CA GLU C 6 12.09 -19.96 -4.47
C GLU C 6 11.09 -20.92 -3.86
N SER C 7 9.82 -20.50 -3.87
CA SER C 7 8.77 -21.28 -3.26
C SER C 7 8.73 -22.70 -3.85
N GLY C 8 8.03 -23.58 -3.15
CA GLY C 8 7.90 -24.95 -3.58
C GLY C 8 6.83 -25.13 -4.63
N PRO C 9 6.56 -26.37 -5.01
CA PRO C 9 5.55 -26.63 -6.03
C PRO C 9 4.20 -26.11 -5.59
N GLU C 10 3.41 -25.65 -6.56
CA GLU C 10 2.11 -25.04 -6.30
C GLU C 10 1.03 -25.75 -7.08
N LEU C 11 -0.17 -25.79 -6.48
CA LEU C 11 -1.37 -26.31 -7.13
C LEU C 11 -2.43 -25.22 -7.11
N VAL C 12 -2.99 -24.93 -8.28
CA VAL C 12 -3.98 -23.87 -8.43
C VAL C 12 -5.10 -24.36 -9.34
N LYS C 13 -6.23 -23.64 -9.29
CA LYS C 13 -7.40 -23.89 -10.10
C LYS C 13 -7.53 -22.82 -11.17
N PRO C 14 -8.15 -23.16 -12.31
CA PRO C 14 -8.24 -22.18 -13.40
C PRO C 14 -8.93 -20.91 -12.95
N GLY C 15 -8.40 -19.78 -13.42
CA GLY C 15 -8.94 -18.48 -13.08
C GLY C 15 -8.45 -17.90 -11.78
N ALA C 16 -7.62 -18.62 -11.02
CA ALA C 16 -7.11 -18.14 -9.75
C ALA C 16 -5.78 -17.42 -9.97
N SER C 17 -5.11 -17.06 -8.88
CA SER C 17 -3.83 -16.37 -8.93
C SER C 17 -2.87 -16.99 -7.93
N VAL C 18 -1.58 -16.88 -8.21
CA VAL C 18 -0.53 -17.49 -7.40
C VAL C 18 0.59 -16.48 -7.18
N LYS C 19 1.20 -16.55 -6.00
CA LYS C 19 2.33 -15.70 -5.63
C LYS C 19 3.59 -16.55 -5.62
N MET C 20 4.53 -16.22 -6.51
CA MET C 20 5.83 -16.86 -6.51
C MET C 20 6.81 -16.06 -5.66
N SER C 21 7.68 -16.78 -4.97
CA SER C 21 8.67 -16.15 -4.11
C SER C 21 10.06 -16.63 -4.47
N CYS C 22 11.00 -15.70 -4.53
CA CYS C 22 12.39 -16.00 -4.88
C CYS C 22 13.29 -15.17 -3.96
N LYS C 23 13.93 -15.83 -3.01
CA LYS C 23 14.78 -15.17 -2.04
C LYS C 23 16.24 -15.57 -2.29
N ALA C 24 17.12 -14.58 -2.25
CA ALA C 24 18.52 -14.76 -2.60
C ALA C 24 19.42 -14.30 -1.46
N SER C 25 20.48 -15.08 -1.21
CA SER C 25 21.43 -14.76 -0.17
C SER C 25 22.84 -14.98 -0.70
N GLY C 26 23.79 -14.23 -0.14
CA GLY C 26 25.17 -14.30 -0.55
C GLY C 26 25.67 -13.16 -1.40
N TYR C 27 24.87 -12.11 -1.60
CA TYR C 27 25.28 -10.96 -2.37
C TYR C 27 24.35 -9.80 -2.03
N THR C 28 24.77 -8.60 -2.44
CA THR C 28 23.95 -7.42 -2.21
C THR C 28 22.69 -7.52 -3.06
N PHE C 29 21.56 -7.71 -2.41
CA PHE C 29 20.32 -7.98 -3.14
C PHE C 29 19.96 -6.83 -4.07
N THR C 30 20.07 -5.60 -3.60
CA THR C 30 19.70 -4.43 -4.39
C THR C 30 20.74 -4.06 -5.42
N ASN C 31 21.72 -4.91 -5.66
CA ASN C 31 22.81 -4.62 -6.59
C ASN C 31 22.66 -5.36 -7.92
N TYR C 32 21.57 -6.08 -8.12
CA TYR C 32 21.44 -6.95 -9.27
C TYR C 32 20.00 -6.94 -9.76
N PHE C 33 19.83 -7.33 -11.02
CA PHE C 33 18.51 -7.48 -11.61
C PHE C 33 17.99 -8.88 -11.38
N ILE C 34 16.69 -9.00 -11.15
CA ILE C 34 16.03 -10.28 -10.95
C ILE C 34 15.18 -10.56 -12.17
N HIS C 35 15.49 -11.65 -12.87
CA HIS C 35 14.80 -12.02 -14.09
C HIS C 35 13.98 -13.28 -13.87
N TRP C 36 12.85 -13.37 -14.54
CA TRP C 36 11.95 -14.51 -14.44
C TRP C 36 11.85 -15.21 -15.79
N VAL C 37 11.97 -16.53 -15.77
CA VAL C 37 11.93 -17.35 -16.96
C VAL C 37 10.93 -18.47 -16.75
N LYS C 38 10.06 -18.69 -17.72
CA LYS C 38 9.04 -19.74 -17.65
C LYS C 38 9.40 -20.83 -18.65
N GLN C 39 9.50 -22.06 -18.17
CA GLN C 39 9.81 -23.21 -19.02
C GLN C 39 8.63 -24.17 -18.98
N LYS C 40 7.84 -24.18 -20.05
CA LYS C 40 6.79 -25.17 -20.17
C LYS C 40 7.39 -26.53 -20.49
N PRO C 41 6.85 -27.62 -19.95
CA PRO C 41 7.45 -28.92 -20.15
C PRO C 41 7.56 -29.26 -21.64
N GLY C 42 8.66 -29.90 -22.00
CA GLY C 42 8.91 -30.23 -23.40
C GLY C 42 9.43 -29.08 -24.22
N GLN C 43 8.89 -27.89 -24.02
CA GLN C 43 9.31 -26.72 -24.77
C GLN C 43 10.53 -26.08 -24.11
N GLY C 44 11.15 -25.15 -24.83
CA GLY C 44 12.27 -24.42 -24.30
C GLY C 44 11.85 -23.27 -23.41
N LEU C 45 12.84 -22.69 -22.74
CA LEU C 45 12.58 -21.57 -21.86
C LEU C 45 12.00 -20.40 -22.65
N GLU C 46 11.60 -19.36 -21.92
CA GLU C 46 11.16 -18.14 -22.60
C GLU C 46 11.04 -17.03 -21.58
N TRP C 47 11.69 -15.91 -21.86
CA TRP C 47 11.84 -14.83 -20.89
C TRP C 47 10.49 -14.22 -20.53
N ILE C 48 10.36 -13.80 -19.28
CA ILE C 48 9.13 -13.19 -18.79
C ILE C 48 9.31 -11.70 -18.53
N GLY C 49 10.20 -11.35 -17.61
CA GLY C 49 10.44 -9.95 -17.29
C GLY C 49 11.43 -9.87 -16.15
N TYR C 50 11.81 -8.64 -15.81
CA TYR C 50 12.79 -8.43 -14.75
C TYR C 50 12.34 -7.29 -13.85
N ILE C 51 12.89 -7.27 -12.65
CA ILE C 51 12.62 -6.26 -11.65
C ILE C 51 13.95 -5.77 -11.11
N ASN C 52 14.11 -4.44 -11.02
CA ASN C 52 15.30 -3.86 -10.41
C ASN C 52 15.03 -3.66 -8.92
N PRO C 53 15.67 -4.39 -8.03
CA PRO C 53 15.38 -4.22 -6.61
C PRO C 53 16.14 -3.06 -6.00
N TYR C 54 16.25 -1.97 -6.76
CA TYR C 54 16.87 -0.75 -6.25
C TYR C 54 15.87 0.40 -6.33
N ASN C 55 15.23 0.54 -7.49
CA ASN C 55 14.17 1.52 -7.68
C ASN C 55 12.84 0.88 -8.04
N ASP C 56 12.79 -0.45 -8.15
CA ASP C 56 11.56 -1.17 -8.43
C ASP C 56 10.97 -0.76 -9.77
N ILE C 57 11.80 -0.80 -10.81
CA ILE C 57 11.34 -0.64 -12.18
C ILE C 57 11.35 -2.02 -12.83
N THR C 58 10.46 -2.20 -13.80
CA THR C 58 10.25 -3.51 -14.40
C THR C 58 10.16 -3.38 -15.90
N LYS C 59 10.41 -4.50 -16.58
CA LYS C 59 10.21 -4.62 -18.01
C LYS C 59 9.69 -6.03 -18.28
N PHE C 60 8.66 -6.13 -19.12
CA PHE C 60 7.98 -7.40 -19.36
C PHE C 60 8.01 -7.77 -20.83
N ASN C 61 8.16 -9.07 -21.09
CA ASN C 61 7.93 -9.57 -22.43
C ASN C 61 6.50 -9.26 -22.85
N GLU C 62 6.34 -8.84 -24.10
CA GLU C 62 5.04 -8.44 -24.59
C GLU C 62 4.00 -9.54 -24.36
N LYS C 63 4.42 -10.80 -24.46
CA LYS C 63 3.49 -11.91 -24.28
C LYS C 63 2.92 -11.95 -22.87
N PHE C 64 3.74 -11.67 -21.87
CA PHE C 64 3.32 -11.73 -20.47
C PHE C 64 2.91 -10.37 -19.93
N LYS C 65 2.88 -9.34 -20.77
CA LYS C 65 2.44 -8.02 -20.32
C LYS C 65 1.01 -8.12 -19.81
N GLY C 66 0.82 -7.96 -18.50
CA GLY C 66 -0.50 -8.05 -17.92
C GLY C 66 -0.76 -9.37 -17.23
N LYS C 67 -0.19 -10.45 -17.75
CA LYS C 67 -0.35 -11.75 -17.13
C LYS C 67 0.45 -11.89 -15.86
N ALA C 68 1.59 -11.20 -15.76
CA ALA C 68 2.49 -11.32 -14.62
C ALA C 68 2.68 -9.97 -13.96
N THR C 69 3.09 -10.00 -12.69
CA THR C 69 3.32 -8.79 -11.91
C THR C 69 4.49 -9.04 -10.97
N LEU C 70 5.57 -8.27 -11.15
CA LEU C 70 6.80 -8.47 -10.41
C LEU C 70 6.87 -7.48 -9.25
N THR C 71 7.28 -7.97 -8.09
CA THR C 71 7.48 -7.13 -6.92
C THR C 71 8.66 -7.65 -6.12
N SER C 72 9.21 -6.79 -5.27
CA SER C 72 10.35 -7.15 -4.45
C SER C 72 10.30 -6.37 -3.15
N ASP C 73 10.99 -6.89 -2.14
CA ASP C 73 11.10 -6.23 -0.85
C ASP C 73 12.54 -6.32 -0.39
N LYS C 74 13.19 -5.16 -0.24
CA LYS C 74 14.62 -5.16 0.09
C LYS C 74 14.87 -5.76 1.46
N SER C 75 14.07 -5.41 2.46
CA SER C 75 14.34 -5.86 3.82
C SER C 75 14.33 -7.38 3.91
N SER C 76 13.33 -8.01 3.30
CA SER C 76 13.30 -9.47 3.25
C SER C 76 14.22 -10.03 2.18
N ARG C 77 14.76 -9.19 1.31
CA ARG C 77 15.68 -9.61 0.25
C ARG C 77 15.06 -10.73 -0.58
N THR C 78 13.78 -10.56 -0.93
CA THR C 78 13.05 -11.54 -1.71
C THR C 78 12.27 -10.83 -2.81
N ALA C 79 12.01 -11.56 -3.89
CA ALA C 79 11.25 -11.07 -5.03
C ALA C 79 10.07 -12.00 -5.30
N TYR C 80 8.95 -11.42 -5.71
CA TYR C 80 7.72 -12.16 -5.93
C TYR C 80 7.18 -11.87 -7.33
N MET C 81 6.46 -12.83 -7.88
CA MET C 81 5.81 -12.68 -9.17
C MET C 81 4.37 -13.16 -9.04
N GLU C 82 3.46 -12.39 -9.62
CA GLU C 82 2.04 -12.69 -9.59
C GLU C 82 1.61 -13.18 -10.97
N LEU C 83 0.95 -14.33 -11.00
CA LEU C 83 0.32 -14.82 -12.21
C LEU C 83 -1.19 -14.77 -12.02
N SER C 84 -1.88 -14.05 -12.88
CA SER C 84 -3.30 -13.79 -12.75
C SER C 84 -4.09 -14.55 -13.81
N SER C 85 -5.31 -14.94 -13.44
CA SER C 85 -6.20 -15.67 -14.33
C SER C 85 -5.50 -16.86 -14.97
N LEU C 86 -4.94 -17.72 -14.11
CA LEU C 86 -4.20 -18.87 -14.60
C LEU C 86 -5.08 -19.76 -15.46
N THR C 87 -4.50 -20.29 -16.53
CA THR C 87 -5.18 -21.22 -17.43
C THR C 87 -4.37 -22.51 -17.51
N SER C 88 -4.74 -23.37 -18.46
CA SER C 88 -4.00 -24.61 -18.68
C SER C 88 -2.61 -24.36 -19.26
N GLU C 89 -2.39 -23.21 -19.91
CA GLU C 89 -1.11 -22.90 -20.52
C GLU C 89 -0.14 -22.24 -19.55
N ASP C 90 -0.55 -21.96 -18.32
CA ASP C 90 0.31 -21.34 -17.33
C ASP C 90 0.85 -22.35 -16.31
N SER C 91 0.79 -23.64 -16.63
CA SER C 91 1.36 -24.67 -15.76
C SER C 91 2.73 -25.03 -16.32
N ALA C 92 3.78 -24.55 -15.67
CA ALA C 92 5.15 -24.83 -16.09
C ALA C 92 6.08 -24.44 -14.95
N VAL C 93 7.34 -24.81 -15.09
CA VAL C 93 8.36 -24.46 -14.11
C VAL C 93 8.77 -23.01 -14.31
N TYR C 94 8.97 -22.29 -13.22
CA TYR C 94 9.33 -20.88 -13.26
C TYR C 94 10.67 -20.69 -12.55
N TYR C 95 11.60 -20.01 -13.23
CA TYR C 95 12.92 -19.75 -12.69
C TYR C 95 13.08 -18.27 -12.38
N CYS C 96 13.94 -17.98 -11.43
CA CYS C 96 14.40 -16.62 -11.15
C CYS C 96 15.91 -16.61 -11.20
N ALA C 97 16.47 -15.66 -11.94
CA ALA C 97 17.92 -15.52 -12.06
C ALA C 97 18.29 -14.06 -11.91
N ARG C 98 19.48 -13.82 -11.36
CA ARG C 98 19.98 -12.47 -11.23
C ARG C 98 20.83 -12.11 -12.45
N CYS C 99 21.06 -10.81 -12.63
CA CYS C 99 21.81 -10.33 -13.78
C CYS C 99 22.42 -8.98 -13.42
N ASP C 100 23.74 -8.87 -13.54
CA ASP C 100 24.42 -7.61 -13.22
C ASP C 100 24.09 -6.58 -14.28
N GLY C 101 23.31 -5.55 -13.90
CA GLY C 101 22.91 -4.56 -14.87
C GLY C 101 24.02 -3.62 -15.29
N TYR C 102 25.09 -3.54 -14.50
CA TYR C 102 26.18 -2.59 -14.74
C TYR C 102 27.46 -3.28 -15.17
N TYR C 103 27.33 -4.32 -16.00
CA TYR C 103 28.47 -5.02 -16.56
C TYR C 103 28.28 -5.14 -18.06
N ARG C 104 29.33 -4.84 -18.82
CA ARG C 104 29.20 -4.75 -20.27
C ARG C 104 28.91 -6.09 -20.93
N TYR C 105 29.13 -7.20 -20.22
CA TYR C 105 28.86 -8.53 -20.76
C TYR C 105 27.94 -9.29 -19.82
N TYR C 106 26.95 -8.61 -19.27
CA TYR C 106 26.12 -9.23 -18.25
C TYR C 106 25.34 -10.41 -18.82
N ALA C 107 24.95 -11.30 -17.93
CA ALA C 107 24.14 -12.47 -18.24
C ALA C 107 23.32 -12.78 -16.99
N MET C 108 22.88 -14.02 -16.85
CA MET C 108 22.12 -14.42 -15.68
C MET C 108 23.00 -15.08 -14.62
N ASP C 109 23.71 -16.13 -15.02
CA ASP C 109 24.80 -16.83 -14.32
C ASP C 109 24.43 -17.28 -12.92
N TYR C 110 23.16 -17.14 -12.53
CA TYR C 110 22.74 -17.62 -11.21
C TYR C 110 21.22 -17.78 -11.24
N TRP C 111 20.75 -19.01 -11.19
CA TRP C 111 19.34 -19.31 -11.36
C TRP C 111 18.77 -19.93 -10.09
N GLY C 112 17.45 -19.95 -10.02
CA GLY C 112 16.76 -20.63 -8.96
C GLY C 112 16.71 -22.12 -9.23
N GLN C 113 15.83 -22.81 -8.51
CA GLN C 113 15.70 -24.26 -8.65
C GLN C 113 14.48 -24.69 -9.44
N GLY C 114 13.51 -23.82 -9.64
CA GLY C 114 12.32 -24.15 -10.40
C GLY C 114 11.12 -24.42 -9.53
N THR C 115 10.02 -23.68 -9.74
CA THR C 115 8.82 -23.76 -8.91
C THR C 115 7.65 -24.19 -9.78
N SER C 116 7.40 -25.50 -9.85
CA SER C 116 6.33 -26.01 -10.69
C SER C 116 4.99 -25.39 -10.30
N VAL C 117 4.24 -24.92 -11.28
CA VAL C 117 2.91 -24.38 -11.08
C VAL C 117 1.94 -25.20 -11.91
N THR C 118 0.93 -25.77 -11.26
CA THR C 118 -0.07 -26.58 -11.92
C THR C 118 -1.43 -25.92 -11.80
N VAL C 119 -2.08 -25.71 -12.94
CA VAL C 119 -3.40 -25.12 -12.99
C VAL C 119 -4.36 -26.20 -13.48
N SER C 120 -5.00 -26.89 -12.53
CA SER C 120 -5.97 -27.93 -12.82
C SER C 120 -7.22 -27.68 -11.98
N SER C 121 -8.26 -28.47 -12.25
CA SER C 121 -9.53 -28.36 -11.55
C SER C 121 -9.78 -29.48 -10.56
N ALA C 122 -9.21 -30.66 -10.78
CA ALA C 122 -9.49 -31.80 -9.92
C ALA C 122 -8.96 -31.60 -8.52
N LYS C 123 -9.45 -32.38 -7.57
CA LYS C 123 -8.99 -32.35 -6.18
C LYS C 123 -8.19 -33.62 -5.87
N THR C 124 -7.77 -33.73 -4.62
CA THR C 124 -6.93 -34.86 -4.21
C THR C 124 -7.66 -36.17 -4.43
N THR C 125 -6.89 -37.22 -4.68
CA THR C 125 -7.44 -38.55 -4.92
C THR C 125 -6.46 -39.60 -4.41
N ALA C 126 -6.99 -40.77 -4.12
CA ALA C 126 -6.18 -41.87 -3.64
C ALA C 126 -5.71 -42.75 -4.81
N PRO C 127 -4.42 -43.00 -4.93
CA PRO C 127 -3.95 -43.88 -6.02
C PRO C 127 -4.49 -45.28 -5.84
N SER C 128 -4.71 -45.96 -6.97
CA SER C 128 -5.23 -47.32 -6.98
C SER C 128 -4.28 -48.22 -7.75
N VAL C 129 -3.86 -49.31 -7.11
CA VAL C 129 -2.89 -50.24 -7.67
C VAL C 129 -3.65 -51.33 -8.42
N TYR C 130 -3.17 -51.67 -9.62
CA TYR C 130 -3.79 -52.68 -10.47
C TYR C 130 -2.73 -53.70 -10.84
N PRO C 131 -2.47 -54.68 -9.98
CA PRO C 131 -1.41 -55.65 -10.26
C PRO C 131 -1.64 -56.36 -11.59
N LEU C 132 -0.55 -56.58 -12.31
CA LEU C 132 -0.59 -57.13 -13.65
C LEU C 132 0.24 -58.41 -13.71
N ALA C 133 -0.30 -59.43 -14.37
CA ALA C 133 0.38 -60.70 -14.53
C ALA C 133 0.32 -61.16 -15.98
N PRO C 134 1.28 -61.98 -16.41
CA PRO C 134 1.36 -62.49 -17.79
C PRO C 134 0.06 -63.15 -18.25
N VAL C 144 11.06 -62.63 -17.21
CA VAL C 144 9.72 -62.05 -17.25
C VAL C 144 9.71 -60.72 -16.50
N THR C 145 8.54 -60.08 -16.44
CA THR C 145 8.40 -58.78 -15.82
C THR C 145 7.01 -58.64 -15.21
N LEU C 146 6.88 -57.68 -14.29
CA LEU C 146 5.63 -57.42 -13.60
C LEU C 146 5.52 -55.94 -13.28
N GLY C 147 4.31 -55.41 -13.35
CA GLY C 147 4.07 -54.01 -13.02
C GLY C 147 2.68 -53.85 -12.47
N CYS C 148 2.50 -52.82 -11.64
CA CYS C 148 1.21 -52.61 -10.99
C CYS C 148 0.38 -51.50 -11.63
N LEU C 149 0.98 -50.58 -12.37
CA LEU C 149 0.23 -49.59 -13.14
C LEU C 149 -0.69 -48.77 -12.22
N VAL C 150 -0.05 -47.99 -11.35
CA VAL C 150 -0.80 -47.09 -10.49
C VAL C 150 -1.73 -46.24 -11.33
N LYS C 151 -2.95 -46.05 -10.84
CA LYS C 151 -3.97 -45.32 -11.58
C LYS C 151 -3.95 -43.85 -11.20
N GLY C 152 -5.06 -43.16 -11.45
CA GLY C 152 -5.08 -41.71 -11.31
C GLY C 152 -4.91 -41.27 -9.86
N TYR C 153 -4.33 -40.07 -9.71
CA TYR C 153 -4.19 -39.40 -8.42
C TYR C 153 -3.81 -37.96 -8.72
N PHE C 154 -4.39 -37.02 -7.98
CA PHE C 154 -4.11 -35.61 -8.27
C PHE C 154 -2.68 -35.23 -7.88
N PRO C 155 -2.27 -35.37 -6.62
CA PRO C 155 -0.93 -34.91 -6.23
C PRO C 155 0.15 -35.70 -6.95
N GLU C 156 1.03 -34.99 -7.64
CA GLU C 156 2.07 -35.66 -8.43
C GLU C 156 2.99 -36.56 -7.61
N PRO C 157 3.51 -36.14 -6.45
CA PRO C 157 4.56 -36.94 -5.80
C PRO C 157 4.02 -38.20 -5.13
N VAL C 158 3.61 -39.16 -5.96
CA VAL C 158 3.20 -40.46 -5.44
C VAL C 158 4.38 -41.17 -4.79
N THR C 159 5.54 -41.13 -5.45
CA THR C 159 6.75 -41.77 -4.95
C THR C 159 6.53 -43.28 -4.78
N LEU C 160 6.21 -43.93 -5.89
CA LEU C 160 6.08 -45.38 -5.89
C LEU C 160 7.39 -46.03 -5.46
N THR C 161 7.29 -47.10 -4.68
CA THR C 161 8.45 -47.77 -4.13
C THR C 161 8.27 -49.28 -4.26
N TRP C 162 9.37 -50.00 -4.08
CA TRP C 162 9.38 -51.45 -4.04
C TRP C 162 10.22 -51.91 -2.87
N ASN C 163 9.77 -52.95 -2.18
CA ASN C 163 10.50 -53.44 -1.03
C ASN C 163 11.90 -53.88 -1.45
N SER C 164 12.81 -53.91 -0.47
CA SER C 164 14.20 -54.21 -0.76
C SER C 164 14.33 -55.55 -1.48
N GLY C 165 15.16 -55.57 -2.52
CA GLY C 165 15.36 -56.76 -3.31
C GLY C 165 14.94 -56.59 -4.75
N SER C 166 13.81 -55.91 -4.96
CA SER C 166 13.35 -55.65 -6.32
C SER C 166 14.19 -54.60 -7.02
N LEU C 167 14.76 -53.65 -6.28
CA LEU C 167 15.55 -52.57 -6.86
C LEU C 167 16.85 -53.07 -7.49
N SER C 168 17.12 -54.37 -7.46
CA SER C 168 18.37 -54.87 -8.01
C SER C 168 18.48 -54.55 -9.50
N SER C 169 17.40 -54.74 -10.25
CA SER C 169 17.43 -54.48 -11.68
C SER C 169 15.99 -54.41 -12.18
N GLY C 170 15.86 -53.96 -13.43
CA GLY C 170 14.54 -53.88 -14.06
C GLY C 170 13.55 -53.03 -13.28
N VAL C 171 14.00 -51.87 -12.80
CA VAL C 171 13.17 -51.03 -11.95
C VAL C 171 12.59 -49.83 -12.72
N HIS C 172 12.47 -49.95 -14.04
CA HIS C 172 11.96 -48.85 -14.85
C HIS C 172 10.66 -48.32 -14.29
N THR C 173 10.64 -47.03 -13.94
CA THR C 173 9.46 -46.35 -13.42
C THR C 173 9.14 -45.20 -14.36
N PHE C 174 8.19 -45.41 -15.26
CA PHE C 174 7.85 -44.40 -16.24
C PHE C 174 7.32 -43.15 -15.53
N PRO C 175 7.55 -41.97 -16.10
CA PRO C 175 7.07 -40.75 -15.47
C PRO C 175 5.55 -40.71 -15.46
N ALA C 176 5.01 -40.07 -14.43
CA ALA C 176 3.57 -39.93 -14.32
C ALA C 176 3.04 -39.01 -15.42
N VAL C 177 2.00 -39.45 -16.10
CA VAL C 177 1.39 -38.68 -17.18
C VAL C 177 0.18 -37.97 -16.63
N LEU C 178 -0.18 -36.84 -17.26
CA LEU C 178 -1.35 -36.10 -16.83
C LEU C 178 -2.62 -36.93 -16.99
N GLN C 179 -2.81 -37.52 -18.17
CA GLN C 179 -3.92 -38.43 -18.43
C GLN C 179 -5.26 -37.82 -17.99
N SER C 180 -5.63 -36.76 -18.69
CA SER C 180 -6.93 -36.11 -18.51
C SER C 180 -7.20 -35.82 -17.03
N ASP C 181 -6.31 -35.02 -16.45
CA ASP C 181 -6.39 -34.64 -15.04
C ASP C 181 -6.50 -35.88 -14.16
N LEU C 182 -5.67 -36.87 -14.48
CA LEU C 182 -5.63 -38.10 -13.68
C LEU C 182 -4.25 -38.72 -13.90
N TYR C 183 -3.36 -38.52 -12.93
CA TYR C 183 -1.98 -38.93 -13.10
C TYR C 183 -1.87 -40.46 -13.11
N THR C 184 -1.10 -40.97 -14.06
CA THR C 184 -0.92 -42.42 -14.23
C THR C 184 0.56 -42.73 -14.26
N LEU C 185 1.07 -43.27 -13.16
CA LEU C 185 2.47 -43.70 -13.06
C LEU C 185 2.51 -45.21 -13.11
N SER C 186 3.27 -45.75 -14.07
CA SER C 186 3.39 -47.19 -14.24
C SER C 186 4.82 -47.61 -13.94
N SER C 187 4.97 -48.79 -13.36
CA SER C 187 6.28 -49.36 -13.06
C SER C 187 6.35 -50.80 -13.53
N SER C 188 7.56 -51.29 -13.70
CA SER C 188 7.77 -52.68 -14.09
C SER C 188 9.05 -53.19 -13.45
N VAL C 189 9.09 -54.51 -13.23
CA VAL C 189 10.25 -55.18 -12.66
C VAL C 189 10.54 -56.41 -13.49
N THR C 190 11.76 -56.91 -13.37
CA THR C 190 12.22 -58.04 -14.17
C THR C 190 12.78 -59.13 -13.27
N VAL C 191 12.64 -60.37 -13.73
CA VAL C 191 13.15 -61.52 -12.99
C VAL C 191 13.51 -62.65 -13.95
N PRO C 197 11.80 -66.38 -9.35
CA PRO C 197 11.02 -66.62 -10.57
C PRO C 197 9.56 -66.18 -10.42
N SER C 198 8.65 -67.15 -10.32
CA SER C 198 7.24 -66.81 -10.17
C SER C 198 6.99 -66.01 -8.90
N GLN C 199 7.59 -66.42 -7.79
CA GLN C 199 7.46 -65.67 -6.55
C GLN C 199 7.97 -64.25 -6.75
N SER C 200 7.19 -63.27 -6.31
CA SER C 200 7.54 -61.87 -6.53
C SER C 200 7.16 -61.00 -5.35
N ILE C 201 7.28 -59.68 -5.53
CA ILE C 201 6.93 -58.68 -4.53
C ILE C 201 5.89 -57.74 -5.13
N THR C 202 5.45 -56.78 -4.34
CA THR C 202 4.44 -55.81 -4.75
C THR C 202 4.95 -54.39 -4.55
N CYS C 203 4.47 -53.48 -5.40
CA CYS C 203 4.88 -52.10 -5.31
C CYS C 203 4.20 -51.41 -4.13
N ASN C 204 5.01 -50.76 -3.29
CA ASN C 204 4.51 -50.11 -2.08
C ASN C 204 4.22 -48.65 -2.42
N VAL C 205 3.03 -48.39 -2.96
CA VAL C 205 2.64 -47.03 -3.28
C VAL C 205 2.51 -46.23 -1.99
N ALA C 206 3.15 -45.07 -1.95
CA ALA C 206 3.25 -44.26 -0.74
C ALA C 206 2.78 -42.84 -1.02
N HIS C 207 1.61 -42.71 -1.65
CA HIS C 207 1.05 -41.40 -1.91
C HIS C 207 0.94 -40.61 -0.61
N PRO C 208 1.77 -39.60 -0.41
CA PRO C 208 1.78 -38.90 0.88
C PRO C 208 0.65 -37.91 1.03
N ALA C 209 0.20 -37.33 -0.09
CA ALA C 209 -0.86 -36.33 -0.01
C ALA C 209 -2.13 -36.90 0.59
N SER C 210 -2.52 -38.10 0.15
CA SER C 210 -3.65 -38.80 0.74
C SER C 210 -3.22 -39.79 1.82
N SER C 211 -1.91 -39.93 2.05
CA SER C 211 -1.40 -40.82 3.09
C SER C 211 -1.95 -42.23 2.96
N THR C 212 -2.01 -42.71 1.72
CA THR C 212 -2.55 -44.03 1.42
C THR C 212 -1.38 -44.95 1.05
N LYS C 213 -0.78 -45.58 2.07
CA LYS C 213 0.39 -46.43 1.87
C LYS C 213 -0.08 -47.82 1.40
N VAL C 214 -0.75 -47.82 0.26
CA VAL C 214 -1.29 -49.04 -0.30
C VAL C 214 -0.14 -49.96 -0.72
N ASP C 215 -0.29 -51.25 -0.44
CA ASP C 215 0.69 -52.25 -0.85
C ASP C 215 0.17 -53.16 -1.94
N LYS C 216 -0.96 -53.84 -1.71
CA LYS C 216 -1.65 -54.61 -2.74
C LYS C 216 -0.68 -55.60 -3.41
N LYS C 217 -0.25 -56.57 -2.60
CA LYS C 217 0.71 -57.57 -3.08
C LYS C 217 0.19 -58.26 -4.33
N ILE C 218 1.09 -58.46 -5.29
CA ILE C 218 0.78 -59.13 -6.54
C ILE C 218 1.22 -60.57 -6.44
N GLU C 219 0.34 -61.49 -6.83
CA GLU C 219 0.62 -62.92 -6.79
C GLU C 219 0.88 -63.46 -8.19
N PRO C 220 1.66 -64.54 -8.31
CA PRO C 220 1.94 -65.13 -9.63
C PRO C 220 0.81 -66.03 -10.12
N ARG C 221 -0.24 -65.39 -10.63
CA ARG C 221 -1.39 -66.13 -11.14
C ARG C 221 -1.07 -66.82 -12.46
N PRO D 79 4.65 54.71 -3.03
CA PRO D 79 5.18 53.38 -2.75
C PRO D 79 4.38 52.64 -1.68
N PRO D 80 4.59 51.32 -1.56
CA PRO D 80 3.81 50.54 -0.60
C PRO D 80 4.02 51.05 0.82
N HIS D 81 2.94 51.01 1.61
CA HIS D 81 2.98 51.44 3.00
C HIS D 81 1.62 51.18 3.63
N GLY D 82 1.63 50.99 4.94
CA GLY D 82 0.40 50.90 5.69
C GLY D 82 -0.23 49.53 5.66
N LEU D 83 -1.54 49.53 5.88
CA LEU D 83 -2.28 48.27 6.03
C LEU D 83 -2.21 47.44 4.76
N LEU D 84 -2.30 48.08 3.60
CA LEU D 84 -2.34 47.33 2.35
C LEU D 84 -1.06 46.53 2.14
N ASP D 85 0.10 47.13 2.44
CA ASP D 85 1.35 46.40 2.28
C ASP D 85 1.40 45.19 3.21
N ARG D 86 0.98 45.38 4.46
CA ARG D 86 1.01 44.28 5.42
C ARG D 86 0.11 43.14 4.97
N VAL D 87 -1.10 43.47 4.50
CA VAL D 87 -2.02 42.42 4.10
C VAL D 87 -1.50 41.71 2.85
N ILE D 88 -0.93 42.47 1.91
CA ILE D 88 -0.37 41.85 0.72
C ILE D 88 0.74 40.88 1.10
N THR D 89 1.64 41.31 1.99
CA THR D 89 2.73 40.46 2.40
C THR D 89 2.23 39.20 3.11
N ASN D 90 1.24 39.35 3.99
CA ASN D 90 0.76 38.19 4.73
C ASN D 90 0.06 37.19 3.81
N VAL D 91 -0.78 37.69 2.90
CA VAL D 91 -1.42 36.80 1.94
C VAL D 91 -0.37 36.09 1.10
N THR D 92 0.65 36.82 0.66
CA THR D 92 1.71 36.21 -0.13
C THR D 92 2.41 35.12 0.64
N ILE D 93 2.73 35.38 1.91
CA ILE D 93 3.44 34.38 2.72
C ILE D 93 2.59 33.13 2.87
N ILE D 94 1.30 33.30 3.14
CA ILE D 94 0.43 32.14 3.32
C ILE D 94 0.39 31.31 2.05
N VAL D 95 0.09 31.96 0.91
CA VAL D 95 -0.02 31.24 -0.35
C VAL D 95 1.30 30.58 -0.70
N LEU D 96 2.41 31.26 -0.40
CA LEU D 96 3.72 30.74 -0.75
C LEU D 96 4.07 29.53 0.09
N LEU D 97 3.71 29.54 1.37
CA LEU D 97 3.97 28.36 2.20
C LEU D 97 3.20 27.17 1.64
N TRP D 98 1.91 27.36 1.34
CA TRP D 98 1.18 26.24 0.76
C TRP D 98 1.82 25.78 -0.54
N ALA D 99 2.21 26.73 -1.39
CA ALA D 99 2.75 26.37 -2.70
C ALA D 99 4.05 25.61 -2.57
N VAL D 100 4.91 26.03 -1.65
CA VAL D 100 6.18 25.33 -1.45
C VAL D 100 5.92 23.90 -1.00
N VAL D 101 5.02 23.74 -0.02
CA VAL D 101 4.74 22.39 0.46
C VAL D 101 4.18 21.53 -0.67
N TRP D 102 3.27 22.10 -1.47
CA TRP D 102 2.70 21.34 -2.58
C TRP D 102 3.77 20.96 -3.59
N SER D 103 4.68 21.88 -3.90
CA SER D 103 5.73 21.57 -4.86
C SER D 103 6.60 20.43 -4.38
N ILE D 104 6.94 20.44 -3.09
CA ILE D 104 7.81 19.39 -2.58
C ILE D 104 7.08 18.05 -2.53
N THR D 105 5.84 18.04 -2.04
CA THR D 105 5.11 16.79 -1.82
C THR D 105 4.13 16.47 -2.94
N GLY D 106 3.32 17.43 -3.34
CA GLY D 106 2.46 17.29 -4.51
C GLY D 106 1.06 16.80 -4.23
N SER D 107 0.90 15.51 -3.96
CA SER D 107 -0.43 14.97 -3.73
C SER D 107 -0.89 15.15 -2.30
N GLU D 108 0.04 15.19 -1.35
CA GLU D 108 -0.34 15.41 0.05
C GLU D 108 -0.98 16.78 0.23
N CYS D 109 -0.41 17.80 -0.39
CA CYS D 109 -0.87 19.18 -0.19
C CYS D 109 -1.89 19.59 -1.24
N LEU D 110 -2.89 18.76 -1.46
CA LEU D 110 -4.01 19.06 -2.34
C LEU D 110 -5.29 18.63 -1.64
N PRO D 111 -6.44 19.17 -2.03
CA PRO D 111 -7.68 18.83 -1.34
C PRO D 111 -7.84 17.33 -1.11
N GLY D 112 -7.95 16.94 0.15
CA GLY D 112 -8.09 15.54 0.51
C GLY D 112 -6.84 15.00 1.18
N GLY D 113 -5.68 15.41 0.69
CA GLY D 113 -4.43 14.97 1.27
C GLY D 113 -4.23 15.51 2.67
N ASN D 114 -3.31 14.85 3.39
CA ASN D 114 -3.12 15.12 4.81
C ASN D 114 -2.56 16.52 5.03
N LEU D 115 -1.47 16.86 4.34
CA LEU D 115 -0.78 18.12 4.61
C LEU D 115 -1.65 19.32 4.27
N PHE D 116 -2.46 19.20 3.21
CA PHE D 116 -3.39 20.28 2.90
C PHE D 116 -4.35 20.49 4.07
N GLY D 117 -4.85 19.40 4.64
CA GLY D 117 -5.74 19.54 5.78
C GLY D 117 -5.04 20.21 6.96
N ILE D 118 -3.80 19.82 7.24
CA ILE D 118 -3.08 20.40 8.36
C ILE D 118 -2.89 21.90 8.14
N ILE D 119 -2.47 22.28 6.94
CA ILE D 119 -2.21 23.69 6.64
C ILE D 119 -3.49 24.50 6.76
N ILE D 120 -4.59 23.99 6.20
CA ILE D 120 -5.84 24.73 6.24
C ILE D 120 -6.32 24.87 7.68
N LEU D 121 -6.21 23.80 8.46
CA LEU D 121 -6.62 23.88 9.86
C LEU D 121 -5.78 24.91 10.61
N PHE D 122 -4.47 24.92 10.37
CA PHE D 122 -3.60 25.90 11.03
C PHE D 122 -4.04 27.32 10.71
N TYR D 123 -4.22 27.62 9.42
CA TYR D 123 -4.59 28.97 9.04
C TYR D 123 -5.96 29.35 9.59
N CYS D 124 -6.92 28.42 9.52
CA CYS D 124 -8.26 28.72 10.01
C CYS D 124 -8.24 28.98 11.51
N ALA D 125 -7.46 28.20 12.25
CA ALA D 125 -7.34 28.43 13.69
C ALA D 125 -6.76 29.82 13.97
N ILE D 126 -5.69 30.19 13.26
CA ILE D 126 -5.08 31.50 13.50
C ILE D 126 -6.08 32.61 13.18
N ILE D 127 -6.77 32.50 12.06
CA ILE D 127 -7.71 33.54 11.65
C ILE D 127 -8.84 33.65 12.66
N GLY D 128 -9.35 32.51 13.12
CA GLY D 128 -10.41 32.54 14.11
C GLY D 128 -9.96 33.18 15.41
N GLY D 129 -8.75 32.84 15.86
CA GLY D 129 -8.23 33.46 17.06
C GLY D 129 -8.17 34.98 16.93
N LYS D 130 -7.63 35.45 15.81
CA LYS D 130 -7.52 36.90 15.60
C LYS D 130 -8.89 37.55 15.55
N LEU D 131 -9.82 36.97 14.79
CA LEU D 131 -11.14 37.56 14.66
C LEU D 131 -11.83 37.66 16.01
N LEU D 132 -11.81 36.58 16.77
CA LEU D 132 -12.45 36.62 18.08
C LEU D 132 -11.77 37.63 18.99
N GLY D 133 -10.45 37.72 18.91
CA GLY D 133 -9.75 38.73 19.69
C GLY D 133 -10.19 40.14 19.35
N LEU D 134 -10.55 40.38 18.09
CA LEU D 134 -10.93 41.73 17.69
C LEU D 134 -12.14 42.22 18.47
N ILE D 135 -13.15 41.37 18.63
CA ILE D 135 -14.43 41.82 19.17
C ILE D 135 -14.27 42.15 20.65
N LYS D 136 -14.50 43.42 21.00
CA LYS D 136 -14.57 43.83 22.41
C LYS D 136 -15.53 45.02 22.49
N LEU D 137 -16.81 44.71 22.68
CA LEU D 137 -17.81 45.74 22.96
C LEU D 137 -17.90 46.07 24.45
N PRO D 138 -18.16 45.08 25.32
CA PRO D 138 -18.54 45.41 26.70
C PRO D 138 -17.36 45.51 27.66
N THR D 139 -17.66 45.73 28.94
CA THR D 139 -16.61 45.86 29.93
C THR D 139 -15.69 44.63 29.95
N LEU D 140 -16.22 43.47 29.62
CA LEU D 140 -15.40 42.27 29.61
C LEU D 140 -14.31 42.41 28.55
N PRO D 141 -13.10 41.90 28.81
CA PRO D 141 -12.01 42.06 27.83
C PRO D 141 -12.34 41.35 26.54
N PRO D 142 -11.47 41.46 25.53
CA PRO D 142 -11.74 40.77 24.26
C PRO D 142 -11.86 39.27 24.47
N LEU D 143 -12.73 38.65 23.68
CA LEU D 143 -12.98 37.23 23.86
C LEU D 143 -11.68 36.45 23.67
N PRO D 144 -11.47 35.38 24.42
CA PRO D 144 -10.21 34.63 24.27
C PRO D 144 -10.08 34.04 22.88
N SER D 145 -8.83 34.00 22.39
CA SER D 145 -8.58 33.37 21.11
C SER D 145 -8.84 31.87 21.15
N LEU D 146 -8.87 31.28 22.33
CA LEU D 146 -9.20 29.86 22.43
C LEU D 146 -10.55 29.57 21.80
N LEU D 147 -11.54 30.43 22.06
CA LEU D 147 -12.85 30.23 21.46
C LEU D 147 -12.76 30.28 19.95
N GLY D 148 -11.99 31.21 19.41
CA GLY D 148 -11.85 31.30 17.97
C GLY D 148 -11.23 30.05 17.36
N MET D 149 -10.15 29.55 17.97
CA MET D 149 -9.49 28.37 17.44
C MET D 149 -10.40 27.14 17.54
N LEU D 150 -11.08 26.98 18.67
CA LEU D 150 -12.00 25.87 18.81
C LEU D 150 -13.11 25.94 17.78
N LEU D 151 -13.67 27.13 17.57
CA LEU D 151 -14.75 27.27 16.60
C LEU D 151 -14.25 27.00 15.18
N ALA D 152 -13.03 27.42 14.87
CA ALA D 152 -12.47 27.12 13.56
C ALA D 152 -12.36 25.63 13.34
N GLY D 153 -11.80 24.91 14.31
CA GLY D 153 -11.73 23.46 14.18
C GLY D 153 -13.10 22.82 14.08
N PHE D 154 -14.05 23.30 14.88
CA PHE D 154 -15.39 22.75 14.87
C PHE D 154 -16.06 22.94 13.51
N LEU D 155 -15.95 24.13 12.95
CA LEU D 155 -16.55 24.40 11.66
C LEU D 155 -15.88 23.58 10.56
N ILE D 156 -14.57 23.39 10.65
CA ILE D 156 -13.90 22.54 9.68
C ILE D 156 -14.44 21.13 9.76
N ARG D 157 -14.63 20.63 10.99
CA ARG D 157 -15.08 19.25 11.16
C ARG D 157 -16.52 19.07 10.68
N ASN D 158 -17.38 20.08 10.90
CA ASN D 158 -18.81 19.87 10.79
C ASN D 158 -19.41 20.38 9.48
N ILE D 159 -18.84 21.41 8.86
CA ILE D 159 -19.37 21.82 7.56
C ILE D 159 -19.14 20.69 6.56
N PRO D 160 -20.14 20.27 5.78
CA PRO D 160 -19.99 19.03 5.01
C PRO D 160 -18.82 19.03 4.04
N VAL D 161 -18.81 19.96 3.09
CA VAL D 161 -17.83 19.91 2.02
C VAL D 161 -16.44 20.26 2.55
N ILE D 162 -16.34 21.27 3.41
CA ILE D 162 -15.06 21.60 4.02
C ILE D 162 -14.51 20.39 4.74
N ASN D 163 -15.36 19.67 5.46
CA ASN D 163 -14.92 18.48 6.18
C ASN D 163 -14.44 17.42 5.22
N ASP D 164 -15.16 17.23 4.10
CA ASP D 164 -14.76 16.22 3.14
C ASP D 164 -13.38 16.53 2.57
N ASN D 165 -13.11 17.80 2.26
CA ASN D 165 -11.83 18.16 1.64
C ASN D 165 -10.69 18.12 2.65
N VAL D 166 -10.92 18.62 3.86
CA VAL D 166 -9.88 18.80 4.87
C VAL D 166 -9.88 17.56 5.75
N GLN D 167 -8.95 16.64 5.50
CA GLN D 167 -8.84 15.41 6.26
C GLN D 167 -7.43 15.29 6.80
N ILE D 168 -7.31 15.09 8.11
CA ILE D 168 -6.02 14.95 8.79
C ILE D 168 -5.95 13.55 9.37
N LYS D 169 -4.86 12.85 9.07
CA LYS D 169 -4.69 11.51 9.60
C LYS D 169 -4.66 11.55 11.13
N HIS D 170 -5.24 10.53 11.75
CA HIS D 170 -5.33 10.50 13.20
C HIS D 170 -3.94 10.51 13.83
N LYS D 171 -3.01 9.75 13.26
CA LYS D 171 -1.67 9.69 13.80
C LYS D 171 -1.06 11.09 13.87
N TRP D 172 -1.18 11.86 12.79
CA TRP D 172 -0.60 13.20 12.77
C TRP D 172 -1.26 14.10 13.80
N SER D 173 -2.58 14.03 13.92
CA SER D 173 -3.29 14.87 14.88
C SER D 173 -2.82 14.57 16.30
N SER D 174 -2.77 13.28 16.66
CA SER D 174 -2.34 12.91 18.00
C SER D 174 -0.91 13.34 18.25
N SER D 175 -0.03 13.15 17.26
CA SER D 175 1.36 13.53 17.43
C SER D 175 1.50 15.03 17.64
N LEU D 176 0.79 15.83 16.85
CA LEU D 176 0.88 17.28 17.00
C LEU D 176 0.36 17.71 18.37
N ARG D 177 -0.75 17.14 18.81
CA ARG D 177 -1.27 17.50 20.12
C ARG D 177 -0.30 17.11 21.22
N SER D 178 0.34 15.95 21.09
CA SER D 178 1.34 15.54 22.07
C SER D 178 2.51 16.51 22.11
N ILE D 179 2.96 16.96 20.94
CA ILE D 179 4.08 17.89 20.90
C ILE D 179 3.68 19.21 21.57
N ALA D 180 2.47 19.69 21.29
CA ALA D 180 2.02 20.92 21.94
C ALA D 180 1.97 20.76 23.44
N LEU D 181 1.48 19.61 23.92
CA LEU D 181 1.45 19.36 25.35
C LEU D 181 2.85 19.37 25.95
N SER D 182 3.80 18.73 25.26
CA SER D 182 5.17 18.72 25.77
C SER D 182 5.74 20.12 25.84
N ILE D 183 5.47 20.93 24.82
CA ILE D 183 5.96 22.31 24.82
C ILE D 183 5.42 23.06 26.02
N ILE D 184 4.11 22.96 26.26
CA ILE D 184 3.51 23.74 27.33
C ILE D 184 3.99 23.23 28.68
N LEU D 185 4.19 21.92 28.83
CA LEU D 185 4.69 21.40 30.09
C LEU D 185 6.11 21.89 30.35
N VAL D 186 6.96 21.92 29.32
CA VAL D 186 8.31 22.47 29.49
C VAL D 186 8.24 23.92 29.90
N ARG D 187 7.37 24.69 29.25
CA ARG D 187 7.24 26.11 29.57
C ARG D 187 6.82 26.29 31.01
N ALA D 188 5.84 25.51 31.47
CA ALA D 188 5.38 25.61 32.85
C ALA D 188 6.49 25.24 33.81
N GLY D 189 7.19 24.13 33.57
CA GLY D 189 8.26 23.71 34.45
C GLY D 189 9.34 24.76 34.57
N LEU D 190 9.69 25.39 33.45
CA LEU D 190 10.68 26.47 33.50
C LEU D 190 10.15 27.66 34.29
N GLY D 191 8.85 27.96 34.15
CA GLY D 191 8.30 29.13 34.81
C GLY D 191 8.07 28.99 36.30
N LEU D 192 8.24 27.81 36.87
CA LEU D 192 8.01 27.61 38.29
C LEU D 192 9.04 28.39 39.11
N ASP D 193 8.67 28.69 40.35
CA ASP D 193 9.54 29.38 41.30
C ASP D 193 9.84 28.45 42.46
N SER D 194 11.13 28.25 42.72
CA SER D 194 11.53 27.26 43.72
C SER D 194 11.05 27.63 45.11
N LYS D 195 11.21 28.90 45.50
CA LYS D 195 10.83 29.29 46.85
C LYS D 195 9.33 29.16 47.07
N ALA D 196 8.53 29.61 46.11
CA ALA D 196 7.09 29.47 46.23
C ALA D 196 6.69 28.01 46.36
N LEU D 197 7.28 27.15 45.55
CA LEU D 197 6.97 25.73 45.66
C LEU D 197 7.37 25.19 47.03
N LYS D 198 8.50 25.66 47.56
CA LYS D 198 8.92 25.21 48.89
C LYS D 198 7.92 25.65 49.95
N LYS D 199 7.27 26.80 49.75
CA LYS D 199 6.30 27.27 50.74
C LYS D 199 4.95 26.58 50.59
N LEU D 200 4.31 26.74 49.43
CA LEU D 200 3.00 26.17 49.17
C LEU D 200 3.15 24.69 48.82
N LYS D 201 3.43 23.90 49.86
CA LYS D 201 3.73 22.49 49.66
C LYS D 201 2.48 21.64 49.79
N GLY D 202 1.81 21.69 50.95
CA GLY D 202 0.57 20.96 51.12
C GLY D 202 -0.55 21.53 50.26
N VAL D 203 -0.58 22.85 50.11
CA VAL D 203 -1.65 23.49 49.36
C VAL D 203 -1.67 22.97 47.94
N CYS D 204 -0.51 22.76 47.34
CA CYS D 204 -0.45 22.25 45.98
C CYS D 204 -1.08 20.87 45.90
N VAL D 205 -0.76 19.99 46.86
CA VAL D 205 -1.31 18.63 46.84
C VAL D 205 -2.83 18.68 46.98
N ARG D 206 -3.32 19.48 47.94
CA ARG D 206 -4.76 19.60 48.12
C ARG D 206 -5.41 20.09 46.83
N LEU D 207 -4.91 21.19 46.28
CA LEU D 207 -5.51 21.75 45.07
C LEU D 207 -5.50 20.75 43.94
N SER D 208 -4.46 19.93 43.84
CA SER D 208 -4.35 19.02 42.71
C SER D 208 -5.27 17.81 42.86
N MET D 209 -5.45 17.30 44.07
CA MET D 209 -6.11 16.01 44.24
C MET D 209 -7.48 16.06 44.89
N GLY D 210 -7.88 17.19 45.47
CA GLY D 210 -9.17 17.29 46.12
C GLY D 210 -10.31 17.59 45.18
N PRO D 211 -10.22 18.72 44.46
CA PRO D 211 -11.33 19.06 43.55
C PRO D 211 -11.59 18.01 42.50
N CYS D 212 -10.55 17.37 41.97
CA CYS D 212 -10.77 16.32 40.98
C CYS D 212 -11.61 15.19 41.55
N ILE D 213 -11.25 14.73 42.75
CA ILE D 213 -11.99 13.62 43.35
C ILE D 213 -13.43 14.02 43.65
N VAL D 214 -13.61 15.20 44.25
CA VAL D 214 -14.96 15.60 44.63
C VAL D 214 -15.83 15.78 43.40
N GLU D 215 -15.28 16.41 42.36
CA GLU D 215 -16.05 16.58 41.12
C GLU D 215 -16.37 15.23 40.49
N ALA D 216 -15.42 14.30 40.51
CA ALA D 216 -15.69 12.98 39.95
C ALA D 216 -16.85 12.32 40.68
N CYS D 217 -16.84 12.38 42.01
CA CYS D 217 -17.90 11.74 42.78
C CYS D 217 -19.25 12.40 42.52
N THR D 218 -19.28 13.73 42.54
CA THR D 218 -20.57 14.41 42.35
C THR D 218 -21.08 14.22 40.93
N SER D 219 -20.19 14.22 39.94
CA SER D 219 -20.60 13.99 38.56
C SER D 219 -21.11 12.56 38.38
N ALA D 220 -20.49 11.59 39.06
CA ALA D 220 -21.01 10.23 39.01
C ALA D 220 -22.40 10.16 39.61
N LEU D 221 -22.62 10.84 40.74
CA LEU D 221 -23.95 10.89 41.31
C LEU D 221 -24.96 11.46 40.33
N LEU D 222 -24.61 12.59 39.70
CA LEU D 222 -25.53 13.21 38.74
C LEU D 222 -25.78 12.30 37.55
N ALA D 223 -24.74 11.64 37.05
CA ALA D 223 -24.92 10.75 35.91
C ALA D 223 -25.87 9.62 36.27
N HIS D 224 -25.70 9.04 37.46
CA HIS D 224 -26.60 7.94 37.83
C HIS D 224 -28.03 8.42 37.94
N TYR D 225 -28.25 9.60 38.54
CA TYR D 225 -29.64 9.99 38.80
C TYR D 225 -30.30 10.59 37.56
N LEU D 226 -29.62 11.51 36.88
CA LEU D 226 -30.21 12.15 35.71
C LEU D 226 -30.10 11.28 34.46
N LEU D 227 -28.86 10.98 34.04
CA LEU D 227 -28.67 10.25 32.79
C LEU D 227 -29.06 8.79 32.92
N GLY D 228 -29.06 8.25 34.13
CA GLY D 228 -29.42 6.87 34.34
C GLY D 228 -28.29 5.87 34.21
N LEU D 229 -27.05 6.33 34.05
CA LEU D 229 -25.94 5.41 33.96
C LEU D 229 -25.82 4.63 35.25
N PRO D 230 -25.26 3.43 35.20
CA PRO D 230 -24.96 2.72 36.46
C PRO D 230 -23.85 3.44 37.19
N TRP D 231 -23.38 2.88 38.31
CA TRP D 231 -22.39 3.59 39.09
C TRP D 231 -21.01 3.55 38.43
N GLN D 232 -20.63 2.40 37.87
CA GLN D 232 -19.30 2.30 37.26
C GLN D 232 -19.17 3.30 36.12
N TRP D 233 -20.19 3.39 35.28
CA TRP D 233 -20.16 4.34 34.19
C TRP D 233 -20.28 5.78 34.70
N GLY D 234 -21.03 5.98 35.79
CA GLY D 234 -21.05 7.30 36.39
C GLY D 234 -19.67 7.77 36.79
N PHE D 235 -18.87 6.89 37.36
CA PHE D 235 -17.53 7.27 37.78
C PHE D 235 -16.57 7.36 36.60
N ILE D 236 -16.74 6.53 35.58
CA ILE D 236 -15.96 6.72 34.36
C ILE D 236 -16.18 8.13 33.83
N LEU D 237 -17.45 8.56 33.76
CA LEU D 237 -17.76 9.89 33.30
C LEU D 237 -17.17 10.94 34.23
N GLY D 238 -17.30 10.74 35.54
CA GLY D 238 -16.79 11.71 36.49
C GLY D 238 -15.30 11.92 36.34
N PHE D 239 -14.55 10.85 36.08
CA PHE D 239 -13.11 10.96 35.94
C PHE D 239 -12.71 11.51 34.59
N VAL D 240 -13.47 11.22 33.54
CA VAL D 240 -13.21 11.88 32.25
C VAL D 240 -13.41 13.38 32.39
N LEU D 241 -14.47 13.78 33.08
CA LEU D 241 -14.78 15.18 33.35
C LEU D 241 -14.01 15.67 34.56
N GLY D 242 -12.70 15.38 34.57
CA GLY D 242 -11.87 15.58 35.73
C GLY D 242 -10.82 16.65 35.58
N ALA D 243 -9.59 16.21 35.29
CA ALA D 243 -8.41 17.06 35.31
C ALA D 243 -8.58 18.40 34.61
N VAL D 244 -7.99 19.44 35.21
CA VAL D 244 -7.90 20.75 34.56
C VAL D 244 -6.85 20.68 33.46
N SER D 245 -6.95 21.61 32.50
CA SER D 245 -6.09 21.58 31.33
C SER D 245 -4.88 22.49 31.55
N PRO D 246 -3.66 21.98 31.54
CA PRO D 246 -2.50 22.88 31.58
C PRO D 246 -2.41 23.78 30.36
N ALA D 247 -2.93 23.36 29.22
CA ALA D 247 -2.82 24.18 28.01
C ALA D 247 -3.50 25.52 28.16
N VAL D 248 -4.55 25.60 28.96
CA VAL D 248 -5.26 26.85 29.18
C VAL D 248 -4.70 27.59 30.38
N VAL D 249 -4.41 26.88 31.46
CA VAL D 249 -3.98 27.53 32.70
C VAL D 249 -2.58 28.11 32.55
N VAL D 250 -1.66 27.33 31.97
CA VAL D 250 -0.25 27.71 32.01
C VAL D 250 0.02 29.03 31.29
N PRO D 251 -0.41 29.22 30.04
CA PRO D 251 -0.10 30.50 29.38
C PRO D 251 -0.62 31.71 30.13
N SER D 252 -1.83 31.64 30.68
CA SER D 252 -2.38 32.78 31.39
C SER D 252 -1.60 33.05 32.68
N MET D 253 -1.25 32.00 33.42
CA MET D 253 -0.48 32.19 34.64
C MET D 253 0.91 32.71 34.34
N LEU D 254 1.50 32.30 33.21
CA LEU D 254 2.80 32.85 32.82
C LEU D 254 2.68 34.33 32.47
N LEU D 255 1.61 34.70 31.75
CA LEU D 255 1.38 36.12 31.47
C LEU D 255 1.28 36.91 32.77
N LEU D 256 0.48 36.41 33.72
CA LEU D 256 0.30 37.12 34.98
C LEU D 256 1.60 37.19 35.76
N GLN D 257 2.37 36.11 35.78
CA GLN D 257 3.65 36.11 36.49
C GLN D 257 4.61 37.11 35.87
N GLY D 258 4.67 37.16 34.54
CA GLY D 258 5.48 38.19 33.90
C GLY D 258 5.03 39.57 34.28
N GLY D 259 3.71 39.79 34.35
CA GLY D 259 3.20 41.07 34.81
C GLY D 259 3.48 41.36 36.27
N GLY D 260 3.76 40.32 37.06
CA GLY D 260 4.06 40.49 38.46
C GLY D 260 2.87 40.37 39.39
N TYR D 261 1.75 39.81 38.93
CA TYR D 261 0.55 39.69 39.74
C TYR D 261 0.62 38.41 40.58
N GLY D 262 0.37 38.55 41.88
CA GLY D 262 0.34 37.40 42.75
C GLY D 262 1.68 36.74 42.96
N VAL D 263 2.77 37.34 42.50
CA VAL D 263 4.08 36.73 42.62
C VAL D 263 4.50 36.65 44.08
N GLU D 264 4.14 37.66 44.89
CA GLU D 264 4.58 37.67 46.28
C GLU D 264 4.15 36.41 47.01
N LYS D 265 2.93 35.93 46.75
CA LYS D 265 2.42 34.71 47.37
C LYS D 265 2.52 33.50 46.44
N GLY D 266 3.08 33.68 45.25
CA GLY D 266 3.32 32.55 44.37
C GLY D 266 2.07 31.83 43.92
N VAL D 267 1.01 32.57 43.62
CA VAL D 267 -0.18 31.96 43.04
C VAL D 267 0.12 31.34 41.68
N PRO D 268 0.78 32.04 40.75
CA PRO D 268 1.06 31.40 39.45
C PRO D 268 1.84 30.11 39.58
N THR D 269 2.82 30.07 40.49
CA THR D 269 3.56 28.84 40.70
C THR D 269 2.66 27.73 41.20
N LEU D 270 1.80 28.04 42.17
CA LEU D 270 0.88 27.03 42.69
C LEU D 270 0.02 26.46 41.58
N LEU D 271 -0.57 27.34 40.76
CA LEU D 271 -1.47 26.84 39.72
C LEU D 271 -0.73 26.05 38.67
N MET D 272 0.44 26.54 38.24
CA MET D 272 1.18 25.83 37.19
C MET D 272 1.67 24.48 37.67
N ALA D 273 2.06 24.38 38.95
CA ALA D 273 2.50 23.10 39.47
C ALA D 273 1.33 22.14 39.67
N ALA D 274 0.23 22.62 40.25
CA ALA D 274 -0.89 21.74 40.54
C ALA D 274 -1.59 21.28 39.28
N GLY D 275 -1.61 22.10 38.23
CA GLY D 275 -2.32 21.74 37.03
C GLY D 275 -1.67 20.69 36.17
N SER D 276 -0.55 20.14 36.62
CA SER D 276 0.16 19.11 35.88
C SER D 276 0.23 17.78 36.60
N PHE D 277 -0.33 17.68 37.81
CA PHE D 277 -0.37 16.43 38.55
C PHE D 277 -1.74 15.77 38.52
N ASP D 278 -2.81 16.56 38.59
CA ASP D 278 -4.15 16.00 38.64
C ASP D 278 -4.48 15.16 37.41
N ASP D 279 -3.77 15.39 36.30
CA ASP D 279 -4.01 14.58 35.11
C ASP D 279 -3.73 13.10 35.41
N ILE D 280 -2.66 12.84 36.16
CA ILE D 280 -2.31 11.45 36.48
C ILE D 280 -3.44 10.81 37.27
N LEU D 281 -3.95 11.50 38.29
CA LEU D 281 -5.02 10.93 39.10
C LEU D 281 -6.27 10.72 38.27
N ALA D 282 -6.63 11.68 37.44
CA ALA D 282 -7.83 11.56 36.62
C ALA D 282 -7.73 10.36 35.69
N ILE D 283 -6.59 10.21 35.01
CA ILE D 283 -6.44 9.11 34.08
C ILE D 283 -6.39 7.78 34.81
N THR D 284 -5.76 7.74 35.98
CA THR D 284 -5.73 6.51 36.75
C THR D 284 -7.14 6.08 37.16
N GLY D 285 -7.93 7.01 37.66
CA GLY D 285 -9.30 6.70 38.00
C GLY D 285 -10.11 6.26 36.80
N PHE D 286 -9.90 6.93 35.66
CA PHE D 286 -10.61 6.56 34.45
C PHE D 286 -10.28 5.13 34.05
N ASN D 287 -8.99 4.77 34.04
CA ASN D 287 -8.60 3.41 33.67
C ASN D 287 -9.17 2.39 34.64
N THR D 288 -9.10 2.67 35.93
CA THR D 288 -9.61 1.72 36.92
C THR D 288 -11.11 1.49 36.72
N CYS D 289 -11.88 2.58 36.56
CA CYS D 289 -13.31 2.45 36.43
C CYS D 289 -13.68 1.79 35.11
N LEU D 290 -12.92 2.06 34.05
CA LEU D 290 -13.17 1.39 32.78
C LEU D 290 -12.94 -0.11 32.91
N GLY D 291 -11.85 -0.49 33.55
CA GLY D 291 -11.60 -1.91 33.77
C GLY D 291 -12.70 -2.55 34.60
N ILE D 292 -13.19 -1.85 35.61
CA ILE D 292 -14.30 -2.38 36.41
C ILE D 292 -15.53 -2.55 35.54
N ALA D 293 -15.84 -1.55 34.71
CA ALA D 293 -17.05 -1.60 33.90
C ALA D 293 -17.02 -2.76 32.91
N PHE D 294 -15.87 -2.98 32.28
CA PHE D 294 -15.75 -4.06 31.30
C PHE D 294 -15.17 -5.33 31.92
N SER D 295 -14.98 -5.36 33.24
CA SER D 295 -14.52 -6.55 33.94
C SER D 295 -13.29 -7.15 33.28
N THR D 296 -12.32 -6.29 32.97
CA THR D 296 -11.07 -6.70 32.34
C THR D 296 -9.91 -6.43 33.28
N GLY D 297 -8.91 -7.29 33.24
CA GLY D 297 -7.74 -7.10 34.09
C GLY D 297 -8.12 -7.09 35.55
N SER D 298 -7.45 -6.24 36.31
CA SER D 298 -7.75 -6.10 37.73
C SER D 298 -7.55 -4.65 38.15
N THR D 299 -8.27 -4.24 39.19
CA THR D 299 -8.12 -2.88 39.69
C THR D 299 -6.74 -2.67 40.30
N VAL D 300 -6.24 -3.66 41.02
CA VAL D 300 -4.93 -3.51 41.66
C VAL D 300 -3.88 -3.18 40.62
N PHE D 301 -3.95 -3.82 39.46
CA PHE D 301 -2.97 -3.54 38.42
C PHE D 301 -3.03 -2.09 37.98
N ASN D 302 -4.23 -1.54 37.82
CA ASN D 302 -4.34 -0.17 37.33
C ASN D 302 -3.92 0.85 38.39
N VAL D 303 -4.27 0.60 39.66
CA VAL D 303 -3.81 1.49 40.74
C VAL D 303 -2.28 1.47 40.83
N LEU D 304 -1.70 0.26 40.79
CA LEU D 304 -0.24 0.17 40.80
C LEU D 304 0.35 0.82 39.57
N ARG D 305 -0.35 0.76 38.43
CA ARG D 305 0.14 1.46 37.25
C ARG D 305 0.22 2.95 37.50
N GLY D 306 -0.80 3.51 38.14
CA GLY D 306 -0.76 4.94 38.45
C GLY D 306 0.39 5.29 39.38
N VAL D 307 0.57 4.49 40.44
CA VAL D 307 1.65 4.78 41.38
C VAL D 307 3.01 4.68 40.69
N LEU D 308 3.20 3.65 39.87
CA LEU D 308 4.44 3.51 39.12
C LEU D 308 4.63 4.66 38.16
N GLU D 309 3.56 5.11 37.51
CA GLU D 309 3.66 6.28 36.66
C GLU D 309 4.28 7.43 37.44
N VAL D 310 3.73 7.72 38.62
CA VAL D 310 4.26 8.82 39.42
C VAL D 310 5.73 8.58 39.72
N VAL D 311 6.07 7.39 40.20
CA VAL D 311 7.41 7.14 40.70
C VAL D 311 8.44 7.22 39.58
N ILE D 312 8.20 6.52 38.47
CA ILE D 312 9.17 6.51 37.39
C ILE D 312 9.24 7.87 36.73
N GLY D 313 8.12 8.58 36.62
CA GLY D 313 8.17 9.93 36.10
C GLY D 313 9.07 10.82 36.94
N VAL D 314 8.90 10.77 38.26
CA VAL D 314 9.73 11.60 39.13
C VAL D 314 11.19 11.22 39.00
N ALA D 315 11.49 9.92 39.00
CA ALA D 315 12.88 9.49 38.96
C ALA D 315 13.55 9.89 37.65
N THR D 316 12.89 9.60 36.52
CA THR D 316 13.45 9.95 35.22
C THR D 316 13.61 11.45 35.08
N GLY D 317 12.60 12.22 35.51
CA GLY D 317 12.72 13.66 35.44
C GLY D 317 13.85 14.18 36.27
N SER D 318 14.03 13.64 37.48
CA SER D 318 15.11 14.11 38.33
C SER D 318 16.46 13.84 37.70
N VAL D 319 16.65 12.64 37.16
CA VAL D 319 17.93 12.31 36.54
C VAL D 319 18.19 13.23 35.35
N LEU D 320 17.21 13.37 34.46
CA LEU D 320 17.41 14.19 33.28
C LEU D 320 17.66 15.65 33.65
N GLY D 321 16.93 16.16 34.64
CA GLY D 321 17.12 17.53 35.04
C GLY D 321 18.49 17.78 35.63
N PHE D 322 18.95 16.88 36.51
CA PHE D 322 20.30 17.04 37.04
C PHE D 322 21.34 16.89 35.96
N PHE D 323 21.03 16.14 34.90
CA PHE D 323 21.98 16.01 33.80
C PHE D 323 22.08 17.30 33.01
N ILE D 324 20.98 17.72 32.37
CA ILE D 324 21.04 18.92 31.54
C ILE D 324 21.30 20.18 32.34
N GLN D 325 21.19 20.10 33.67
CA GLN D 325 21.48 21.23 34.53
C GLN D 325 22.97 21.52 34.63
N TYR D 326 23.81 20.59 34.20
CA TYR D 326 25.25 20.70 34.37
C TYR D 326 26.01 20.62 33.06
N PHE D 327 25.57 19.81 32.11
CA PHE D 327 26.53 19.40 31.11
C PHE D 327 26.70 20.41 29.99
N PRO D 328 25.64 20.89 29.37
CA PRO D 328 25.84 22.01 28.46
C PRO D 328 26.35 23.17 29.30
N SER D 329 27.65 23.42 29.21
CA SER D 329 28.33 24.26 30.17
C SER D 329 28.20 25.72 29.81
N ARG D 330 28.57 26.57 30.76
CA ARG D 330 28.44 28.00 30.55
C ARG D 330 29.43 28.54 29.54
N ASP D 331 30.38 27.72 29.08
CA ASP D 331 31.45 28.17 28.20
C ASP D 331 31.40 27.52 26.82
N GLN D 332 30.21 27.35 26.24
CA GLN D 332 30.08 26.79 24.92
C GLN D 332 29.49 27.81 23.94
N ASP D 333 29.67 27.54 22.65
CA ASP D 333 29.48 28.57 21.64
C ASP D 333 28.00 28.91 21.45
N LYS D 334 27.12 27.92 21.53
CA LYS D 334 25.71 28.13 21.22
C LYS D 334 24.85 27.69 22.38
N LEU D 335 25.21 28.15 23.57
CA LEU D 335 24.63 27.60 24.80
C LEU D 335 23.11 27.61 24.75
N VAL D 336 22.51 28.74 24.38
CA VAL D 336 21.06 28.85 24.42
C VAL D 336 20.42 27.83 23.48
N CYS D 337 20.96 27.71 22.26
CA CYS D 337 20.38 26.79 21.29
C CYS D 337 20.48 25.36 21.79
N LYS D 338 21.63 24.97 22.34
CA LYS D 338 21.81 23.61 22.81
C LYS D 338 20.89 23.31 23.99
N ARG D 339 20.77 24.25 24.93
CA ARG D 339 19.88 24.05 26.07
C ARG D 339 18.43 23.92 25.62
N THR D 340 18.00 24.79 24.71
CA THR D 340 16.64 24.72 24.22
C THR D 340 16.37 23.38 23.54
N PHE D 341 17.29 22.95 22.67
CA PHE D 341 17.10 21.67 22.02
C PHE D 341 17.05 20.55 23.03
N LEU D 342 17.93 20.58 24.03
CA LEU D 342 17.95 19.49 25.00
C LEU D 342 16.64 19.40 25.75
N VAL D 343 16.17 20.51 26.30
CA VAL D 343 14.93 20.46 27.09
C VAL D 343 13.77 20.02 26.21
N LEU D 344 13.60 20.66 25.05
CA LEU D 344 12.45 20.34 24.21
C LEU D 344 12.51 18.90 23.74
N GLY D 345 13.67 18.45 23.28
CA GLY D 345 13.79 17.09 22.77
C GLY D 345 13.59 16.06 23.85
N LEU D 346 14.17 16.28 25.03
CA LEU D 346 13.98 15.34 26.12
C LEU D 346 12.52 15.27 26.52
N SER D 347 11.83 16.41 26.55
CA SER D 347 10.42 16.39 26.90
C SER D 347 9.61 15.63 25.87
N VAL D 348 9.85 15.89 24.58
CA VAL D 348 9.11 15.18 23.53
C VAL D 348 9.38 13.69 23.62
N LEU D 349 10.65 13.32 23.79
CA LEU D 349 11.00 11.91 23.89
C LEU D 349 10.32 11.26 25.07
N ALA D 350 10.32 11.92 26.23
CA ALA D 350 9.66 11.37 27.40
C ALA D 350 8.19 11.14 27.13
N VAL D 351 7.50 12.17 26.63
CA VAL D 351 6.06 12.04 26.41
C VAL D 351 5.76 10.90 25.46
N PHE D 352 6.43 10.89 24.30
CA PHE D 352 6.08 9.91 23.28
C PHE D 352 6.47 8.51 23.69
N SER D 353 7.67 8.32 24.24
CA SER D 353 8.08 6.98 24.66
C SER D 353 7.21 6.46 25.79
N SER D 354 6.86 7.31 26.76
CA SER D 354 6.00 6.87 27.83
C SER D 354 4.64 6.45 27.29
N VAL D 355 4.07 7.22 26.36
CA VAL D 355 2.79 6.82 25.78
C VAL D 355 2.94 5.49 25.07
N HIS D 356 4.03 5.31 24.32
CA HIS D 356 4.22 4.10 23.54
C HIS D 356 4.56 2.88 24.40
N PHE D 357 5.05 3.10 25.62
CA PHE D 357 5.45 2.01 26.50
C PHE D 357 4.38 1.67 27.53
N GLY D 358 3.18 2.22 27.39
CA GLY D 358 2.08 1.85 28.26
C GLY D 358 2.03 2.58 29.58
N PHE D 359 2.71 3.73 29.70
CA PHE D 359 2.67 4.55 30.91
C PHE D 359 2.37 5.99 30.52
N PRO D 360 1.17 6.26 30.01
CA PRO D 360 0.83 7.65 29.65
C PRO D 360 0.54 8.45 30.91
N GLY D 361 1.42 9.40 31.22
CA GLY D 361 1.29 10.16 32.44
C GLY D 361 2.62 10.29 33.14
N SER D 362 3.53 9.36 32.86
CA SER D 362 4.90 9.52 33.32
C SER D 362 5.65 10.54 32.49
N GLY D 363 5.30 10.67 31.21
CA GLY D 363 5.98 11.63 30.37
C GLY D 363 5.77 13.06 30.83
N GLY D 364 4.52 13.41 31.13
CA GLY D 364 4.24 14.77 31.57
C GLY D 364 4.95 15.11 32.86
N LEU D 365 4.89 14.21 33.84
CA LEU D 365 5.55 14.46 35.12
C LEU D 365 7.06 14.53 34.96
N CYS D 366 7.62 13.64 34.14
CA CYS D 366 9.06 13.71 33.89
C CYS D 366 9.45 15.03 33.25
N THR D 367 8.66 15.48 32.27
CA THR D 367 8.95 16.76 31.63
C THR D 367 8.90 17.90 32.63
N LEU D 368 7.86 17.90 33.49
CA LEU D 368 7.73 18.97 34.46
C LEU D 368 8.92 19.00 35.41
N VAL D 369 9.29 17.84 35.95
CA VAL D 369 10.38 17.81 36.92
C VAL D 369 11.70 18.15 36.27
N MET D 370 11.95 17.63 35.07
CA MET D 370 13.18 17.93 34.36
C MET D 370 13.30 19.43 34.11
N ALA D 371 12.25 20.04 33.58
CA ALA D 371 12.30 21.47 33.29
C ALA D 371 12.46 22.28 34.57
N PHE D 372 11.79 21.87 35.65
CA PHE D 372 11.92 22.58 36.91
C PHE D 372 13.36 22.57 37.39
N LEU D 373 13.97 21.39 37.41
CA LEU D 373 15.36 21.30 37.89
C LEU D 373 16.30 22.06 36.98
N ALA D 374 16.10 21.97 35.66
CA ALA D 374 16.96 22.69 34.74
C ALA D 374 16.87 24.19 34.97
N GLY D 375 15.65 24.72 35.12
CA GLY D 375 15.51 26.12 35.39
C GLY D 375 16.14 26.52 36.71
N MET D 376 15.99 25.68 37.74
CA MET D 376 16.61 25.99 39.02
C MET D 376 18.12 26.07 38.88
N GLY D 377 18.71 25.17 38.10
CA GLY D 377 20.14 25.22 37.89
C GLY D 377 20.59 26.43 37.09
N TRP D 378 19.83 26.78 36.05
CA TRP D 378 20.24 27.86 35.15
C TRP D 378 20.04 29.24 35.75
N THR D 379 18.99 29.43 36.56
CA THR D 379 18.64 30.72 37.15
C THR D 379 18.49 31.75 36.02
N SER D 380 19.28 32.82 35.99
CA SER D 380 19.00 33.91 35.06
C SER D 380 19.05 33.45 33.60
N GLU D 381 19.94 32.53 33.27
CA GLU D 381 20.16 32.19 31.86
C GLU D 381 18.92 31.59 31.22
N LYS D 382 17.94 31.15 32.01
CA LYS D 382 16.78 30.47 31.45
C LYS D 382 15.86 31.40 30.67
N ALA D 383 16.08 32.72 30.74
CA ALA D 383 15.17 33.65 30.07
C ALA D 383 15.14 33.43 28.57
N GLU D 384 16.30 33.25 27.95
CA GLU D 384 16.33 33.05 26.50
C GLU D 384 15.64 31.76 26.11
N VAL D 385 15.87 30.69 26.87
CA VAL D 385 15.19 29.43 26.60
C VAL D 385 13.69 29.62 26.69
N GLU D 386 13.24 30.35 27.73
CA GLU D 386 11.81 30.62 27.87
C GLU D 386 11.28 31.38 26.67
N LYS D 387 12.05 32.36 26.17
CA LYS D 387 11.59 33.13 25.02
C LYS D 387 11.42 32.25 23.80
N ILE D 388 12.41 31.39 23.53
CA ILE D 388 12.33 30.52 22.36
C ILE D 388 11.15 29.57 22.49
N ILE D 389 10.96 28.99 23.67
CA ILE D 389 9.83 28.08 23.85
C ILE D 389 8.51 28.83 23.75
N ALA D 390 8.47 30.09 24.18
CA ALA D 390 7.25 30.87 24.03
C ALA D 390 6.91 31.08 22.57
N VAL D 391 7.93 31.32 21.73
CA VAL D 391 7.68 31.41 20.30
C VAL D 391 7.15 30.08 19.76
N ALA D 392 7.76 28.98 20.19
CA ALA D 392 7.29 27.67 19.76
C ALA D 392 5.83 27.46 20.15
N TRP D 393 5.46 27.84 21.37
CA TRP D 393 4.09 27.71 21.81
C TRP D 393 3.17 28.60 21.00
N ASP D 394 3.59 29.81 20.68
CA ASP D 394 2.79 30.67 19.82
C ASP D 394 2.51 29.97 18.50
N ILE D 395 3.48 29.23 17.98
CA ILE D 395 3.27 28.51 16.73
C ILE D 395 2.30 27.34 16.95
N PHE D 396 2.45 26.61 18.05
CA PHE D 396 1.77 25.33 18.20
C PHE D 396 0.38 25.43 18.83
N GLN D 397 0.06 26.52 19.50
CA GLN D 397 -1.26 26.62 20.15
C GLN D 397 -2.39 26.54 19.15
N PRO D 398 -2.36 27.26 18.02
CA PRO D 398 -3.43 27.11 17.04
C PRO D 398 -3.64 25.68 16.60
N LEU D 399 -2.56 24.93 16.38
CA LEU D 399 -2.70 23.54 15.98
C LEU D 399 -3.41 22.73 17.06
N LEU D 400 -2.96 22.86 18.30
CA LEU D 400 -3.53 22.07 19.37
C LEU D 400 -5.02 22.35 19.52
N PHE D 401 -5.40 23.62 19.57
CA PHE D 401 -6.80 23.93 19.82
C PHE D 401 -7.66 23.67 18.60
N GLY D 402 -7.14 23.90 17.40
CA GLY D 402 -7.89 23.54 16.21
C GLY D 402 -8.15 22.05 16.11
N LEU D 403 -7.14 21.23 16.45
CA LEU D 403 -7.34 19.80 16.44
C LEU D 403 -8.36 19.38 17.49
N ILE D 404 -8.26 19.94 18.69
CA ILE D 404 -9.23 19.63 19.73
C ILE D 404 -10.64 19.96 19.25
N GLY D 405 -10.82 21.12 18.63
CA GLY D 405 -12.12 21.47 18.10
C GLY D 405 -12.57 20.53 17.00
N ALA D 406 -11.64 20.14 16.12
CA ALA D 406 -11.97 19.23 15.04
C ALA D 406 -12.36 17.86 15.54
N GLU D 407 -11.95 17.49 16.76
CA GLU D 407 -12.43 16.24 17.33
C GLU D 407 -13.94 16.29 17.56
N VAL D 408 -14.45 17.42 18.02
CA VAL D 408 -15.87 17.53 18.32
C VAL D 408 -16.69 17.32 17.06
N SER D 409 -17.74 16.52 17.18
CA SER D 409 -18.68 16.28 16.10
C SER D 409 -20.09 16.61 16.58
N ILE D 410 -20.87 17.24 15.72
CA ILE D 410 -22.23 17.61 16.09
C ILE D 410 -23.14 16.39 16.18
N ALA D 411 -22.69 15.24 15.68
CA ALA D 411 -23.48 14.02 15.81
C ALA D 411 -23.68 13.68 17.28
N SER D 412 -22.65 13.87 18.10
CA SER D 412 -22.76 13.54 19.52
C SER D 412 -23.52 14.62 20.29
N LEU D 413 -23.64 15.82 19.74
CA LEU D 413 -24.37 16.90 20.39
C LEU D 413 -25.83 16.96 19.92
N ARG D 414 -26.50 15.82 19.94
CA ARG D 414 -27.89 15.80 19.50
C ARG D 414 -28.80 16.27 20.63
N PRO D 415 -29.87 17.01 20.33
CA PRO D 415 -30.74 17.49 21.40
C PRO D 415 -31.61 16.41 22.03
N GLU D 416 -31.32 15.14 21.73
CA GLU D 416 -32.06 14.05 22.37
C GLU D 416 -32.00 14.18 23.88
N THR D 417 -30.80 14.31 24.43
CA THR D 417 -30.63 14.46 25.88
C THR D 417 -29.58 15.49 26.23
N VAL D 418 -29.25 16.41 25.31
CA VAL D 418 -28.18 17.36 25.55
C VAL D 418 -28.48 18.22 26.77
N GLY D 419 -29.75 18.47 27.05
CA GLY D 419 -30.09 19.28 28.21
C GLY D 419 -29.58 18.67 29.50
N LEU D 420 -29.80 17.37 29.68
CA LEU D 420 -29.36 16.71 30.91
C LEU D 420 -27.84 16.68 31.00
N CYS D 421 -27.15 16.46 29.88
CA CYS D 421 -25.69 16.49 29.91
C CYS D 421 -25.18 17.86 30.29
N VAL D 422 -25.80 18.92 29.75
CA VAL D 422 -25.41 20.27 30.13
C VAL D 422 -25.65 20.48 31.63
N ALA D 423 -26.78 19.99 32.14
CA ALA D 423 -27.06 20.16 33.56
C ALA D 423 -26.00 19.49 34.41
N THR D 424 -25.63 18.25 34.05
CA THR D 424 -24.61 17.54 34.83
C THR D 424 -23.28 18.28 34.78
N VAL D 425 -22.87 18.74 33.60
CA VAL D 425 -21.62 19.46 33.49
C VAL D 425 -21.64 20.72 34.34
N GLY D 426 -22.73 21.48 34.27
CA GLY D 426 -22.80 22.72 35.03
C GLY D 426 -22.75 22.49 36.53
N ILE D 427 -23.52 21.51 37.01
CA ILE D 427 -23.54 21.25 38.45
C ILE D 427 -22.17 20.73 38.90
N ALA D 428 -21.55 19.87 38.11
CA ALA D 428 -20.22 19.39 38.46
C ALA D 428 -19.23 20.54 38.53
N VAL D 429 -19.32 21.49 37.61
CA VAL D 429 -18.41 22.64 37.63
C VAL D 429 -18.65 23.49 38.87
N LEU D 430 -19.91 23.72 39.24
CA LEU D 430 -20.18 24.50 40.45
C LEU D 430 -19.59 23.81 41.67
N ILE D 431 -19.77 22.50 41.78
CA ILE D 431 -19.23 21.78 42.92
C ILE D 431 -17.71 21.84 42.91
N ARG D 432 -17.12 21.79 41.71
CA ARG D 432 -15.67 21.90 41.61
C ARG D 432 -15.19 23.25 42.10
N ILE D 433 -15.90 24.32 41.74
CA ILE D 433 -15.52 25.65 42.21
C ILE D 433 -15.58 25.72 43.73
N LEU D 434 -16.67 25.23 44.31
CA LEU D 434 -16.78 25.26 45.76
C LEU D 434 -15.66 24.46 46.42
N THR D 435 -15.40 23.26 45.89
CA THR D 435 -14.34 22.43 46.47
C THR D 435 -12.99 23.11 46.37
N THR D 436 -12.68 23.72 45.22
CA THR D 436 -11.40 24.37 45.08
C THR D 436 -11.27 25.53 46.06
N PHE D 437 -12.35 26.29 46.26
CA PHE D 437 -12.30 27.35 47.26
C PHE D 437 -12.02 26.76 48.64
N LEU D 438 -12.59 25.63 48.98
CA LEU D 438 -12.41 25.09 50.34
C LEU D 438 -11.02 24.50 50.45
N MET D 439 -10.42 24.01 49.38
CA MET D 439 -9.12 23.36 49.51
C MET D 439 -8.02 24.37 49.85
N VAL D 440 -8.11 25.57 49.30
CA VAL D 440 -7.10 26.60 49.53
C VAL D 440 -7.51 27.54 50.66
N CYS D 441 -8.44 27.11 51.52
CA CYS D 441 -8.94 28.00 52.56
C CYS D 441 -7.85 28.33 53.58
N PHE D 442 -7.17 27.31 54.10
CA PHE D 442 -6.15 27.50 55.13
C PHE D 442 -4.76 27.46 54.49
N ALA D 443 -4.46 28.50 53.74
CA ALA D 443 -3.17 28.57 53.05
C ALA D 443 -2.52 29.95 53.13
N GLY D 444 -3.10 30.89 53.87
CA GLY D 444 -2.55 32.22 53.97
C GLY D 444 -3.03 33.19 52.91
N PHE D 445 -3.85 32.75 51.98
CA PHE D 445 -4.43 33.65 50.99
C PHE D 445 -5.57 34.46 51.61
N ASN D 446 -5.91 35.56 50.96
CA ASN D 446 -7.05 36.36 51.34
C ASN D 446 -8.23 36.01 50.42
N LEU D 447 -9.36 36.68 50.64
CA LEU D 447 -10.57 36.29 49.93
C LEU D 447 -10.41 36.42 48.42
N LYS D 448 -9.81 37.53 47.97
CA LYS D 448 -9.69 37.74 46.53
C LYS D 448 -8.82 36.66 45.89
N GLU D 449 -7.71 36.30 46.54
CA GLU D 449 -6.83 35.29 45.97
C GLU D 449 -7.51 33.94 45.91
N LYS D 450 -8.25 33.57 46.96
CA LYS D 450 -8.98 32.30 46.94
C LYS D 450 -10.02 32.29 45.84
N ILE D 451 -10.74 33.39 45.66
CA ILE D 451 -11.75 33.45 44.61
C ILE D 451 -11.10 33.31 43.25
N PHE D 452 -10.00 34.02 43.02
CA PHE D 452 -9.33 33.90 41.73
C PHE D 452 -8.87 32.48 41.49
N ILE D 453 -8.30 31.83 42.51
CA ILE D 453 -7.83 30.46 42.34
C ILE D 453 -8.99 29.55 41.99
N SER D 454 -10.13 29.72 42.68
CA SER D 454 -11.28 28.87 42.38
C SER D 454 -11.76 29.06 40.95
N PHE D 455 -11.79 30.30 40.47
CA PHE D 455 -12.22 30.55 39.10
C PHE D 455 -11.14 30.25 38.07
N ALA D 456 -9.90 30.03 38.49
CA ALA D 456 -8.82 29.68 37.58
C ALA D 456 -8.62 28.18 37.44
N TRP D 457 -9.40 27.37 38.15
CA TRP D 457 -9.28 25.89 38.07
C TRP D 457 -10.32 25.34 37.12
N LEU D 458 -11.09 26.16 36.40
CA LEU D 458 -12.17 25.65 35.55
C LEU D 458 -11.67 25.01 34.27
N PRO D 459 -10.77 25.63 33.51
CA PRO D 459 -10.54 25.19 32.13
C PRO D 459 -10.34 23.70 32.01
N LYS D 460 -11.06 23.09 31.07
CA LYS D 460 -10.95 21.66 30.80
C LYS D 460 -10.82 21.47 29.30
N ALA D 461 -9.77 20.76 28.90
CA ALA D 461 -9.47 20.53 27.49
C ALA D 461 -8.20 19.70 27.42
N THR D 462 -7.88 19.23 26.21
CA THR D 462 -6.66 18.51 25.84
C THR D 462 -6.48 17.20 26.60
N VAL D 463 -7.37 16.90 27.54
CA VAL D 463 -7.44 15.57 28.15
C VAL D 463 -8.84 15.00 28.12
N GLN D 464 -9.87 15.83 27.99
CA GLN D 464 -11.21 15.33 27.70
C GLN D 464 -11.31 14.91 26.24
N ALA D 465 -10.58 15.61 25.36
CA ALA D 465 -10.56 15.22 23.95
C ALA D 465 -9.69 13.99 23.73
N ALA D 466 -8.69 13.78 24.57
CA ALA D 466 -7.80 12.63 24.39
C ALA D 466 -8.49 11.33 24.76
N ILE D 467 -9.21 11.31 25.88
CA ILE D 467 -9.81 10.08 26.39
C ILE D 467 -11.34 10.17 26.43
N GLY D 468 -11.92 11.13 25.72
CA GLY D 468 -13.36 11.25 25.74
C GLY D 468 -14.06 10.05 25.13
N SER D 469 -13.54 9.55 24.01
CA SER D 469 -14.20 8.51 23.23
C SER D 469 -13.63 7.12 23.47
N VAL D 470 -12.72 6.97 24.44
CA VAL D 470 -12.14 5.66 24.70
C VAL D 470 -13.19 4.68 25.17
N ALA D 471 -14.08 5.12 26.06
CA ALA D 471 -15.13 4.24 26.57
C ALA D 471 -16.05 3.79 25.45
N LEU D 472 -16.40 4.70 24.54
CA LEU D 472 -17.26 4.31 23.43
C LEU D 472 -16.57 3.30 22.53
N ASP D 473 -15.28 3.49 22.26
CA ASP D 473 -14.55 2.54 21.45
C ASP D 473 -14.50 1.18 22.11
N THR D 474 -14.27 1.14 23.42
CA THR D 474 -14.25 -0.14 24.12
C THR D 474 -15.61 -0.82 24.05
N ALA D 475 -16.68 -0.07 24.26
CA ALA D 475 -18.02 -0.65 24.19
C ALA D 475 -18.30 -1.19 22.79
N ARG D 476 -17.88 -0.46 21.76
CA ARG D 476 -18.04 -0.95 20.40
C ARG D 476 -17.25 -2.23 20.17
N SER D 477 -16.03 -2.30 20.69
CA SER D 477 -15.24 -3.50 20.55
C SER D 477 -15.96 -4.69 21.21
N HIS D 478 -16.53 -4.48 22.39
CA HIS D 478 -17.29 -5.53 23.03
C HIS D 478 -18.63 -5.78 22.36
N GLY D 479 -19.06 -4.89 21.46
CA GLY D 479 -20.29 -5.12 20.73
C GLY D 479 -21.52 -5.20 21.61
N GLU D 480 -21.61 -4.34 22.61
CA GLU D 480 -22.77 -4.26 23.49
C GLU D 480 -23.50 -2.95 23.22
N LYS D 481 -24.82 -3.04 23.03
CA LYS D 481 -25.59 -1.85 22.71
C LYS D 481 -25.69 -0.91 23.90
N GLN D 482 -26.00 -1.46 25.08
CA GLN D 482 -26.14 -0.60 26.26
C GLN D 482 -24.83 0.12 26.56
N LEU D 483 -23.72 -0.60 26.52
CA LEU D 483 -22.44 0.03 26.78
C LEU D 483 -22.12 1.08 25.73
N GLU D 484 -22.56 0.87 24.49
CA GLU D 484 -22.38 1.90 23.47
C GLU D 484 -23.17 3.15 23.82
N ASP D 485 -24.40 2.97 24.32
CA ASP D 485 -25.19 4.11 24.74
C ASP D 485 -24.48 4.87 25.86
N TYR D 486 -23.96 4.14 26.84
CA TYR D 486 -23.26 4.80 27.94
C TYR D 486 -22.03 5.54 27.45
N GLY D 487 -21.25 4.92 26.57
CA GLY D 487 -20.07 5.58 26.04
C GLY D 487 -20.42 6.82 25.25
N MET D 488 -21.55 6.80 24.55
CA MET D 488 -22.00 7.97 23.83
C MET D 488 -22.37 9.10 24.78
N ASP D 489 -23.03 8.78 25.89
CA ASP D 489 -23.29 9.80 26.90
C ASP D 489 -21.99 10.38 27.44
N VAL D 490 -21.00 9.51 27.70
CA VAL D 490 -19.71 9.97 28.20
C VAL D 490 -19.06 10.93 27.20
N LEU D 491 -19.08 10.57 25.92
CA LEU D 491 -18.47 11.41 24.90
C LEU D 491 -19.19 12.76 24.80
N THR D 492 -20.52 12.74 24.83
CA THR D 492 -21.26 13.99 24.79
C THR D 492 -20.86 14.88 25.95
N VAL D 493 -20.77 14.31 27.15
CA VAL D 493 -20.44 15.11 28.31
C VAL D 493 -19.02 15.65 28.22
N ALA D 494 -18.10 14.86 27.69
CA ALA D 494 -16.73 15.33 27.54
C ALA D 494 -16.67 16.54 26.62
N PHE D 495 -17.28 16.43 25.44
CA PHE D 495 -17.25 17.56 24.51
C PHE D 495 -17.97 18.77 25.07
N LEU D 496 -19.12 18.55 25.71
CA LEU D 496 -19.79 19.64 26.40
C LEU D 496 -18.83 20.35 27.33
N SER D 497 -18.28 19.62 28.31
CA SER D 497 -17.38 20.21 29.28
C SER D 497 -16.28 21.03 28.61
N ILE D 498 -15.65 20.47 27.58
CA ILE D 498 -14.62 21.23 26.87
C ILE D 498 -15.18 22.57 26.42
N LEU D 499 -16.23 22.54 25.59
CA LEU D 499 -16.73 23.77 24.99
C LEU D 499 -17.18 24.76 26.05
N ILE D 500 -17.90 24.28 27.07
CA ILE D 500 -18.45 25.18 28.07
C ILE D 500 -17.35 25.83 28.89
N THR D 501 -16.35 25.05 29.32
CA THR D 501 -15.43 25.50 30.36
C THR D 501 -14.15 26.10 29.84
N ALA D 502 -13.63 25.67 28.69
CA ALA D 502 -12.36 26.25 28.24
C ALA D 502 -12.47 27.73 27.95
N PRO D 503 -13.43 28.22 27.14
CA PRO D 503 -13.47 29.65 26.84
C PRO D 503 -13.79 30.49 28.06
N ILE D 504 -14.83 30.11 28.80
CA ILE D 504 -15.21 30.87 29.98
C ILE D 504 -14.07 30.87 30.98
N GLY D 505 -13.37 29.73 31.11
CA GLY D 505 -12.27 29.66 32.05
C GLY D 505 -11.13 30.59 31.68
N SER D 506 -10.74 30.59 30.40
CA SER D 506 -9.67 31.49 29.97
C SER D 506 -10.08 32.95 30.12
N LEU D 507 -11.31 33.28 29.74
CA LEU D 507 -11.78 34.65 29.87
C LEU D 507 -11.79 35.08 31.33
N LEU D 508 -12.25 34.21 32.23
CA LEU D 508 -12.28 34.55 33.64
C LEU D 508 -10.89 34.73 34.19
N ILE D 509 -9.95 33.87 33.80
CA ILE D 509 -8.57 34.06 34.26
C ILE D 509 -8.07 35.43 33.84
N GLY D 510 -8.23 35.76 32.56
CA GLY D 510 -7.75 37.05 32.08
C GLY D 510 -8.40 38.21 32.79
N LEU D 511 -9.73 38.15 32.98
CA LEU D 511 -10.44 39.26 33.59
C LEU D 511 -10.07 39.42 35.06
N LEU D 512 -10.06 38.34 35.81
CA LEU D 512 -9.86 38.39 37.26
C LEU D 512 -8.41 38.45 37.67
N GLY D 513 -7.46 38.24 36.76
CA GLY D 513 -6.07 38.29 37.12
C GLY D 513 -5.67 39.63 37.70
N PRO D 514 -5.67 40.67 36.88
CA PRO D 514 -5.24 41.99 37.36
C PRO D 514 -6.01 42.48 38.56
N ARG D 515 -7.31 42.20 38.65
CA ARG D 515 -8.13 42.77 39.71
C ARG D 515 -7.85 42.11 41.05
N LEU D 516 -8.07 40.80 41.15
CA LEU D 516 -8.00 40.12 42.44
C LEU D 516 -6.57 39.98 42.93
N LEU D 517 -5.65 39.61 42.05
CA LEU D 517 -4.28 39.39 42.47
C LEU D 517 -3.60 40.71 42.83
N GLN D 518 -2.58 40.61 43.69
CA GLN D 518 -1.87 41.79 44.20
C GLN D 518 -0.57 41.95 43.43
N LYS D 519 -0.49 43.01 42.62
CA LYS D 519 0.71 43.27 41.84
C LYS D 519 1.88 43.62 42.74
N VAL D 520 3.07 43.26 42.29
CA VAL D 520 4.32 43.55 42.99
C VAL D 520 5.21 44.33 42.04
N GLU D 521 5.74 45.46 42.52
CA GLU D 521 6.59 46.31 41.69
C GLU D 521 7.81 46.77 42.47
N PRO E 79 34.24 19.72 38.38
CA PRO E 79 33.06 19.83 37.53
C PRO E 79 33.40 19.70 36.04
N PRO E 80 32.39 19.47 35.19
CA PRO E 80 32.66 19.29 33.77
C PRO E 80 33.35 20.49 33.16
N HIS E 81 34.27 20.23 32.23
CA HIS E 81 35.00 21.30 31.55
C HIS E 81 35.88 20.66 30.48
N GLY E 82 36.18 21.44 29.45
CA GLY E 82 37.15 21.03 28.46
C GLY E 82 36.58 20.10 27.40
N LEU E 83 37.48 19.32 26.81
CA LEU E 83 37.13 18.49 25.66
C LEU E 83 36.09 17.45 26.05
N LEU E 84 36.21 16.87 27.24
CA LEU E 84 35.30 15.80 27.63
C LEU E 84 33.86 16.28 27.70
N ASP E 85 33.64 17.47 28.26
CA ASP E 85 32.27 18.00 28.32
C ASP E 85 31.71 18.22 26.92
N ARG E 86 32.52 18.78 26.03
CA ARG E 86 32.05 19.04 24.67
C ARG E 86 31.68 17.75 23.96
N VAL E 87 32.52 16.72 24.10
CA VAL E 87 32.24 15.47 23.41
C VAL E 87 31.01 14.79 24.01
N ILE E 88 30.87 14.86 25.34
CA ILE E 88 29.69 14.28 25.97
C ILE E 88 28.42 14.97 25.45
N THR E 89 28.45 16.30 25.40
CA THR E 89 27.29 17.04 24.94
C THR E 89 26.96 16.70 23.49
N ASN E 90 27.98 16.63 22.63
CA ASN E 90 27.73 16.38 21.22
C ASN E 90 27.17 14.98 21.00
N VAL E 91 27.75 13.98 21.67
CA VAL E 91 27.23 12.62 21.57
C VAL E 91 25.79 12.58 22.05
N THR E 92 25.50 13.26 23.17
CA THR E 92 24.15 13.29 23.69
C THR E 92 23.19 13.91 22.69
N ILE E 93 23.58 15.02 22.07
CA ILE E 93 22.69 15.68 21.12
C ILE E 93 22.42 14.77 19.93
N ILE E 94 23.44 14.10 19.42
CA ILE E 94 23.26 13.21 18.27
C ILE E 94 22.27 12.10 18.63
N VAL E 95 22.55 11.40 19.73
CA VAL E 95 21.71 10.28 20.12
C VAL E 95 20.30 10.75 20.39
N LEU E 96 20.16 11.93 20.99
CA LEU E 96 18.85 12.45 21.34
C LEU E 96 18.05 12.82 20.10
N LEU E 97 18.71 13.39 19.09
CA LEU E 97 18.00 13.69 17.85
C LEU E 97 17.47 12.41 17.22
N TRP E 98 18.32 11.38 17.15
CA TRP E 98 17.82 10.13 16.59
C TRP E 98 16.67 9.59 17.43
N ALA E 99 16.80 9.64 18.75
CA ALA E 99 15.78 9.06 19.62
C ALA E 99 14.46 9.79 19.47
N VAL E 100 14.50 11.12 19.38
CA VAL E 100 13.27 11.89 19.23
C VAL E 100 12.59 11.53 17.92
N VAL E 101 13.37 11.46 16.83
CA VAL E 101 12.77 11.11 15.55
C VAL E 101 12.15 9.72 15.62
N TRP E 102 12.86 8.77 16.22
CA TRP E 102 12.33 7.41 16.34
C TRP E 102 11.05 7.39 17.17
N SER E 103 11.02 8.14 18.25
CA SER E 103 9.82 8.14 19.08
C SER E 103 8.63 8.67 18.32
N ILE E 104 8.84 9.73 17.53
CA ILE E 104 7.71 10.31 16.80
C ILE E 104 7.26 9.39 15.67
N THR E 105 8.20 8.83 14.92
CA THR E 105 7.88 8.04 13.73
C THR E 105 7.90 6.54 13.99
N GLY E 106 8.96 6.04 14.60
CA GLY E 106 9.03 4.66 15.05
C GLY E 106 9.67 3.69 14.08
N SER E 107 8.96 3.32 13.02
CA SER E 107 9.51 2.35 12.08
C SER E 107 10.40 3.01 11.03
N GLU E 108 10.15 4.27 10.70
CA GLU E 108 10.99 4.96 9.74
C GLU E 108 12.41 5.11 10.26
N CYS E 109 12.56 5.45 11.54
CA CYS E 109 13.88 5.71 12.11
C CYS E 109 14.48 4.48 12.77
N LEU E 110 14.46 3.36 12.06
CA LEU E 110 15.10 2.14 12.50
C LEU E 110 15.83 1.54 11.30
N PRO E 111 16.81 0.68 11.54
CA PRO E 111 17.60 0.14 10.43
C PRO E 111 16.73 -0.33 9.28
N GLY E 112 16.94 0.26 8.09
CA GLY E 112 16.17 -0.08 6.92
C GLY E 112 15.21 1.03 6.52
N GLY E 113 14.59 1.66 7.51
CA GLY E 113 13.68 2.75 7.24
C GLY E 113 14.39 3.97 6.66
N ASN E 114 13.59 4.83 6.06
CA ASN E 114 14.12 5.96 5.31
C ASN E 114 14.82 6.96 6.22
N LEU E 115 14.13 7.39 7.28
CA LEU E 115 14.66 8.48 8.10
C LEU E 115 15.94 8.05 8.81
N PHE E 116 16.02 6.78 9.22
CA PHE E 116 17.27 6.29 9.80
C PHE E 116 18.41 6.44 8.81
N GLY E 117 18.16 6.09 7.55
CA GLY E 117 19.19 6.25 6.54
C GLY E 117 19.60 7.70 6.37
N ILE E 118 18.63 8.61 6.33
CA ILE E 118 18.95 10.02 6.17
C ILE E 118 19.79 10.52 7.33
N ILE E 119 19.40 10.17 8.55
CA ILE E 119 20.12 10.64 9.74
C ILE E 119 21.54 10.10 9.74
N ILE E 120 21.70 8.82 9.44
CA ILE E 120 23.02 8.22 9.47
C ILE E 120 23.90 8.84 8.39
N LEU E 121 23.34 9.06 7.20
CA LEU E 121 24.11 9.69 6.14
C LEU E 121 24.54 11.09 6.53
N PHE E 122 23.64 11.85 7.15
CA PHE E 122 23.98 13.20 7.59
C PHE E 122 25.15 13.17 8.57
N TYR E 123 25.04 12.34 9.60
CA TYR E 123 26.11 12.29 10.60
C TYR E 123 27.42 11.81 9.99
N CYS E 124 27.37 10.79 9.13
CA CYS E 124 28.58 10.27 8.53
C CYS E 124 29.25 11.32 7.66
N ALA E 125 28.44 12.08 6.91
CA ALA E 125 29.00 13.14 6.09
C ALA E 125 29.69 14.20 6.96
N ILE E 126 29.04 14.61 8.05
CA ILE E 126 29.64 15.63 8.91
C ILE E 126 30.95 15.11 9.50
N ILE E 127 30.94 13.87 10.00
CA ILE E 127 32.13 13.31 10.62
C ILE E 127 33.26 13.20 9.61
N GLY E 128 32.94 12.76 8.39
CA GLY E 128 33.97 12.66 7.37
C GLY E 128 34.55 14.02 7.02
N GLY E 129 33.69 15.03 6.89
CA GLY E 129 34.19 16.36 6.61
C GLY E 129 35.16 16.83 7.68
N LYS E 130 34.78 16.65 8.95
CA LYS E 130 35.65 17.09 10.04
C LYS E 130 36.97 16.32 10.02
N LEU E 131 36.90 15.00 9.89
CA LEU E 131 38.12 14.19 9.92
C LEU E 131 39.07 14.59 8.81
N LEU E 132 38.55 14.73 7.58
CA LEU E 132 39.41 15.14 6.48
C LEU E 132 39.97 16.53 6.71
N GLY E 133 39.18 17.43 7.28
CA GLY E 133 39.69 18.75 7.59
C GLY E 133 40.84 18.71 8.58
N LEU E 134 40.83 17.74 9.50
CA LEU E 134 41.88 17.67 10.50
C LEU E 134 43.26 17.48 9.86
N ILE E 135 43.36 16.60 8.87
CA ILE E 135 44.66 16.21 8.35
C ILE E 135 45.27 17.37 7.58
N LYS E 136 46.42 17.86 8.06
CA LYS E 136 47.21 18.84 7.31
C LYS E 136 48.68 18.63 7.68
N LEU E 137 49.34 17.75 6.93
CA LEU E 137 50.79 17.58 7.06
C LEU E 137 51.56 18.58 6.19
N PRO E 138 51.32 18.61 4.87
CA PRO E 138 52.25 19.33 3.97
C PRO E 138 51.88 20.79 3.76
N THR E 139 52.65 21.47 2.91
CA THR E 139 52.39 22.88 2.64
C THR E 139 50.96 23.11 2.16
N LEU E 140 50.37 22.14 1.48
CA LEU E 140 49.01 22.31 1.00
C LEU E 140 48.06 22.44 2.20
N PRO E 141 47.03 23.27 2.11
CA PRO E 141 46.12 23.47 3.24
C PRO E 141 45.41 22.17 3.59
N PRO E 142 44.61 22.17 4.65
CA PRO E 142 43.88 20.95 5.01
C PRO E 142 42.98 20.50 3.88
N LEU E 143 42.84 19.18 3.75
CA LEU E 143 42.07 18.64 2.65
C LEU E 143 40.63 19.16 2.74
N PRO E 144 39.99 19.41 1.60
CA PRO E 144 38.63 19.95 1.64
C PRO E 144 37.67 18.97 2.28
N SER E 145 36.69 19.51 3.02
CA SER E 145 35.67 18.65 3.61
C SER E 145 34.80 17.99 2.55
N LEU E 146 34.79 18.52 1.33
CA LEU E 146 34.05 17.88 0.25
C LEU E 146 34.50 16.44 0.06
N LEU E 147 35.81 16.20 0.09
CA LEU E 147 36.31 14.86 -0.05
C LEU E 147 35.80 13.97 1.07
N GLY E 148 35.77 14.49 2.30
CA GLY E 148 35.28 13.69 3.41
C GLY E 148 33.82 13.32 3.25
N MET E 149 32.98 14.29 2.87
CA MET E 149 31.57 14.00 2.71
C MET E 149 31.31 13.03 1.57
N LEU E 150 32.00 13.22 0.44
CA LEU E 150 31.86 12.29 -0.68
C LEU E 150 32.28 10.89 -0.27
N LEU E 151 33.40 10.76 0.44
CA LEU E 151 33.87 9.45 0.86
C LEU E 151 32.89 8.81 1.84
N ALA E 152 32.31 9.60 2.73
CA ALA E 152 31.31 9.06 3.65
C ALA E 152 30.14 8.48 2.89
N GLY E 153 29.59 9.24 1.95
CA GLY E 153 28.49 8.73 1.14
C GLY E 153 28.89 7.50 0.35
N PHE E 154 30.08 7.51 -0.22
CA PHE E 154 30.56 6.38 -1.01
C PHE E 154 30.67 5.12 -0.16
N LEU E 155 31.25 5.25 1.03
CA LEU E 155 31.40 4.09 1.90
C LEU E 155 30.04 3.59 2.37
N ILE E 156 29.10 4.49 2.63
CA ILE E 156 27.76 4.05 3.00
C ILE E 156 27.14 3.25 1.85
N ARG E 157 27.32 3.74 0.62
CA ARG E 157 26.70 3.06 -0.51
C ARG E 157 27.34 1.70 -0.78
N ASN E 158 28.65 1.58 -0.58
CA ASN E 158 29.38 0.44 -1.10
C ASN E 158 29.69 -0.63 -0.07
N ILE E 159 29.84 -0.29 1.20
CA ILE E 159 30.05 -1.34 2.20
C ILE E 159 28.78 -2.19 2.26
N PRO E 160 28.87 -3.53 2.20
CA PRO E 160 27.66 -4.33 2.01
C PRO E 160 26.60 -4.13 3.08
N VAL E 161 26.93 -4.41 4.35
CA VAL E 161 25.91 -4.43 5.39
C VAL E 161 25.45 -3.01 5.70
N ILE E 162 26.37 -2.05 5.77
CA ILE E 162 25.99 -0.67 5.97
C ILE E 162 25.03 -0.22 4.89
N ASN E 163 25.30 -0.62 3.65
CA ASN E 163 24.43 -0.24 2.54
C ASN E 163 23.06 -0.88 2.70
N ASP E 164 23.03 -2.15 3.12
CA ASP E 164 21.75 -2.83 3.30
C ASP E 164 20.90 -2.12 4.34
N ASN E 165 21.52 -1.71 5.45
CA ASN E 165 20.76 -1.09 6.53
C ASN E 165 20.33 0.34 6.19
N VAL E 166 21.22 1.11 5.57
CA VAL E 166 21.01 2.53 5.34
C VAL E 166 20.44 2.68 3.93
N GLN E 167 19.12 2.85 3.83
CA GLN E 167 18.44 3.00 2.56
C GLN E 167 17.63 4.28 2.57
N ILE E 168 17.85 5.13 1.57
CA ILE E 168 17.16 6.41 1.44
C ILE E 168 16.31 6.35 0.18
N LYS E 169 15.04 6.69 0.30
CA LYS E 169 14.16 6.70 -0.86
C LYS E 169 14.68 7.69 -1.89
N HIS E 170 14.54 7.33 -3.17
CA HIS E 170 15.06 8.20 -4.22
C HIS E 170 14.38 9.56 -4.21
N LYS E 171 13.06 9.58 -3.98
CA LYS E 171 12.35 10.85 -3.93
C LYS E 171 12.96 11.78 -2.91
N TRP E 172 13.22 11.28 -1.71
CA TRP E 172 13.78 12.12 -0.65
C TRP E 172 15.16 12.62 -1.02
N SER E 173 15.99 11.75 -1.59
CA SER E 173 17.34 12.16 -1.96
C SER E 173 17.30 13.27 -3.00
N SER E 174 16.49 13.09 -4.04
CA SER E 174 16.39 14.12 -5.07
C SER E 174 15.86 15.43 -4.50
N SER E 175 14.86 15.34 -3.63
CA SER E 175 14.29 16.55 -3.05
C SER E 175 15.31 17.29 -2.20
N LEU E 176 16.06 16.56 -1.38
CA LEU E 176 17.07 17.21 -0.54
C LEU E 176 18.15 17.86 -1.39
N ARG E 177 18.60 17.17 -2.44
CA ARG E 177 19.62 17.76 -3.31
C ARG E 177 19.08 19.01 -4.00
N SER E 178 17.82 18.98 -4.43
CA SER E 178 17.23 20.15 -5.04
C SER E 178 17.16 21.31 -4.06
N ILE E 179 16.81 21.05 -2.81
CA ILE E 179 16.74 22.12 -1.81
C ILE E 179 18.13 22.70 -1.58
N ALA E 180 19.15 21.85 -1.50
CA ALA E 180 20.49 22.36 -1.32
C ALA E 180 20.92 23.24 -2.50
N LEU E 181 20.58 22.80 -3.71
CA LEU E 181 20.90 23.61 -4.88
C LEU E 181 20.20 24.95 -4.83
N SER E 182 18.92 24.97 -4.44
CA SER E 182 18.21 26.24 -4.34
C SER E 182 18.85 27.15 -3.31
N ILE E 183 19.25 26.60 -2.17
CA ILE E 183 19.91 27.40 -1.15
C ILE E 183 21.17 28.03 -1.70
N ILE E 184 22.01 27.23 -2.36
CA ILE E 184 23.28 27.77 -2.82
C ILE E 184 23.07 28.79 -3.92
N LEU E 185 22.08 28.58 -4.78
CA LEU E 185 21.80 29.55 -5.83
C LEU E 185 21.32 30.88 -5.24
N VAL E 186 20.47 30.82 -4.21
CA VAL E 186 20.05 32.05 -3.53
C VAL E 186 21.25 32.74 -2.92
N ARG E 187 22.12 31.99 -2.27
CA ARG E 187 23.29 32.59 -1.64
C ARG E 187 24.17 33.27 -2.68
N ALA E 188 24.40 32.60 -3.82
CA ALA E 188 25.19 33.20 -4.88
C ALA E 188 24.55 34.46 -5.42
N GLY E 189 23.25 34.41 -5.71
CA GLY E 189 22.58 35.58 -6.24
C GLY E 189 22.65 36.76 -5.30
N LEU E 190 22.51 36.51 -3.99
CA LEU E 190 22.65 37.59 -3.03
C LEU E 190 24.07 38.13 -3.00
N GLY E 191 25.06 37.24 -3.15
CA GLY E 191 26.45 37.66 -3.06
C GLY E 191 26.99 38.40 -4.26
N LEU E 192 26.23 38.49 -5.35
CA LEU E 192 26.71 39.16 -6.55
C LEU E 192 26.87 40.66 -6.29
N ASP E 193 27.72 41.29 -7.08
CA ASP E 193 27.96 42.72 -7.02
C ASP E 193 27.49 43.36 -8.32
N SER E 194 26.61 44.36 -8.21
CA SER E 194 26.00 44.93 -9.40
C SER E 194 27.02 45.61 -10.30
N LYS E 195 27.93 46.39 -9.72
CA LYS E 195 28.89 47.12 -10.53
C LYS E 195 29.83 46.18 -11.28
N ALA E 196 30.33 45.15 -10.58
CA ALA E 196 31.20 44.19 -11.23
C ALA E 196 30.48 43.51 -12.38
N LEU E 197 29.23 43.10 -12.16
CA LEU E 197 28.46 42.48 -13.24
C LEU E 197 28.28 43.44 -14.40
N LYS E 198 28.07 44.72 -14.11
CA LYS E 198 27.93 45.71 -15.17
C LYS E 198 29.22 45.83 -15.97
N LYS E 199 30.36 45.64 -15.33
CA LYS E 199 31.63 45.76 -16.03
C LYS E 199 31.96 44.49 -16.82
N LEU E 200 32.11 43.37 -16.12
CA LEU E 200 32.46 42.08 -16.73
C LEU E 200 31.22 41.47 -17.38
N LYS E 201 30.82 42.05 -18.50
CA LYS E 201 29.59 41.67 -19.16
C LYS E 201 29.83 40.60 -20.21
N GLY E 202 30.67 40.89 -21.22
CA GLY E 202 31.00 39.88 -22.20
C GLY E 202 31.83 38.75 -21.62
N VAL E 203 32.73 39.08 -20.69
CA VAL E 203 33.61 38.07 -20.12
C VAL E 203 32.79 36.98 -19.45
N CYS E 204 31.71 37.35 -18.78
CA CYS E 204 30.87 36.34 -18.14
C CYS E 204 30.28 35.39 -19.16
N VAL E 205 29.78 35.92 -20.27
CA VAL E 205 29.18 35.07 -21.30
C VAL E 205 30.23 34.12 -21.87
N ARG E 206 31.40 34.66 -22.20
CA ARG E 206 32.46 33.81 -22.72
C ARG E 206 32.81 32.71 -21.74
N LEU E 207 33.07 33.08 -20.49
CA LEU E 207 33.45 32.09 -19.49
C LEU E 207 32.38 31.03 -19.33
N SER E 208 31.11 31.42 -19.43
CA SER E 208 30.03 30.47 -19.18
C SER E 208 29.82 29.52 -20.35
N MET E 209 29.97 30.00 -21.59
CA MET E 209 29.54 29.20 -22.74
C MET E 209 30.68 28.68 -23.61
N GLY E 210 31.91 29.15 -23.44
CA GLY E 210 33.00 28.71 -24.27
C GLY E 210 33.64 27.41 -23.79
N PRO E 211 34.13 27.40 -22.55
CA PRO E 211 34.78 26.17 -22.07
C PRO E 211 33.87 24.96 -22.09
N CYS E 212 32.59 25.14 -21.77
CA CYS E 212 31.68 24.00 -21.80
C CYS E 212 31.60 23.40 -23.20
N ILE E 213 31.44 24.25 -24.22
CA ILE E 213 31.33 23.75 -25.58
C ILE E 213 32.63 23.07 -26.00
N VAL E 214 33.76 23.72 -25.75
CA VAL E 214 35.02 23.16 -26.22
C VAL E 214 35.31 21.83 -25.53
N GLU E 215 35.06 21.76 -24.22
CA GLU E 215 35.26 20.50 -23.50
C GLU E 215 34.30 19.43 -24.01
N ALA E 216 33.06 19.79 -24.30
CA ALA E 216 32.13 18.79 -24.84
C ALA E 216 32.64 18.23 -26.16
N CYS E 217 33.12 19.11 -27.04
CA CYS E 217 33.60 18.64 -28.34
C CYS E 217 34.83 17.76 -28.18
N THR E 218 35.80 18.19 -27.38
CA THR E 218 37.03 17.41 -27.23
C THR E 218 36.75 16.09 -26.54
N SER E 219 35.86 16.09 -25.54
CA SER E 219 35.51 14.85 -24.86
C SER E 219 34.78 13.90 -25.81
N ALA E 220 33.94 14.43 -26.69
CA ALA E 220 33.30 13.57 -27.68
C ALA E 220 34.33 12.96 -28.62
N LEU E 221 35.31 13.76 -29.04
CA LEU E 221 36.39 13.22 -29.86
C LEU E 221 37.10 12.07 -29.14
N LEU E 222 37.46 12.30 -27.89
CA LEU E 222 38.16 11.27 -27.13
C LEU E 222 37.30 10.03 -26.94
N ALA E 223 36.02 10.22 -26.66
CA ALA E 223 35.13 9.07 -26.49
C ALA E 223 35.07 8.26 -27.77
N HIS E 224 34.95 8.93 -28.92
CA HIS E 224 34.87 8.17 -30.16
C HIS E 224 36.15 7.41 -30.42
N TYR E 225 37.31 8.02 -30.17
CA TYR E 225 38.55 7.36 -30.56
C TYR E 225 38.99 6.32 -29.54
N LEU E 226 38.97 6.67 -28.25
CA LEU E 226 39.41 5.74 -27.21
C LEU E 226 38.32 4.73 -26.86
N LEU E 227 37.19 5.21 -26.35
CA LEU E 227 36.15 4.30 -25.86
C LEU E 227 35.42 3.63 -27.02
N GLY E 228 35.43 4.22 -28.20
CA GLY E 228 34.78 3.63 -29.34
C GLY E 228 33.32 3.99 -29.50
N LEU E 229 32.80 4.91 -28.68
CA LEU E 229 31.41 5.32 -28.83
C LEU E 229 31.21 5.95 -30.20
N PRO E 230 30.00 5.91 -30.74
CA PRO E 230 29.73 6.67 -31.95
C PRO E 230 29.77 8.16 -31.65
N TRP E 231 29.43 9.01 -32.62
CA TRP E 231 29.55 10.44 -32.40
C TRP E 231 28.44 10.96 -31.50
N GLN E 232 27.21 10.49 -31.71
CA GLN E 232 26.10 10.98 -30.91
C GLN E 232 26.33 10.69 -29.43
N TRP E 233 26.78 9.48 -29.13
CA TRP E 233 27.07 9.13 -27.75
C TRP E 233 28.31 9.85 -27.25
N GLY E 234 29.28 10.09 -28.12
CA GLY E 234 30.42 10.89 -27.72
C GLY E 234 30.00 12.27 -27.24
N PHE E 235 29.06 12.90 -27.94
CA PHE E 235 28.60 14.22 -27.54
C PHE E 235 27.68 14.17 -26.33
N ILE E 236 26.87 13.13 -26.20
CA ILE E 236 26.11 12.95 -24.97
C ILE E 236 27.05 12.93 -23.78
N LEU E 237 28.13 12.15 -23.89
CA LEU E 237 29.12 12.09 -22.82
C LEU E 237 29.79 13.45 -22.62
N GLY E 238 30.16 14.12 -23.71
CA GLY E 238 30.82 15.41 -23.57
C GLY E 238 29.96 16.42 -22.85
N PHE E 239 28.65 16.42 -23.10
CA PHE E 239 27.77 17.36 -22.45
C PHE E 239 27.46 16.98 -21.02
N VAL E 240 27.38 15.68 -20.72
CA VAL E 240 27.27 15.27 -19.32
C VAL E 240 28.48 15.73 -18.53
N LEU E 241 29.66 15.56 -19.11
CA LEU E 241 30.92 15.98 -18.52
C LEU E 241 31.17 17.46 -18.81
N GLY E 242 30.14 18.26 -18.56
CA GLY E 242 30.13 19.65 -18.97
C GLY E 242 30.16 20.65 -17.84
N ALA E 243 28.98 21.17 -17.50
CA ALA E 243 28.82 22.30 -16.58
C ALA E 243 29.64 22.19 -15.30
N VAL E 244 30.19 23.33 -14.87
CA VAL E 244 30.83 23.41 -13.57
C VAL E 244 29.75 23.42 -12.48
N SER E 245 30.15 23.05 -11.27
CA SER E 245 29.20 22.91 -10.17
C SER E 245 29.15 24.18 -9.35
N PRO E 246 28.00 24.86 -9.26
CA PRO E 246 27.92 25.99 -8.33
C PRO E 246 28.09 25.59 -6.88
N ALA E 247 27.74 24.35 -6.52
CA ALA E 247 27.84 23.94 -5.12
C ALA E 247 29.26 24.03 -4.60
N VAL E 248 30.25 23.82 -5.47
CA VAL E 248 31.64 23.89 -5.07
C VAL E 248 32.21 25.29 -5.26
N VAL E 249 31.87 25.94 -6.36
CA VAL E 249 32.46 27.24 -6.68
C VAL E 249 31.92 28.31 -5.74
N VAL E 250 30.60 28.33 -5.52
CA VAL E 250 29.98 29.46 -4.83
C VAL E 250 30.49 29.63 -3.41
N PRO E 251 30.51 28.60 -2.55
CA PRO E 251 30.97 28.83 -1.18
C PRO E 251 32.40 29.36 -1.11
N SER E 252 33.29 28.84 -1.95
CA SER E 252 34.67 29.30 -1.91
C SER E 252 34.78 30.74 -2.39
N MET E 253 34.07 31.11 -3.45
CA MET E 253 34.12 32.47 -3.92
C MET E 253 33.50 33.43 -2.91
N LEU E 254 32.46 32.99 -2.19
CA LEU E 254 31.90 33.83 -1.15
C LEU E 254 32.89 34.02 0.00
N LEU E 255 33.59 32.95 0.38
CA LEU E 255 34.64 33.09 1.39
C LEU E 255 35.68 34.10 0.95
N LEU E 256 36.15 33.97 -0.29
CA LEU E 256 37.17 34.89 -0.78
C LEU E 256 36.64 36.32 -0.84
N GLN E 257 35.41 36.50 -1.30
CA GLN E 257 34.83 37.84 -1.37
C GLN E 257 34.72 38.46 0.02
N GLY E 258 34.27 37.68 1.00
CA GLY E 258 34.27 38.17 2.36
C GLY E 258 35.65 38.57 2.83
N GLY E 259 36.66 37.77 2.48
CA GLY E 259 38.03 38.14 2.80
C GLY E 259 38.52 39.35 2.05
N GLY E 260 37.88 39.71 0.93
CA GLY E 260 38.28 40.86 0.16
C GLY E 260 39.24 40.58 -0.96
N TYR E 261 39.42 39.32 -1.36
CA TYR E 261 40.36 38.96 -2.41
C TYR E 261 39.71 39.10 -3.78
N GLY E 262 40.38 39.80 -4.69
CA GLY E 262 39.89 39.95 -6.03
C GLY E 262 38.64 40.79 -6.16
N VAL E 263 38.22 41.46 -5.08
CA VAL E 263 36.99 42.25 -5.13
C VAL E 263 37.15 43.44 -6.06
N GLU E 264 38.34 44.04 -6.11
CA GLU E 264 38.53 45.24 -6.92
C GLU E 264 38.17 44.97 -8.38
N LYS E 265 38.52 43.80 -8.90
CA LYS E 265 38.19 43.42 -10.27
C LYS E 265 36.98 42.50 -10.35
N GLY E 266 36.36 42.19 -9.22
CA GLY E 266 35.13 41.42 -9.24
C GLY E 266 35.28 40.02 -9.79
N VAL E 267 36.38 39.34 -9.47
CA VAL E 267 36.52 37.94 -9.85
C VAL E 267 35.45 37.08 -9.18
N PRO E 268 35.20 37.18 -7.87
CA PRO E 268 34.17 36.33 -7.28
C PRO E 268 32.81 36.53 -7.92
N THR E 269 32.45 37.77 -8.25
CA THR E 269 31.19 38.02 -8.93
C THR E 269 31.15 37.32 -10.29
N LEU E 270 32.23 37.44 -11.06
CA LEU E 270 32.28 36.80 -12.37
C LEU E 270 32.08 35.30 -12.23
N LEU E 271 32.79 34.66 -11.31
CA LEU E 271 32.69 33.21 -11.19
C LEU E 271 31.31 32.80 -10.71
N MET E 272 30.76 33.50 -9.70
CA MET E 272 29.46 33.10 -9.17
C MET E 272 28.37 33.30 -10.20
N ALA E 273 28.46 34.35 -11.02
CA ALA E 273 27.46 34.56 -12.06
C ALA E 273 27.59 33.55 -13.18
N ALA E 274 28.82 33.31 -13.66
CA ALA E 274 29.01 32.42 -14.79
C ALA E 274 28.73 30.97 -14.43
N GLY E 275 28.97 30.57 -13.19
CA GLY E 275 28.78 29.19 -12.81
C GLY E 275 27.35 28.75 -12.65
N SER E 276 26.39 29.64 -12.95
CA SER E 276 24.98 29.30 -12.84
C SER E 276 24.25 29.36 -14.16
N PHE E 277 24.93 29.70 -15.26
CA PHE E 277 24.33 29.73 -16.58
C PHE E 277 24.73 28.54 -17.43
N ASP E 278 25.99 28.10 -17.33
CA ASP E 278 26.46 27.01 -18.18
C ASP E 278 25.69 25.72 -17.95
N ASP E 279 25.03 25.58 -16.80
CA ASP E 279 24.22 24.40 -16.56
C ASP E 279 23.11 24.28 -17.59
N ILE E 280 22.49 25.40 -17.93
CA ILE E 280 21.41 25.39 -18.93
C ILE E 280 21.93 24.88 -20.27
N LEU E 281 23.07 25.41 -20.70
CA LEU E 281 23.63 24.99 -21.98
C LEU E 281 24.00 23.52 -21.96
N ALA E 282 24.64 23.07 -20.88
CA ALA E 282 25.04 21.68 -20.79
C ALA E 282 23.84 20.76 -20.86
N ILE E 283 22.79 21.06 -20.10
CA ILE E 283 21.61 20.19 -20.09
C ILE E 283 20.89 20.25 -21.43
N THR E 284 20.85 21.42 -22.06
CA THR E 284 20.22 21.51 -23.37
C THR E 284 20.95 20.65 -24.39
N GLY E 285 22.28 20.74 -24.41
CA GLY E 285 23.04 19.89 -25.32
C GLY E 285 22.86 18.42 -25.01
N PHE E 286 22.81 18.06 -23.73
CA PHE E 286 22.61 16.68 -23.35
C PHE E 286 21.27 16.17 -23.87
N ASN E 287 20.21 16.94 -23.66
CA ASN E 287 18.89 16.52 -24.13
C ASN E 287 18.85 16.39 -25.64
N THR E 288 19.43 17.37 -26.35
CA THR E 288 19.42 17.30 -27.81
C THR E 288 20.14 16.06 -28.30
N CYS E 289 21.34 15.81 -27.76
CA CYS E 289 22.12 14.67 -28.24
C CYS E 289 21.46 13.36 -27.85
N LEU E 290 20.82 13.30 -26.69
CA LEU E 290 20.09 12.10 -26.30
C LEU E 290 18.94 11.83 -27.27
N GLY E 291 18.18 12.87 -27.59
CA GLY E 291 17.11 12.70 -28.57
C GLY E 291 17.63 12.25 -29.91
N ILE E 292 18.77 12.79 -30.33
CA ILE E 292 19.37 12.34 -31.59
C ILE E 292 19.75 10.88 -31.51
N ALA E 293 20.37 10.47 -30.41
CA ALA E 293 20.84 9.10 -30.26
C ALA E 293 19.69 8.11 -30.29
N PHE E 294 18.60 8.43 -29.60
CA PHE E 294 17.44 7.53 -29.57
C PHE E 294 16.39 7.90 -30.61
N SER E 295 16.68 8.86 -31.48
CA SER E 295 15.79 9.22 -32.58
C SER E 295 14.36 9.46 -32.08
N THR E 296 14.25 10.23 -31.01
CA THR E 296 12.96 10.55 -30.41
C THR E 296 12.73 12.05 -30.51
N GLY E 297 11.47 12.43 -30.69
CA GLY E 297 11.13 13.84 -30.78
C GLY E 297 11.87 14.50 -31.92
N SER E 298 12.28 15.75 -31.70
CA SER E 298 13.03 16.49 -32.70
C SER E 298 14.05 17.37 -32.00
N THR E 299 15.13 17.68 -32.72
CA THR E 299 16.16 18.55 -32.16
C THR E 299 15.62 19.97 -31.98
N VAL E 300 14.85 20.45 -32.96
CA VAL E 300 14.33 21.81 -32.88
C VAL E 300 13.55 21.99 -31.59
N PHE E 301 12.77 20.99 -31.20
CA PHE E 301 12.00 21.10 -29.97
C PHE E 301 12.91 21.28 -28.76
N ASN E 302 14.01 20.53 -28.70
CA ASN E 302 14.88 20.60 -27.53
C ASN E 302 15.66 21.92 -27.49
N VAL E 303 16.11 22.39 -28.66
CA VAL E 303 16.79 23.68 -28.69
C VAL E 303 15.84 24.80 -28.27
N LEU E 304 14.62 24.77 -28.80
CA LEU E 304 13.63 25.76 -28.38
C LEU E 304 13.30 25.61 -26.91
N ARG E 305 13.33 24.40 -26.39
CA ARG E 305 13.12 24.22 -24.96
C ARG E 305 14.20 24.93 -24.17
N GLY E 306 15.45 24.81 -24.61
CA GLY E 306 16.51 25.53 -23.91
C GLY E 306 16.33 27.03 -23.95
N VAL E 307 16.02 27.56 -25.13
CA VAL E 307 15.83 29.01 -25.24
C VAL E 307 14.67 29.47 -24.37
N LEU E 308 13.57 28.73 -24.39
CA LEU E 308 12.43 29.08 -23.55
C LEU E 308 12.80 28.99 -22.07
N GLU E 309 13.59 27.98 -21.70
CA GLU E 309 14.06 27.91 -20.33
C GLU E 309 14.72 29.22 -19.94
N VAL E 310 15.65 29.69 -20.76
CA VAL E 310 16.34 30.93 -20.45
C VAL E 310 15.34 32.08 -20.32
N VAL E 311 14.45 32.21 -21.32
CA VAL E 311 13.58 33.38 -21.36
C VAL E 311 12.63 33.40 -20.18
N ILE E 312 11.92 32.30 -19.94
CA ILE E 312 10.94 32.29 -18.87
C ILE E 312 11.63 32.37 -17.52
N GLY E 313 12.81 31.76 -17.37
CA GLY E 313 13.54 31.92 -16.13
C GLY E 313 13.87 33.38 -15.86
N VAL E 314 14.37 34.08 -16.87
CA VAL E 314 14.71 35.49 -16.69
C VAL E 314 13.48 36.30 -16.33
N ALA E 315 12.38 36.07 -17.06
CA ALA E 315 11.17 36.86 -16.84
C ALA E 315 10.60 36.63 -15.44
N THR E 316 10.45 35.37 -15.07
CA THR E 316 9.91 35.04 -13.75
C THR E 316 10.81 35.58 -12.65
N GLY E 317 12.13 35.40 -12.80
CA GLY E 317 13.04 35.91 -11.80
C GLY E 317 12.95 37.42 -11.67
N SER E 318 12.87 38.12 -12.79
CA SER E 318 12.78 39.58 -12.74
C SER E 318 11.52 40.03 -12.02
N VAL E 319 10.38 39.40 -12.34
CA VAL E 319 9.14 39.79 -11.68
C VAL E 319 9.22 39.53 -10.19
N LEU E 320 9.65 38.32 -9.80
CA LEU E 320 9.71 37.99 -8.39
C LEU E 320 10.70 38.89 -7.64
N GLY E 321 11.83 39.18 -8.25
CA GLY E 321 12.81 40.04 -7.60
C GLY E 321 12.30 41.45 -7.40
N PHE E 322 11.67 42.02 -8.43
CA PHE E 322 11.10 43.34 -8.26
C PHE E 322 9.97 43.33 -7.25
N PHE E 323 9.30 42.20 -7.09
CA PHE E 323 8.24 42.12 -6.09
C PHE E 323 8.82 42.12 -4.68
N ILE E 324 9.60 41.09 -4.33
CA ILE E 324 10.13 41.00 -2.98
C ILE E 324 11.11 42.12 -2.66
N GLN E 325 11.56 42.86 -3.67
CA GLN E 325 12.44 43.99 -3.46
C GLN E 325 11.72 45.19 -2.86
N TYR E 326 10.41 45.19 -2.86
CA TYR E 326 9.62 46.32 -2.43
C TYR E 326 8.65 46.01 -1.31
N PHE E 327 8.06 44.82 -1.31
CA PHE E 327 6.82 44.71 -0.54
C PHE E 327 7.07 44.46 0.94
N PRO E 328 7.87 43.50 1.32
CA PRO E 328 8.22 43.43 2.73
C PRO E 328 8.98 44.71 3.05
N SER E 329 8.30 45.64 3.71
CA SER E 329 8.76 47.01 3.78
C SER E 329 9.76 47.18 4.91
N ARG E 330 10.42 48.33 4.92
CA ARG E 330 11.44 48.59 5.92
C ARG E 330 10.85 48.82 7.30
N ASP E 331 9.52 48.90 7.41
CA ASP E 331 8.86 49.25 8.67
C ASP E 331 8.00 48.11 9.20
N GLN E 332 8.45 46.87 9.11
CA GLN E 332 7.70 45.73 9.64
C GLN E 332 8.47 45.07 10.78
N ASP E 333 7.74 44.28 11.57
CA ASP E 333 8.26 43.84 12.87
C ASP E 333 9.37 42.81 12.71
N LYS E 334 9.26 41.91 11.74
CA LYS E 334 10.20 40.81 11.63
C LYS E 334 10.83 40.80 10.25
N LEU E 335 11.32 41.96 9.81
CA LEU E 335 11.70 42.14 8.42
C LEU E 335 12.66 41.06 7.96
N VAL E 336 13.71 40.80 8.73
CA VAL E 336 14.72 39.84 8.29
C VAL E 336 14.11 38.46 8.10
N CYS E 337 13.29 38.02 9.05
CA CYS E 337 12.69 36.70 8.95
C CYS E 337 11.79 36.59 7.72
N LYS E 338 10.97 37.62 7.50
CA LYS E 338 10.06 37.59 6.36
C LYS E 338 10.83 37.59 5.04
N ARG E 339 11.86 38.42 4.94
CA ARG E 339 12.66 38.46 3.71
C ARG E 339 13.34 37.12 3.47
N THR E 340 13.93 36.54 4.50
CA THR E 340 14.59 35.25 4.35
C THR E 340 13.60 34.20 3.89
N PHE E 341 12.43 34.13 4.54
CA PHE E 341 11.44 33.14 4.12
C PHE E 341 11.03 33.38 2.68
N LEU E 342 10.81 34.63 2.30
CA LEU E 342 10.36 34.91 0.94
C LEU E 342 11.38 34.44 -0.08
N VAL E 343 12.64 34.83 0.08
CA VAL E 343 13.64 34.45 -0.92
C VAL E 343 13.79 32.94 -0.96
N LEU E 344 13.96 32.30 0.19
CA LEU E 344 14.20 30.86 0.20
C LEU E 344 12.99 30.11 -0.37
N GLY E 345 11.79 30.49 0.06
CA GLY E 345 10.61 29.79 -0.40
C GLY E 345 10.36 29.99 -1.88
N LEU E 346 10.54 31.22 -2.37
CA LEU E 346 10.35 31.45 -3.79
C LEU E 346 11.37 30.67 -4.60
N SER E 347 12.61 30.59 -4.13
CA SER E 347 13.62 29.83 -4.86
C SER E 347 13.26 28.34 -4.89
N VAL E 348 12.87 27.79 -3.74
CA VAL E 348 12.50 26.37 -3.69
C VAL E 348 11.32 26.11 -4.61
N LEU E 349 10.31 26.98 -4.55
CA LEU E 349 9.13 26.81 -5.38
C LEU E 349 9.49 26.86 -6.86
N ALA E 350 10.34 27.82 -7.24
CA ALA E 350 10.75 27.93 -8.63
C ALA E 350 11.45 26.65 -9.08
N VAL E 351 12.44 26.20 -8.31
CA VAL E 351 13.20 25.01 -8.71
C VAL E 351 12.27 23.82 -8.87
N PHE E 352 11.46 23.54 -7.84
CA PHE E 352 10.67 22.33 -7.86
C PHE E 352 9.58 22.38 -8.91
N SER E 353 8.86 23.50 -9.02
CA SER E 353 7.80 23.60 -10.01
C SER E 353 8.36 23.54 -11.42
N SER E 354 9.49 24.20 -11.68
CA SER E 354 10.09 24.13 -13.01
C SER E 354 10.49 22.71 -13.34
N VAL E 355 11.08 21.99 -12.38
CA VAL E 355 11.42 20.59 -12.66
C VAL E 355 10.16 19.78 -12.95
N HIS E 356 9.10 20.01 -12.18
CA HIS E 356 7.89 19.24 -12.34
C HIS E 356 7.10 19.61 -13.59
N PHE E 357 7.33 20.80 -14.15
CA PHE E 357 6.60 21.27 -15.32
C PHE E 357 7.39 21.07 -16.61
N GLY E 358 8.49 20.32 -16.57
CA GLY E 358 9.22 19.99 -17.77
C GLY E 358 10.20 21.04 -18.25
N PHE E 359 10.60 21.98 -17.39
CA PHE E 359 11.60 22.99 -17.73
C PHE E 359 12.66 23.02 -16.65
N PRO E 360 13.45 21.96 -16.51
CA PRO E 360 14.52 21.96 -15.50
C PRO E 360 15.67 22.83 -15.98
N GLY E 361 15.88 23.94 -15.30
CA GLY E 361 16.89 24.89 -15.71
C GLY E 361 16.37 26.30 -15.67
N SER E 362 15.04 26.45 -15.76
CA SER E 362 14.44 27.75 -15.53
C SER E 362 14.40 28.08 -14.06
N GLY E 363 14.28 27.07 -13.19
CA GLY E 363 14.25 27.34 -11.77
C GLY E 363 15.53 27.96 -11.26
N GLY E 364 16.68 27.41 -11.67
CA GLY E 364 17.94 27.95 -11.20
C GLY E 364 18.16 29.37 -11.67
N LEU E 365 17.88 29.65 -12.93
CA LEU E 365 18.06 31.00 -13.46
C LEU E 365 17.09 31.97 -12.79
N CYS E 366 15.84 31.55 -12.59
CA CYS E 366 14.89 32.42 -11.90
C CYS E 366 15.36 32.71 -10.49
N THR E 367 15.85 31.70 -9.77
CA THR E 367 16.36 31.92 -8.43
C THR E 367 17.51 32.91 -8.44
N LEU E 368 18.45 32.73 -9.36
CA LEU E 368 19.60 33.62 -9.42
C LEU E 368 19.17 35.06 -9.67
N VAL E 369 18.30 35.27 -10.65
CA VAL E 369 17.91 36.63 -11.00
C VAL E 369 17.09 37.26 -9.87
N MET E 370 16.17 36.49 -9.28
CA MET E 370 15.38 37.00 -8.19
C MET E 370 16.26 37.43 -7.03
N ALA E 371 17.18 36.56 -6.61
CA ALA E 371 18.05 36.90 -5.50
C ALA E 371 18.92 38.10 -5.83
N PHE E 372 19.42 38.17 -7.06
CA PHE E 372 20.26 39.30 -7.45
C PHE E 372 19.48 40.61 -7.32
N LEU E 373 18.28 40.66 -7.87
CA LEU E 373 17.49 41.88 -7.81
C LEU E 373 17.12 42.23 -6.37
N ALA E 374 16.76 41.21 -5.57
CA ALA E 374 16.41 41.47 -4.19
C ALA E 374 17.60 42.06 -3.43
N GLY E 375 18.78 41.49 -3.61
CA GLY E 375 19.95 42.04 -2.96
C GLY E 375 20.26 43.44 -3.42
N MET E 376 20.09 43.70 -4.72
CA MET E 376 20.34 45.05 -5.22
C MET E 376 19.39 46.05 -4.57
N GLY E 377 18.13 45.65 -4.39
CA GLY E 377 17.18 46.54 -3.73
C GLY E 377 17.48 46.75 -2.27
N TRP E 378 17.88 45.68 -1.56
CA TRP E 378 18.07 45.76 -0.12
C TRP E 378 19.36 46.45 0.27
N THR E 379 20.42 46.30 -0.53
CA THR E 379 21.74 46.87 -0.24
C THR E 379 22.17 46.39 1.14
N SER E 380 22.42 47.29 2.11
CA SER E 380 23.05 46.87 3.36
C SER E 380 22.23 45.83 4.10
N GLU E 381 20.90 45.93 4.05
CA GLU E 381 20.07 45.07 4.89
C GLU E 381 20.23 43.61 4.55
N LYS E 382 20.80 43.27 3.39
CA LYS E 382 20.88 41.88 2.98
C LYS E 382 21.87 41.06 3.80
N ALA E 383 22.66 41.70 4.66
CA ALA E 383 23.68 40.96 5.40
C ALA E 383 23.05 39.91 6.32
N GLU E 384 21.98 40.26 7.01
CA GLU E 384 21.35 39.30 7.91
C GLU E 384 20.75 38.13 7.15
N VAL E 385 20.12 38.42 6.01
CA VAL E 385 19.57 37.34 5.18
C VAL E 385 20.70 36.43 4.73
N GLU E 386 21.83 37.01 4.32
CA GLU E 386 22.98 36.20 3.92
C GLU E 386 23.45 35.33 5.06
N LYS E 387 23.48 35.87 6.28
CA LYS E 387 23.93 35.10 7.42
C LYS E 387 23.02 33.89 7.66
N ILE E 388 21.71 34.12 7.64
CA ILE E 388 20.78 33.03 7.88
C ILE E 388 20.91 31.97 6.80
N ILE E 389 21.01 32.40 5.55
CA ILE E 389 21.15 31.42 4.47
C ILE E 389 22.48 30.68 4.58
N ALA E 390 23.52 31.36 5.06
CA ALA E 390 24.80 30.68 5.25
C ALA E 390 24.68 29.59 6.30
N VAL E 391 23.93 29.84 7.36
CA VAL E 391 23.68 28.79 8.35
C VAL E 391 22.91 27.63 7.70
N ALA E 392 21.90 27.97 6.91
CA ALA E 392 21.14 26.92 6.22
C ALA E 392 22.05 26.08 5.33
N TRP E 393 22.95 26.73 4.60
CA TRP E 393 23.88 26.00 3.75
C TRP E 393 24.82 25.14 4.57
N ASP E 394 25.29 25.65 5.71
CA ASP E 394 26.12 24.83 6.57
C ASP E 394 25.39 23.56 6.97
N ILE E 395 24.07 23.67 7.19
CA ILE E 395 23.30 22.48 7.53
C ILE E 395 23.18 21.55 6.32
N PHE E 396 22.94 22.11 5.14
CA PHE E 396 22.52 21.30 4.01
C PHE E 396 23.67 20.77 3.16
N GLN E 397 24.86 21.33 3.27
CA GLN E 397 25.98 20.87 2.45
C GLN E 397 26.31 19.42 2.72
N PRO E 398 26.44 18.96 3.97
CA PRO E 398 26.69 17.54 4.21
C PRO E 398 25.68 16.63 3.55
N LEU E 399 24.40 17.00 3.59
CA LEU E 399 23.38 16.17 2.94
C LEU E 399 23.62 16.10 1.45
N LEU E 400 23.83 17.24 0.80
CA LEU E 400 24.00 17.26 -0.64
C LEU E 400 25.19 16.40 -1.06
N PHE E 401 26.34 16.61 -0.42
CA PHE E 401 27.53 15.90 -0.87
C PHE E 401 27.49 14.43 -0.46
N GLY E 402 26.93 14.10 0.70
CA GLY E 402 26.76 12.71 1.05
C GLY E 402 25.86 11.97 0.10
N LEU E 403 24.76 12.61 -0.32
CA LEU E 403 23.88 11.98 -1.29
C LEU E 403 24.57 11.80 -2.63
N ILE E 404 25.31 12.82 -3.08
CA ILE E 404 26.04 12.69 -4.34
C ILE E 404 27.01 11.52 -4.26
N GLY E 405 27.74 11.40 -3.14
CA GLY E 405 28.64 10.27 -2.98
C GLY E 405 27.90 8.95 -2.97
N ALA E 406 26.75 8.90 -2.29
CA ALA E 406 25.97 7.68 -2.20
C ALA E 406 25.43 7.26 -3.56
N GLU E 407 25.30 8.20 -4.50
CA GLU E 407 24.93 7.81 -5.86
C GLU E 407 25.99 6.92 -6.49
N VAL E 408 27.26 7.24 -6.26
CA VAL E 408 28.35 6.48 -6.87
C VAL E 408 28.31 5.04 -6.40
N SER E 409 28.45 4.12 -7.34
CA SER E 409 28.53 2.69 -7.05
C SER E 409 29.81 2.13 -7.65
N ILE E 410 30.48 1.26 -6.91
CA ILE E 410 31.72 0.67 -7.39
C ILE E 410 31.48 -0.32 -8.52
N ALA E 411 30.22 -0.72 -8.74
CA ALA E 411 29.93 -1.58 -9.88
C ALA E 411 30.29 -0.91 -11.19
N SER E 412 30.03 0.39 -11.30
CA SER E 412 30.34 1.11 -12.53
C SER E 412 31.83 1.44 -12.64
N LEU E 413 32.56 1.40 -11.53
CA LEU E 413 34.00 1.66 -11.55
C LEU E 413 34.81 0.37 -11.68
N ARG E 414 34.45 -0.46 -12.63
CA ARG E 414 35.18 -1.71 -12.79
C ARG E 414 36.46 -1.47 -13.60
N PRO E 415 37.55 -2.16 -13.28
CA PRO E 415 38.80 -1.92 -14.02
C PRO E 415 38.79 -2.50 -15.42
N GLU E 416 37.63 -2.91 -15.92
CA GLU E 416 37.55 -3.38 -17.29
C GLU E 416 38.10 -2.34 -18.26
N THR E 417 37.60 -1.11 -18.16
CA THR E 417 38.08 -0.03 -19.02
C THR E 417 38.24 1.27 -18.26
N VAL E 418 38.38 1.22 -16.94
CA VAL E 418 38.42 2.45 -16.15
C VAL E 418 39.62 3.30 -16.55
N GLY E 419 40.69 2.68 -17.02
CA GLY E 419 41.86 3.46 -17.43
C GLY E 419 41.54 4.42 -18.55
N LEU E 420 40.82 3.95 -19.58
CA LEU E 420 40.48 4.81 -20.69
C LEU E 420 39.53 5.92 -20.27
N CYS E 421 38.56 5.61 -19.40
CA CYS E 421 37.66 6.64 -18.92
C CYS E 421 38.43 7.71 -18.15
N VAL E 422 39.38 7.29 -17.31
CA VAL E 422 40.21 8.26 -16.60
C VAL E 422 40.98 9.12 -17.59
N ALA E 423 41.53 8.50 -18.62
CA ALA E 423 42.30 9.25 -19.61
C ALA E 423 41.42 10.31 -20.28
N THR E 424 40.21 9.92 -20.68
CA THR E 424 39.33 10.89 -21.34
C THR E 424 38.97 12.03 -20.40
N VAL E 425 38.65 11.71 -19.14
CA VAL E 425 38.32 12.76 -18.19
C VAL E 425 39.49 13.71 -18.00
N GLY E 426 40.70 13.16 -17.83
CA GLY E 426 41.85 14.02 -17.61
C GLY E 426 42.15 14.92 -18.79
N ILE E 427 42.12 14.37 -20.00
CA ILE E 427 42.41 15.18 -21.17
C ILE E 427 41.33 16.25 -21.36
N ALA E 428 40.07 15.88 -21.15
CA ALA E 428 39.00 16.86 -21.25
C ALA E 428 39.20 17.99 -20.25
N VAL E 429 39.63 17.66 -19.03
CA VAL E 429 39.85 18.69 -18.02
C VAL E 429 41.00 19.59 -18.43
N LEU E 430 42.08 19.03 -18.96
CA LEU E 430 43.20 19.87 -19.39
C LEU E 430 42.74 20.83 -20.50
N ILE E 431 41.98 20.33 -21.46
CA ILE E 431 41.51 21.19 -22.54
C ILE E 431 40.57 22.25 -21.98
N ARG E 432 39.77 21.90 -20.98
CA ARG E 432 38.89 22.87 -20.35
C ARG E 432 39.69 23.98 -19.68
N ILE E 433 40.78 23.62 -19.00
CA ILE E 433 41.62 24.62 -18.35
C ILE E 433 42.19 25.57 -19.39
N LEU E 434 42.73 25.02 -20.48
CA LEU E 434 43.31 25.87 -21.51
C LEU E 434 42.24 26.79 -22.11
N THR E 435 41.06 26.24 -22.41
CA THR E 435 40.01 27.06 -22.98
C THR E 435 39.58 28.17 -22.04
N THR E 436 39.44 27.86 -20.75
CA THR E 436 39.03 28.88 -19.80
C THR E 436 40.08 29.98 -19.71
N PHE E 437 41.36 29.62 -19.73
CA PHE E 437 42.39 30.64 -19.75
C PHE E 437 42.27 31.51 -20.99
N LEU E 438 41.95 30.94 -22.14
CA LEU E 438 41.90 31.75 -23.37
C LEU E 438 40.63 32.59 -23.36
N MET E 439 39.56 32.16 -22.71
CA MET E 439 38.32 32.94 -22.78
C MET E 439 38.44 34.25 -22.02
N VAL E 440 39.16 34.25 -20.90
CA VAL E 440 39.30 35.44 -20.08
C VAL E 440 40.59 36.19 -20.41
N CYS E 441 41.17 35.95 -21.59
CA CYS E 441 42.45 36.56 -21.91
C CYS E 441 42.31 38.08 -22.06
N PHE E 442 41.34 38.53 -22.86
CA PHE E 442 41.17 39.96 -23.12
C PHE E 442 40.04 40.51 -22.24
N ALA E 443 40.33 40.59 -20.94
CA ALA E 443 39.33 41.07 -19.99
C ALA E 443 39.90 42.04 -18.96
N GLY E 444 41.16 42.43 -19.08
CA GLY E 444 41.78 43.32 -18.12
C GLY E 444 42.42 42.64 -16.93
N PHE E 445 42.34 41.32 -16.83
CA PHE E 445 43.00 40.60 -15.76
C PHE E 445 44.49 40.48 -16.07
N ASN E 446 45.26 40.20 -15.02
CA ASN E 446 46.68 39.91 -15.17
C ASN E 446 46.89 38.39 -15.13
N LEU E 447 48.14 37.97 -15.25
CA LEU E 447 48.42 36.55 -15.40
C LEU E 447 47.91 35.75 -14.19
N LYS E 448 48.15 36.24 -12.99
CA LYS E 448 47.75 35.49 -11.80
C LYS E 448 46.23 35.33 -11.74
N GLU E 449 45.49 36.39 -12.07
CA GLU E 449 44.03 36.30 -12.01
C GLU E 449 43.51 35.33 -13.06
N LYS E 450 44.06 35.36 -14.26
CA LYS E 450 43.64 34.42 -15.29
C LYS E 450 43.92 32.99 -14.87
N ILE E 451 45.10 32.75 -14.29
CA ILE E 451 45.44 31.40 -13.86
C ILE E 451 44.47 30.93 -12.77
N PHE E 452 44.20 31.80 -11.79
CA PHE E 452 43.26 31.41 -10.74
C PHE E 452 41.90 31.09 -11.33
N ILE E 453 41.42 31.92 -12.27
CA ILE E 453 40.12 31.68 -12.85
C ILE E 453 40.11 30.33 -13.57
N SER E 454 41.16 30.03 -14.32
CA SER E 454 41.21 28.76 -15.03
C SER E 454 41.18 27.59 -14.07
N PHE E 455 41.91 27.68 -12.96
CA PHE E 455 41.91 26.59 -11.99
C PHE E 455 40.67 26.59 -11.10
N ALA E 456 39.87 27.65 -11.11
CA ALA E 456 38.64 27.70 -10.33
C ALA E 456 37.43 27.24 -11.13
N TRP E 457 37.58 26.88 -12.39
CA TRP E 457 36.46 26.42 -13.23
C TRP E 457 36.42 24.89 -13.27
N LEU E 458 37.24 24.18 -12.49
CA LEU E 458 37.30 22.72 -12.59
C LEU E 458 36.11 22.05 -11.92
N PRO E 459 35.72 22.40 -10.70
CA PRO E 459 34.81 21.53 -9.93
C PRO E 459 33.61 21.09 -10.72
N LYS E 460 33.33 19.79 -10.69
CA LYS E 460 32.18 19.21 -11.37
C LYS E 460 31.47 18.29 -10.40
N ALA E 461 30.17 18.52 -10.21
CA ALA E 461 29.36 17.76 -9.27
C ALA E 461 27.95 18.32 -9.33
N THR E 462 27.03 17.61 -8.68
CA THR E 462 25.62 17.99 -8.46
C THR E 462 24.84 18.14 -9.77
N VAL E 463 25.51 18.03 -10.90
CA VAL E 463 24.82 17.92 -12.19
C VAL E 463 25.30 16.73 -12.99
N GLN E 464 26.50 16.23 -12.73
CA GLN E 464 26.90 14.93 -13.28
C GLN E 464 26.20 13.81 -12.56
N ALA E 465 25.93 13.98 -11.27
CA ALA E 465 25.19 12.97 -10.52
C ALA E 465 23.70 13.02 -10.85
N ALA E 466 23.19 14.19 -11.24
CA ALA E 466 21.77 14.30 -11.54
C ALA E 466 21.43 13.61 -12.86
N ILE E 467 22.24 13.81 -13.89
CA ILE E 467 21.93 13.30 -15.22
C ILE E 467 22.97 12.31 -15.70
N GLY E 468 23.78 11.77 -14.79
CA GLY E 468 24.80 10.82 -15.21
C GLY E 468 24.19 9.54 -15.78
N SER E 469 23.16 9.02 -15.12
CA SER E 469 22.59 7.71 -15.46
C SER E 469 21.34 7.81 -16.31
N VAL E 470 20.97 9.00 -16.79
CA VAL E 470 19.76 9.12 -17.60
C VAL E 470 19.91 8.36 -18.91
N ALA E 471 21.08 8.45 -19.55
CA ALA E 471 21.29 7.76 -20.80
C ALA E 471 21.19 6.25 -20.62
N LEU E 472 21.76 5.74 -19.52
CA LEU E 472 21.67 4.30 -19.26
C LEU E 472 20.23 3.87 -19.05
N ASP E 473 19.46 4.67 -18.31
CA ASP E 473 18.06 4.33 -18.09
C ASP E 473 17.30 4.33 -19.41
N THR E 474 17.55 5.30 -20.27
CA THR E 474 16.88 5.33 -21.57
C THR E 474 17.24 4.11 -22.39
N ALA E 475 18.53 3.75 -22.43
CA ALA E 475 18.95 2.58 -23.19
C ALA E 475 18.29 1.32 -22.65
N ARG E 476 18.19 1.21 -21.32
CA ARG E 476 17.51 0.06 -20.73
C ARG E 476 16.04 0.03 -21.12
N SER E 477 15.39 1.19 -21.12
CA SER E 477 13.99 1.25 -21.53
C SER E 477 13.83 0.76 -22.96
N HIS E 478 14.74 1.19 -23.85
CA HIS E 478 14.69 0.71 -25.22
C HIS E 478 15.15 -0.73 -25.36
N GLY E 479 15.75 -1.30 -24.31
CA GLY E 479 16.14 -2.70 -24.35
C GLY E 479 17.15 -3.02 -25.42
N GLU E 480 18.15 -2.15 -25.61
CA GLU E 480 19.22 -2.38 -26.56
C GLU E 480 20.51 -2.63 -25.79
N LYS E 481 21.22 -3.69 -26.15
CA LYS E 481 22.44 -4.03 -25.43
C LYS E 481 23.54 -3.02 -25.71
N GLN E 482 23.76 -2.67 -26.97
CA GLN E 482 24.82 -1.73 -27.31
C GLN E 482 24.60 -0.39 -26.63
N LEU E 483 23.37 0.11 -26.69
CA LEU E 483 23.09 1.39 -26.04
C LEU E 483 23.27 1.30 -24.54
N GLU E 484 22.99 0.14 -23.95
CA GLU E 484 23.26 -0.05 -22.53
C GLU E 484 24.75 0.04 -22.25
N ASP E 485 25.58 -0.55 -23.11
CA ASP E 485 27.02 -0.45 -22.96
C ASP E 485 27.47 1.01 -23.01
N TYR E 486 26.95 1.75 -23.99
CA TYR E 486 27.31 3.16 -24.12
C TYR E 486 26.89 3.95 -22.89
N GLY E 487 25.66 3.72 -22.41
CA GLY E 487 25.21 4.43 -21.23
C GLY E 487 26.04 4.10 -20.01
N MET E 488 26.50 2.87 -19.91
CA MET E 488 27.39 2.50 -18.81
C MET E 488 28.71 3.22 -18.89
N ASP E 489 29.27 3.36 -20.10
CA ASP E 489 30.49 4.16 -20.24
C ASP E 489 30.22 5.61 -19.83
N VAL E 490 29.08 6.16 -20.22
CA VAL E 490 28.74 7.53 -19.85
C VAL E 490 28.67 7.67 -18.34
N LEU E 491 28.01 6.72 -17.67
CA LEU E 491 27.88 6.78 -16.21
C LEU E 491 29.24 6.67 -15.53
N THR E 492 30.09 5.76 -16.01
CA THR E 492 31.42 5.64 -15.44
C THR E 492 32.17 6.95 -15.55
N VAL E 493 32.10 7.59 -16.73
CA VAL E 493 32.84 8.82 -16.93
C VAL E 493 32.28 9.93 -16.04
N ALA E 494 30.96 9.97 -15.86
CA ALA E 494 30.37 10.99 -15.01
C ALA E 494 30.87 10.86 -13.58
N PHE E 495 30.80 9.65 -13.02
CA PHE E 495 31.26 9.45 -11.65
C PHE E 495 32.75 9.73 -11.52
N LEU E 496 33.54 9.26 -12.49
CA LEU E 496 34.96 9.59 -12.51
C LEU E 496 35.14 11.10 -12.39
N SER E 497 34.60 11.85 -13.35
CA SER E 497 34.76 13.29 -13.36
C SER E 497 34.42 13.90 -12.01
N ILE E 498 33.29 13.50 -11.43
CA ILE E 498 32.93 14.02 -10.11
C ILE E 498 34.08 13.80 -9.13
N LEU E 499 34.45 12.53 -8.93
CA LEU E 499 35.43 12.21 -7.90
C LEU E 499 36.75 12.92 -8.16
N ILE E 500 37.21 12.90 -9.41
CA ILE E 500 38.52 13.45 -9.74
C ILE E 500 38.54 14.95 -9.53
N THR E 501 37.50 15.65 -9.99
CA THR E 501 37.57 17.10 -10.13
C THR E 501 36.99 17.87 -8.96
N ALA E 502 35.98 17.37 -8.25
CA ALA E 502 35.43 18.15 -7.15
C ALA E 502 36.45 18.40 -6.04
N PRO E 503 37.13 17.38 -5.49
CA PRO E 503 38.07 17.64 -4.39
C PRO E 503 39.25 18.47 -4.82
N ILE E 504 39.89 18.09 -5.93
CA ILE E 504 41.05 18.83 -6.39
C ILE E 504 40.65 20.27 -6.72
N GLY E 505 39.46 20.44 -7.29
CA GLY E 505 39.01 21.78 -7.63
C GLY E 505 38.82 22.66 -6.40
N SER E 506 38.15 22.12 -5.38
CA SER E 506 37.95 22.89 -4.15
C SER E 506 39.28 23.19 -3.48
N LEU E 507 40.17 22.19 -3.40
CA LEU E 507 41.47 22.42 -2.79
C LEU E 507 42.25 23.48 -3.54
N LEU E 508 42.24 23.44 -4.86
CA LEU E 508 42.96 24.43 -5.66
C LEU E 508 42.38 25.81 -5.46
N ILE E 509 41.05 25.93 -5.42
CA ILE E 509 40.45 27.24 -5.16
C ILE E 509 40.95 27.78 -3.84
N GLY E 510 40.86 26.97 -2.79
CA GLY E 510 41.30 27.43 -1.48
C GLY E 510 42.76 27.82 -1.45
N LEU E 511 43.62 27.00 -2.06
CA LEU E 511 45.06 27.26 -2.03
C LEU E 511 45.42 28.51 -2.83
N LEU E 512 44.89 28.63 -4.05
CA LEU E 512 45.28 29.70 -4.95
C LEU E 512 44.52 31.01 -4.73
N GLY E 513 43.48 31.00 -3.90
CA GLY E 513 42.74 32.22 -3.66
C GLY E 513 43.61 33.32 -3.09
N PRO E 514 44.08 33.14 -1.86
CA PRO E 514 44.87 34.20 -1.22
C PRO E 514 46.11 34.58 -2.00
N ARG E 515 46.77 33.65 -2.68
CA ARG E 515 48.03 33.94 -3.33
C ARG E 515 47.83 34.76 -4.60
N LEU E 516 47.09 34.22 -5.56
CA LEU E 516 47.00 34.87 -6.87
C LEU E 516 46.15 36.14 -6.82
N LEU E 517 45.01 36.09 -6.14
CA LEU E 517 44.13 37.24 -6.11
C LEU E 517 44.74 38.38 -5.30
N GLN E 518 44.30 39.59 -5.63
CA GLN E 518 44.83 40.81 -5.01
C GLN E 518 43.87 41.28 -3.93
N LYS E 519 44.30 41.18 -2.67
CA LYS E 519 43.45 41.60 -1.57
C LYS E 519 43.25 43.11 -1.59
N VAL E 520 42.08 43.53 -1.10
CA VAL E 520 41.73 44.94 -0.99
C VAL E 520 41.38 45.23 0.46
N GLU E 521 41.99 46.27 1.02
CA GLU E 521 41.78 46.62 2.42
C GLU E 521 41.58 48.13 2.56
N ASP F 1 -25.86 -18.28 19.96
CA ASP F 1 -26.02 -16.84 19.84
C ASP F 1 -27.43 -16.42 20.25
N ILE F 2 -27.96 -15.40 19.58
CA ILE F 2 -29.30 -14.90 19.88
C ILE F 2 -30.20 -15.19 18.70
N VAL F 3 -30.01 -16.38 18.09
CA VAL F 3 -30.81 -16.76 16.94
C VAL F 3 -32.27 -16.42 17.19
N MET F 4 -32.86 -15.67 16.26
CA MET F 4 -34.25 -15.27 16.36
C MET F 4 -35.13 -16.22 15.54
N THR F 5 -36.40 -16.30 15.90
CA THR F 5 -37.33 -17.18 15.24
C THR F 5 -38.64 -16.44 14.98
N GLN F 6 -39.12 -16.49 13.75
CA GLN F 6 -40.43 -15.99 13.40
C GLN F 6 -41.38 -17.18 13.27
N THR F 7 -42.44 -17.17 14.09
CA THR F 7 -43.26 -18.37 14.23
C THR F 7 -43.85 -18.82 12.90
N THR F 8 -44.41 -17.89 12.14
CA THR F 8 -45.07 -18.19 10.88
C THR F 8 -44.24 -17.63 9.73
N SER F 9 -43.93 -18.48 8.75
CA SER F 9 -43.13 -18.07 7.62
C SER F 9 -43.97 -17.56 6.45
N SER F 10 -45.26 -17.85 6.43
CA SER F 10 -46.14 -17.39 5.36
C SER F 10 -47.57 -17.40 5.89
N LEU F 11 -48.14 -16.22 6.10
CA LEU F 11 -49.49 -16.08 6.62
C LEU F 11 -50.33 -15.27 5.65
N SER F 12 -51.52 -15.77 5.35
CA SER F 12 -52.41 -15.07 4.43
C SER F 12 -53.03 -13.85 5.10
N ALA F 13 -53.42 -12.88 4.29
CA ALA F 13 -54.03 -11.66 4.79
C ALA F 13 -54.79 -11.00 3.64
N SER F 14 -56.01 -10.54 3.93
CA SER F 14 -56.80 -9.86 2.93
C SER F 14 -56.25 -8.46 2.68
N LEU F 15 -56.94 -7.69 1.84
CA LEU F 15 -56.52 -6.35 1.48
C LEU F 15 -57.18 -5.27 2.35
N GLY F 16 -57.93 -5.66 3.39
CA GLY F 16 -58.57 -4.69 4.24
C GLY F 16 -58.57 -5.09 5.70
N ASP F 17 -57.61 -5.90 6.11
CA ASP F 17 -57.58 -6.45 7.45
C ASP F 17 -56.30 -6.03 8.17
N ARG F 18 -56.24 -6.38 9.45
CA ARG F 18 -55.09 -6.11 10.30
C ARG F 18 -54.32 -7.41 10.51
N VAL F 19 -53.03 -7.39 10.23
CA VAL F 19 -52.17 -8.56 10.37
C VAL F 19 -51.13 -8.31 11.43
N THR F 20 -50.61 -9.38 11.99
CA THR F 20 -49.60 -9.32 13.04
C THR F 20 -48.47 -10.29 12.72
N ILE F 21 -47.24 -9.84 12.93
CA ILE F 21 -46.05 -10.63 12.69
C ILE F 21 -45.35 -10.84 14.02
N SER F 22 -45.01 -12.08 14.32
CA SER F 22 -44.44 -12.46 15.61
C SER F 22 -42.98 -12.82 15.46
N CYS F 23 -42.13 -12.21 16.28
CA CYS F 23 -40.70 -12.49 16.31
C CYS F 23 -40.29 -12.78 17.74
N ARG F 24 -39.61 -13.91 17.94
CA ARG F 24 -39.21 -14.35 19.30
C ARG F 24 -37.72 -14.66 19.33
N ALA F 25 -36.98 -14.09 20.28
CA ALA F 25 -35.54 -14.25 20.36
C ALA F 25 -35.18 -15.37 21.33
N SER F 26 -33.98 -15.91 21.16
CA SER F 26 -33.46 -16.99 21.98
C SER F 26 -32.72 -16.48 23.22
N GLN F 27 -33.04 -15.27 23.67
CA GLN F 27 -32.36 -14.64 24.79
C GLN F 27 -33.25 -13.52 25.29
N ASP F 28 -32.68 -12.60 26.06
CA ASP F 28 -33.39 -11.42 26.53
C ASP F 28 -32.69 -10.19 25.96
N ILE F 29 -33.08 -9.79 24.76
CA ILE F 29 -32.73 -8.47 24.25
C ILE F 29 -33.65 -7.45 24.89
N SER F 30 -33.08 -6.38 25.44
CA SER F 30 -33.90 -5.46 26.21
C SER F 30 -35.02 -4.89 25.35
N ASN F 31 -34.67 -4.10 24.34
CA ASN F 31 -35.67 -3.70 23.36
C ASN F 31 -35.09 -3.56 21.96
N TYR F 32 -33.86 -4.00 21.70
CA TYR F 32 -33.19 -3.75 20.43
C TYR F 32 -33.66 -4.79 19.41
N LEU F 33 -34.80 -4.51 18.79
CA LEU F 33 -35.50 -5.44 17.91
C LEU F 33 -35.98 -4.70 16.65
N ASN F 34 -35.06 -4.06 15.94
CA ASN F 34 -35.41 -3.42 14.68
C ASN F 34 -36.25 -4.34 13.82
N TRP F 35 -37.06 -3.75 12.95
CA TRP F 35 -37.83 -4.48 11.94
C TRP F 35 -37.43 -3.99 10.56
N PHE F 36 -37.54 -4.87 9.57
CA PHE F 36 -37.19 -4.53 8.20
C PHE F 36 -38.25 -5.09 7.26
N GLN F 37 -38.37 -4.45 6.09
CA GLN F 37 -39.26 -4.91 5.04
C GLN F 37 -38.47 -5.04 3.75
N GLN F 38 -38.61 -6.18 3.09
CA GLN F 38 -38.01 -6.41 1.78
C GLN F 38 -39.12 -6.71 0.78
N LYS F 39 -39.12 -5.96 -0.31
CA LYS F 39 -40.14 -6.18 -1.32
C LYS F 39 -39.69 -7.24 -2.31
N PRO F 40 -40.62 -7.83 -3.06
CA PRO F 40 -40.23 -8.92 -3.97
C PRO F 40 -39.17 -8.52 -4.98
N ASP F 41 -39.10 -7.24 -5.36
CA ASP F 41 -38.07 -6.83 -6.30
C ASP F 41 -36.68 -6.82 -5.69
N GLY F 42 -36.57 -6.98 -4.37
CA GLY F 42 -35.28 -7.05 -3.72
C GLY F 42 -34.84 -5.81 -2.99
N THR F 43 -35.70 -4.80 -2.85
CA THR F 43 -35.37 -3.58 -2.13
C THR F 43 -35.87 -3.70 -0.69
N VAL F 44 -34.99 -3.45 0.27
CA VAL F 44 -35.28 -3.61 1.69
C VAL F 44 -35.16 -2.25 2.35
N LYS F 45 -36.16 -1.90 3.16
CA LYS F 45 -36.22 -0.60 3.82
C LYS F 45 -36.54 -0.80 5.30
N LEU F 46 -35.96 0.04 6.14
CA LEU F 46 -36.19 -0.03 7.57
C LEU F 46 -37.62 0.39 7.90
N LEU F 47 -38.18 -0.22 8.94
CA LEU F 47 -39.55 0.06 9.36
C LEU F 47 -39.63 0.59 10.79
N ILE F 48 -38.99 -0.07 11.74
CA ILE F 48 -39.18 0.23 13.15
C ILE F 48 -37.92 -0.07 13.93
N CYS F 49 -37.26 0.97 14.43
CA CYS F 49 -36.07 0.80 15.24
C CYS F 49 -36.43 0.82 16.72
N TYR F 50 -35.78 -0.03 17.50
CA TYR F 50 -35.98 -0.08 18.94
C TYR F 50 -37.41 -0.46 19.30
N THR F 51 -37.85 -1.59 18.75
CA THR F 51 -39.14 -2.17 19.10
C THR F 51 -40.31 -1.40 18.52
N SER F 52 -40.57 -0.19 19.02
CA SER F 52 -41.75 0.56 18.61
C SER F 52 -41.46 1.95 18.08
N ARG F 53 -40.19 2.35 18.00
CA ARG F 53 -39.89 3.69 17.48
C ARG F 53 -40.09 3.72 15.98
N LEU F 54 -41.26 4.15 15.54
CA LEU F 54 -41.54 4.23 14.11
C LEU F 54 -40.50 5.09 13.41
N HIS F 55 -40.06 4.63 12.25
CA HIS F 55 -39.04 5.37 11.51
C HIS F 55 -39.66 6.54 10.77
N SER F 56 -38.79 7.46 10.36
CA SER F 56 -39.25 8.65 9.64
C SER F 56 -39.62 8.30 8.21
N GLY F 57 -40.79 8.77 7.78
CA GLY F 57 -41.28 8.49 6.45
C GLY F 57 -42.09 7.23 6.31
N VAL F 58 -42.13 6.40 7.35
CA VAL F 58 -42.92 5.18 7.34
C VAL F 58 -44.39 5.53 7.56
N PRO F 59 -45.31 4.93 6.83
CA PRO F 59 -46.73 5.23 7.06
C PRO F 59 -47.14 4.85 8.47
N SER F 60 -48.16 5.56 8.98
CA SER F 60 -48.59 5.39 10.36
C SER F 60 -49.21 4.03 10.62
N ARG F 61 -49.53 3.25 9.57
CA ARG F 61 -50.14 1.94 9.79
C ARG F 61 -49.24 1.02 10.60
N PHE F 62 -47.94 1.01 10.30
CA PHE F 62 -47.02 0.10 10.97
C PHE F 62 -46.91 0.46 12.45
N SER F 63 -47.21 -0.49 13.31
CA SER F 63 -47.12 -0.31 14.76
C SER F 63 -46.25 -1.42 15.34
N GLY F 64 -45.06 -1.05 15.80
CA GLY F 64 -44.11 -2.02 16.32
C GLY F 64 -44.26 -2.30 17.80
N SER F 65 -45.29 -3.05 18.18
CA SER F 65 -45.53 -3.36 19.58
C SER F 65 -44.53 -4.41 20.05
N GLY F 66 -44.80 -5.01 21.20
CA GLY F 66 -43.98 -6.10 21.70
C GLY F 66 -42.87 -5.63 22.61
N SER F 67 -42.52 -6.48 23.58
CA SER F 67 -41.48 -6.15 24.54
C SER F 67 -41.03 -7.42 25.24
N GLY F 68 -39.86 -7.35 25.86
CA GLY F 68 -39.30 -8.49 26.56
C GLY F 68 -38.41 -9.34 25.67
N THR F 69 -38.88 -10.54 25.32
CA THR F 69 -38.24 -11.37 24.31
C THR F 69 -39.25 -11.92 23.31
N ASP F 70 -40.49 -11.43 23.35
CA ASP F 70 -41.54 -11.84 22.43
C ASP F 70 -42.06 -10.58 21.77
N TYR F 71 -41.44 -10.19 20.67
CA TYR F 71 -41.82 -8.97 19.97
C TYR F 71 -42.80 -9.27 18.84
N SER F 72 -43.44 -8.22 18.35
CA SER F 72 -44.42 -8.38 17.29
C SER F 72 -44.52 -7.07 16.52
N LEU F 73 -45.00 -7.17 15.29
CA LEU F 73 -45.27 -6.02 14.44
C LEU F 73 -46.69 -6.14 13.90
N THR F 74 -47.40 -5.03 13.85
CA THR F 74 -48.80 -5.02 13.46
C THR F 74 -49.03 -4.06 12.31
N ILE F 75 -49.98 -4.42 11.45
CA ILE F 75 -50.39 -3.60 10.33
C ILE F 75 -51.85 -3.22 10.54
N SER F 76 -52.13 -1.91 10.60
CA SER F 76 -53.49 -1.46 10.83
C SER F 76 -54.43 -2.05 9.78
N ASN F 77 -54.23 -1.67 8.52
CA ASN F 77 -54.94 -2.26 7.39
C ASN F 77 -53.92 -2.60 6.31
N LEU F 78 -54.21 -3.63 5.54
CA LEU F 78 -53.25 -4.14 4.57
C LEU F 78 -53.54 -3.56 3.19
N GLU F 79 -52.52 -2.93 2.60
CA GLU F 79 -52.61 -2.42 1.24
C GLU F 79 -51.78 -3.30 0.31
N GLN F 80 -52.07 -3.21 -0.98
CA GLN F 80 -51.34 -4.03 -1.94
C GLN F 80 -49.84 -3.78 -1.88
N GLU F 81 -49.43 -2.59 -1.43
CA GLU F 81 -48.00 -2.31 -1.29
C GLU F 81 -47.38 -3.15 -0.19
N ASP F 82 -48.10 -3.36 0.91
CA ASP F 82 -47.55 -3.99 2.10
C ASP F 82 -47.38 -5.50 1.97
N ILE F 83 -47.48 -6.03 0.75
CA ILE F 83 -47.30 -7.46 0.51
C ILE F 83 -45.82 -7.68 0.21
N ALA F 84 -45.07 -8.10 1.22
CA ALA F 84 -43.64 -8.31 1.08
C ALA F 84 -43.16 -9.19 2.22
N THR F 85 -41.84 -9.27 2.39
CA THR F 85 -41.22 -10.08 3.42
C THR F 85 -40.68 -9.19 4.53
N TYR F 86 -40.98 -9.54 5.77
CA TYR F 86 -40.64 -8.71 6.93
C TYR F 86 -39.69 -9.47 7.83
N PHE F 87 -38.54 -8.87 8.11
CA PHE F 87 -37.50 -9.46 8.93
C PHE F 87 -37.40 -8.71 10.25
N CYS F 88 -37.16 -9.45 11.33
CA CYS F 88 -36.90 -8.85 12.63
C CYS F 88 -35.42 -9.02 12.95
N GLN F 89 -34.76 -7.92 13.29
CA GLN F 89 -33.34 -7.94 13.59
C GLN F 89 -33.14 -7.62 15.06
N GLN F 90 -31.93 -7.89 15.54
CA GLN F 90 -31.54 -7.58 16.91
C GLN F 90 -30.11 -7.09 16.90
N ASP F 91 -29.85 -5.95 17.55
CA ASP F 91 -28.51 -5.44 17.73
C ASP F 91 -28.14 -5.32 19.21
N SER F 92 -28.79 -6.11 20.06
CA SER F 92 -28.47 -6.10 21.49
C SER F 92 -27.04 -6.56 21.72
N LYS F 93 -26.63 -7.62 21.03
CA LYS F 93 -25.29 -8.18 21.22
C LYS F 93 -24.45 -7.97 19.97
N HIS F 94 -23.25 -8.53 19.96
CA HIS F 94 -22.27 -8.21 18.93
C HIS F 94 -22.72 -8.69 17.55
N PRO F 95 -22.85 -10.00 17.33
CA PRO F 95 -23.25 -10.46 16.00
C PRO F 95 -24.73 -10.25 15.76
N TRP F 96 -25.07 -9.26 14.95
CA TRP F 96 -26.47 -8.96 14.68
C TRP F 96 -27.08 -10.13 13.91
N THR F 97 -28.22 -10.61 14.38
CA THR F 97 -28.87 -11.77 13.80
C THR F 97 -30.27 -11.39 13.32
N PHE F 98 -30.56 -11.69 12.07
CA PHE F 98 -31.88 -11.47 11.50
C PHE F 98 -32.76 -12.69 11.75
N GLY F 99 -34.07 -12.50 11.57
CA GLY F 99 -35.00 -13.59 11.67
C GLY F 99 -35.07 -14.40 10.38
N GLY F 100 -35.94 -15.39 10.39
CA GLY F 100 -36.16 -16.19 9.20
C GLY F 100 -36.94 -15.49 8.11
N GLY F 101 -37.67 -14.44 8.46
CA GLY F 101 -38.48 -13.72 7.52
C GLY F 101 -39.88 -14.29 7.39
N THR F 102 -40.79 -13.45 6.93
CA THR F 102 -42.19 -13.82 6.73
C THR F 102 -42.70 -13.19 5.44
N LYS F 103 -43.44 -13.96 4.67
CA LYS F 103 -44.03 -13.51 3.43
C LYS F 103 -45.54 -13.35 3.60
N LEU F 104 -46.06 -12.20 3.22
CA LEU F 104 -47.49 -11.94 3.28
C LEU F 104 -48.12 -12.34 1.95
N GLU F 105 -49.14 -13.18 2.02
CA GLU F 105 -49.82 -13.68 0.82
C GLU F 105 -51.29 -13.32 0.88
N ILE F 106 -51.83 -12.82 -0.23
CA ILE F 106 -53.21 -12.40 -0.28
C ILE F 106 -54.13 -13.61 -0.23
N LYS F 107 -55.15 -13.53 0.62
CA LYS F 107 -56.16 -14.58 0.68
C LYS F 107 -56.99 -14.60 -0.61
N ARG F 108 -57.47 -15.78 -0.96
CA ARG F 108 -58.32 -15.96 -2.13
C ARG F 108 -59.02 -17.31 -2.00
N ALA F 109 -60.00 -17.53 -2.88
CA ALA F 109 -60.67 -18.82 -2.92
C ALA F 109 -59.72 -19.90 -3.44
N ASP F 110 -59.91 -21.12 -2.92
CA ASP F 110 -59.03 -22.23 -3.29
C ASP F 110 -59.14 -22.54 -4.77
N ALA F 111 -58.04 -22.98 -5.36
CA ALA F 111 -57.96 -23.29 -6.78
C ALA F 111 -57.42 -24.69 -6.98
N ALA F 112 -57.55 -25.17 -8.21
CA ALA F 112 -57.08 -26.49 -8.59
C ALA F 112 -56.08 -26.37 -9.73
N PRO F 113 -54.91 -27.00 -9.62
CA PRO F 113 -53.90 -26.87 -10.68
C PRO F 113 -54.38 -27.48 -11.98
N THR F 114 -53.90 -26.90 -13.08
CA THR F 114 -54.25 -27.41 -14.41
C THR F 114 -53.65 -28.79 -14.65
N VAL F 115 -52.43 -29.01 -14.15
CA VAL F 115 -51.72 -30.29 -14.26
C VAL F 115 -51.74 -30.91 -15.65
N SER F 116 -51.36 -30.13 -16.65
CA SER F 116 -51.24 -30.62 -18.02
C SER F 116 -49.87 -31.19 -18.33
N ILE F 117 -49.85 -32.28 -19.09
CA ILE F 117 -48.60 -32.93 -19.45
C ILE F 117 -48.06 -32.30 -20.73
N PHE F 118 -46.76 -32.49 -20.96
CA PHE F 118 -46.12 -31.94 -22.15
C PHE F 118 -45.07 -32.90 -22.69
N PRO F 119 -45.36 -33.61 -23.77
CA PRO F 119 -44.38 -34.55 -24.33
C PRO F 119 -43.24 -33.82 -25.02
N PRO F 120 -42.00 -34.20 -24.73
CA PRO F 120 -40.87 -33.55 -25.42
C PRO F 120 -40.99 -33.73 -26.92
N SER F 121 -40.66 -32.67 -27.66
CA SER F 121 -40.83 -32.68 -29.10
C SER F 121 -39.79 -33.59 -29.76
N SER F 122 -40.01 -33.86 -31.05
CA SER F 122 -39.08 -34.70 -31.80
C SER F 122 -37.67 -34.14 -31.76
N GLU F 123 -37.53 -32.83 -31.60
CA GLU F 123 -36.20 -32.23 -31.47
C GLU F 123 -35.47 -32.84 -30.27
N GLN F 124 -36.20 -33.09 -29.18
CA GLN F 124 -35.58 -33.71 -28.01
C GLN F 124 -34.98 -35.07 -28.35
N LEU F 125 -35.75 -35.91 -29.06
CA LEU F 125 -35.24 -37.23 -29.42
C LEU F 125 -34.02 -37.13 -30.31
N THR F 126 -34.07 -36.27 -31.33
CA THR F 126 -32.95 -36.13 -32.24
C THR F 126 -31.76 -35.43 -31.58
N SER F 127 -32.02 -34.44 -30.74
CA SER F 127 -30.93 -33.71 -30.10
C SER F 127 -30.11 -34.63 -29.21
N GLY F 128 -30.76 -35.54 -28.48
CA GLY F 128 -30.07 -36.46 -27.62
C GLY F 128 -30.68 -36.51 -26.22
N GLY F 129 -31.20 -35.38 -25.77
CA GLY F 129 -31.81 -35.33 -24.46
C GLY F 129 -33.21 -35.92 -24.44
N ALA F 130 -33.73 -36.07 -23.21
CA ALA F 130 -35.07 -36.63 -23.02
C ALA F 130 -35.63 -36.03 -21.74
N SER F 131 -36.50 -35.03 -21.88
CA SER F 131 -37.09 -34.34 -20.75
C SER F 131 -38.61 -34.34 -20.89
N VAL F 132 -39.29 -34.74 -19.83
CA VAL F 132 -40.75 -34.72 -19.78
C VAL F 132 -41.19 -33.63 -18.83
N VAL F 133 -42.19 -32.86 -19.24
CA VAL F 133 -42.60 -31.66 -18.53
C VAL F 133 -44.05 -31.82 -18.07
N CYS F 134 -44.27 -31.59 -16.78
CA CYS F 134 -45.61 -31.46 -16.22
C CYS F 134 -45.87 -30.00 -15.91
N PHE F 135 -47.01 -29.49 -16.36
CA PHE F 135 -47.38 -28.09 -16.19
C PHE F 135 -48.71 -28.01 -15.47
N LEU F 136 -48.65 -27.97 -14.14
CA LEU F 136 -49.82 -27.71 -13.31
C LEU F 136 -49.79 -26.24 -12.91
N ASN F 137 -50.88 -25.53 -13.24
CA ASN F 137 -50.90 -24.08 -13.11
C ASN F 137 -52.19 -23.63 -12.46
N ASN F 138 -52.15 -22.43 -11.87
CA ASN F 138 -53.31 -21.82 -11.24
C ASN F 138 -53.88 -22.71 -10.13
N PHE F 139 -53.04 -22.94 -9.12
CA PHE F 139 -53.44 -23.71 -7.95
C PHE F 139 -53.29 -22.85 -6.70
N TYR F 140 -54.00 -23.24 -5.65
CA TYR F 140 -54.06 -22.44 -4.44
C TYR F 140 -54.56 -23.30 -3.28
N PRO F 141 -53.86 -23.33 -2.14
CA PRO F 141 -52.58 -22.67 -1.82
C PRO F 141 -51.37 -23.39 -2.38
N LYS F 142 -50.19 -23.14 -1.80
CA LYS F 142 -48.95 -23.74 -2.27
C LYS F 142 -48.88 -25.23 -2.01
N ASP F 143 -49.87 -25.81 -1.33
CA ASP F 143 -49.86 -27.23 -0.99
C ASP F 143 -50.09 -28.05 -2.26
N ILE F 144 -49.00 -28.53 -2.85
CA ILE F 144 -49.06 -29.38 -4.04
C ILE F 144 -48.08 -30.53 -3.91
N ASN F 145 -48.35 -31.58 -4.67
CA ASN F 145 -47.52 -32.78 -4.69
C ASN F 145 -47.07 -33.04 -6.13
N VAL F 146 -45.78 -33.32 -6.30
CA VAL F 146 -45.18 -33.51 -7.61
C VAL F 146 -44.80 -34.99 -7.76
N LYS F 147 -45.31 -35.62 -8.81
CA LYS F 147 -45.01 -37.01 -9.09
C LYS F 147 -45.32 -37.31 -10.54
N TRP F 148 -44.54 -38.21 -11.14
CA TRP F 148 -44.73 -38.61 -12.53
C TRP F 148 -44.99 -40.09 -12.62
N LYS F 149 -45.86 -40.48 -13.56
CA LYS F 149 -46.28 -41.86 -13.74
C LYS F 149 -46.07 -42.29 -15.18
N ILE F 150 -44.87 -42.03 -15.71
CA ILE F 150 -44.54 -42.42 -17.07
C ILE F 150 -44.71 -43.93 -17.22
N ASP F 151 -45.65 -44.33 -18.09
CA ASP F 151 -45.87 -45.74 -18.39
C ASP F 151 -46.06 -46.57 -17.13
N GLY F 152 -46.62 -45.97 -16.09
CA GLY F 152 -46.81 -46.66 -14.84
C GLY F 152 -45.57 -46.70 -13.97
N SER F 153 -44.41 -46.77 -14.60
CA SER F 153 -43.15 -46.80 -13.84
C SER F 153 -42.99 -45.54 -13.03
N GLU F 154 -42.43 -45.69 -11.83
CA GLU F 154 -42.32 -44.60 -10.87
C GLU F 154 -40.86 -44.43 -10.46
N ARG F 155 -40.35 -43.22 -10.59
CA ARG F 155 -39.00 -42.88 -10.16
C ARG F 155 -39.05 -41.69 -9.21
N GLN F 156 -38.11 -41.67 -8.27
CA GLN F 156 -37.97 -40.59 -7.30
C GLN F 156 -36.70 -39.77 -7.59
N ASN F 157 -36.31 -39.69 -8.85
CA ASN F 157 -35.03 -39.06 -9.19
C ASN F 157 -35.15 -38.35 -10.53
N GLY F 158 -34.25 -37.39 -10.76
CA GLY F 158 -34.19 -36.67 -12.01
C GLY F 158 -35.38 -35.78 -12.27
N VAL F 159 -35.81 -35.03 -11.25
CA VAL F 159 -36.93 -34.11 -11.36
C VAL F 159 -36.45 -32.70 -11.03
N LEU F 160 -36.76 -31.75 -11.90
CA LEU F 160 -36.47 -30.34 -11.69
C LEU F 160 -37.78 -29.61 -11.44
N ASN F 161 -37.86 -28.88 -10.32
CA ASN F 161 -39.07 -28.20 -9.91
C ASN F 161 -38.80 -26.70 -9.81
N SER F 162 -39.73 -25.90 -10.29
CA SER F 162 -39.65 -24.45 -10.21
C SER F 162 -41.02 -23.88 -9.87
N TRP F 163 -41.04 -22.88 -8.99
CA TRP F 163 -42.26 -22.25 -8.54
C TRP F 163 -42.32 -20.81 -9.02
N THR F 164 -43.54 -20.27 -9.04
CA THR F 164 -43.78 -18.87 -9.35
C THR F 164 -44.24 -18.14 -8.10
N ASP F 165 -43.75 -16.92 -7.92
CA ASP F 165 -44.18 -16.12 -6.79
C ASP F 165 -45.70 -15.89 -6.86
N GLN F 166 -46.24 -15.31 -5.80
CA GLN F 166 -47.67 -15.04 -5.75
C GLN F 166 -48.09 -14.22 -6.95
N ASP F 167 -49.17 -14.66 -7.60
CA ASP F 167 -49.65 -13.96 -8.79
C ASP F 167 -50.26 -12.62 -8.41
N SER F 168 -49.88 -11.58 -9.15
CA SER F 168 -50.29 -10.21 -8.84
C SER F 168 -51.66 -9.85 -9.39
N LYS F 169 -52.22 -10.64 -10.31
CA LYS F 169 -53.50 -10.32 -10.92
C LYS F 169 -54.64 -11.22 -10.47
N ASP F 170 -54.36 -12.50 -10.21
CA ASP F 170 -55.38 -13.41 -9.71
C ASP F 170 -54.93 -14.14 -8.45
N SER F 171 -53.72 -13.91 -7.97
CA SER F 171 -53.19 -14.54 -6.76
C SER F 171 -53.35 -16.06 -6.83
N THR F 172 -52.66 -16.65 -7.79
CA THR F 172 -52.58 -18.09 -7.95
C THR F 172 -51.12 -18.52 -7.98
N TYR F 173 -50.88 -19.79 -8.28
CA TYR F 173 -49.54 -20.35 -8.23
C TYR F 173 -49.29 -21.22 -9.45
N SER F 174 -48.01 -21.37 -9.79
CA SER F 174 -47.57 -22.13 -10.95
C SER F 174 -46.43 -23.06 -10.57
N MET F 175 -46.53 -24.31 -11.03
CA MET F 175 -45.52 -25.34 -10.81
C MET F 175 -45.08 -25.92 -12.15
N SER F 176 -43.76 -26.03 -12.35
CA SER F 176 -43.21 -26.67 -13.54
C SER F 176 -42.27 -27.78 -13.10
N SER F 177 -42.55 -29.01 -13.53
CA SER F 177 -41.74 -30.16 -13.20
C SER F 177 -41.15 -30.70 -14.51
N THR F 178 -39.82 -30.79 -14.56
CA THR F 178 -39.12 -31.27 -15.74
C THR F 178 -38.29 -32.48 -15.36
N LEU F 179 -38.48 -33.58 -16.07
CA LEU F 179 -37.77 -34.82 -15.82
C LEU F 179 -36.82 -35.09 -16.98
N THR F 180 -35.53 -35.20 -16.67
CA THR F 180 -34.50 -35.47 -17.67
C THR F 180 -33.98 -36.88 -17.46
N LEU F 181 -34.07 -37.70 -18.51
CA LEU F 181 -33.66 -39.09 -18.44
C LEU F 181 -32.88 -39.45 -19.70
N THR F 182 -32.27 -40.64 -19.67
CA THR F 182 -31.55 -41.14 -20.83
C THR F 182 -32.51 -41.44 -21.98
N LYS F 183 -32.01 -41.29 -23.21
CA LYS F 183 -32.84 -41.54 -24.37
C LYS F 183 -33.38 -42.97 -24.36
N ASP F 184 -32.59 -43.93 -23.86
CA ASP F 184 -33.05 -45.31 -23.81
C ASP F 184 -34.30 -45.43 -22.94
N GLU F 185 -34.31 -44.76 -21.79
CA GLU F 185 -35.52 -44.75 -20.96
C GLU F 185 -36.69 -44.18 -21.74
N TYR F 186 -36.45 -43.19 -22.59
CA TYR F 186 -37.49 -42.68 -23.48
C TYR F 186 -38.01 -43.76 -24.41
N GLU F 187 -37.10 -44.56 -24.99
CA GLU F 187 -37.49 -45.48 -26.05
C GLU F 187 -38.48 -46.53 -25.57
N ARG F 188 -38.39 -46.93 -24.30
CA ARG F 188 -39.22 -48.00 -23.78
C ARG F 188 -40.59 -47.52 -23.29
N HIS F 189 -40.88 -46.23 -23.39
CA HIS F 189 -42.16 -45.69 -22.94
C HIS F 189 -42.70 -44.71 -23.97
N ASN F 190 -44.02 -44.76 -24.18
CA ASN F 190 -44.67 -43.87 -25.12
C ASN F 190 -45.96 -43.25 -24.60
N SER F 191 -46.46 -43.66 -23.43
CA SER F 191 -47.68 -43.10 -22.85
C SER F 191 -47.29 -42.21 -21.68
N TYR F 192 -47.88 -41.02 -21.63
CA TYR F 192 -47.57 -40.04 -20.59
C TYR F 192 -48.72 -39.94 -19.59
N THR F 193 -48.39 -40.08 -18.31
CA THR F 193 -49.35 -39.96 -17.22
C THR F 193 -48.66 -39.27 -16.05
N CYS F 194 -49.15 -38.09 -15.69
CA CYS F 194 -48.55 -37.28 -14.64
C CYS F 194 -49.59 -37.04 -13.55
N GLU F 195 -49.18 -37.18 -12.29
CA GLU F 195 -50.07 -37.04 -11.15
C GLU F 195 -49.70 -35.82 -10.32
N ALA F 196 -50.72 -35.12 -9.84
CA ALA F 196 -50.52 -33.94 -9.01
C ALA F 196 -51.63 -33.83 -7.96
P1 LPP G . 1.87 7.11 7.61
O2 LPP G . 1.36 6.83 6.22
O3 LPP G . 2.72 5.97 8.15
O4 LPP G . 0.77 7.53 8.56
O5 LPP G . 2.87 8.39 7.47
C6 LPP G . 3.29 9.10 8.66
C7 LPP G . 4.61 8.57 9.18
C8 LPP G . 5.77 8.72 8.22
O9 LPP G . 4.95 9.28 10.40
O27 LPP G . 5.76 10.04 7.65
C11 LPP G . 4.18 9.10 11.48
O10 LPP G . 3.68 8.05 11.73
C12 LPP G . 4.00 10.31 12.35
C13 LPP G . 3.74 11.57 11.61
C14 LPP G . 4.93 12.49 11.63
C15 LPP G . 5.00 13.34 12.85
C16 LPP G . 4.27 14.63 12.75
C17 LPP G . 5.02 15.79 13.30
C18 LPP G . 6.19 16.20 12.48
C19 LPP G . 6.43 17.69 12.43
C20 LPP G . 7.36 18.17 13.50
C21 LPP G . 7.25 19.63 13.79
C22 LPP G . 8.40 20.17 14.60
C23 LPP G . 8.20 20.03 16.07
C24 LPP G . 9.39 20.42 16.89
C25 LPP G . 9.52 21.89 17.13
C26 LPP G . 9.77 22.24 18.58
C29 LPP G . 6.86 10.75 7.79
O28 LPP G . 7.85 10.57 7.14
C30 LPP G . 6.72 11.79 8.85
C31 LPP G . 7.39 13.08 8.54
C32 LPP G . 8.65 13.28 9.34
C33 LPP G . 8.42 13.76 10.74
C34 LPP G . 9.58 14.52 11.32
C35 LPP G . 9.62 14.57 12.82
C36 LPP G . 10.30 15.79 13.37
C37 LPP G . 10.46 15.81 14.85
C38 LPP G . 9.76 16.96 15.52
C39 LPP G . 10.02 17.08 17.00
C40 LPP G . 11.35 17.68 17.35
C41 LPP G . 11.45 18.17 18.77
C42 LPP G . 12.72 18.91 19.07
C43 LPP G . 12.56 20.38 18.94
C44 LPP G . 13.87 21.13 18.95
HC61 LPP G . 2.61 9.01 9.35
HC62 LPP G . 3.38 10.05 8.45
HC7 LPP G . 4.50 7.61 9.39
HC81 LPP G . 5.69 8.05 7.50
HC82 LPP G . 6.62 8.57 8.70
H121 LPP G . 4.80 10.43 12.90
H122 LPP G . 3.25 10.15 12.96
H131 LPP G . 2.97 12.03 12.00
H132 LPP G . 3.51 11.36 10.68
H141 LPP G . 4.90 13.07 10.85
H142 LPP G . 5.75 11.95 11.57
H151 LPP G . 5.95 13.53 13.04
H152 LPP G . 4.65 12.84 13.61
H161 LPP G . 3.42 14.55 13.21
H162 LPP G . 4.08 14.81 11.80
H171 LPP G . 5.34 15.56 14.20
H172 LPP G . 4.42 16.55 13.39
H181 LPP G . 6.07 15.87 11.56
H182 LPP G . 7.00 15.78 12.84
H191 LPP G . 5.57 18.15 12.53
H192 LPP G . 6.80 17.92 11.56
H201 LPP G . 8.27 17.97 13.22
H202 LPP G . 7.17 17.68 14.32
H211 LPP G . 6.42 19.80 14.26
H212 LPP G . 7.22 20.12 12.94
H221 LPP G . 8.53 21.12 14.39
H222 LPP G . 9.22 19.69 14.35
H231 LPP G . 7.97 19.10 16.28
H232 LPP G . 7.44 20.60 16.34
H241 LPP G . 10.20 20.10 16.43
H242 LPP G . 9.34 19.96 17.75
H251 LPP G . 10.26 22.24 16.59
H252 LPP G . 8.70 22.33 16.84
H261 LPP G . 9.81 21.43 19.11
H262 LPP G . 9.05 22.81 18.90
H263 LPP G . 10.62 22.71 18.65
H301 LPP G . 7.07 11.44 9.69
H302 LPP G . 5.76 11.96 8.99
H311 LPP G . 6.77 13.82 8.73
H312 LPP G . 7.61 13.11 7.58
H321 LPP G . 9.22 13.92 8.88
H322 LPP G . 9.14 12.43 9.38
H331 LPP G . 8.23 13.00 11.32
H332 LPP G . 7.64 14.34 10.75
H341 LPP G . 9.57 15.44 10.98
H342 LPP G . 10.42 14.10 11.00
H351 LPP G . 10.07 13.77 13.15
H352 LPP G . 8.69 14.55 13.15
H361 LPP G . 9.80 16.58 13.09
H362 LPP G . 11.19 15.86 12.95
H371 LPP G . 10.09 14.97 15.21
H372 LPP G . 11.41 15.84 15.07
H381 LPP G . 8.80 16.86 15.39
H382 LPP G . 10.04 17.79 15.08
H391 LPP G . 9.98 16.18 17.40
H392 LPP G . 9.32 17.62 17.40
H401 LPP G . 11.52 18.43 16.74
H402 LPP G . 12.05 17.02 17.20
H411 LPP G . 11.37 17.40 19.37
H412 LPP G . 10.69 18.76 18.94
H421 LPP G . 13.41 18.60 18.45
H422 LPP G . 13.00 18.69 19.98
H431 LPP G . 12.00 20.71 19.67
H432 LPP G . 12.10 20.58 18.10
H441 LPP G . 14.39 20.86 19.73
H442 LPP G . 13.70 22.09 18.99
H443 LPP G . 14.36 20.93 18.15
C1 G50 H . -1.00 13.22 30.81
C2 G50 H . -0.81 14.57 31.04
C3 G50 H . -1.41 15.52 30.22
C4 G50 H . -2.19 15.10 29.17
C5 G50 H . -2.43 13.73 28.88
C6 G50 H . -1.78 12.81 29.75
C7 G50 H . -3.25 13.35 27.71
C8 G50 H . -4.00 12.05 27.67
C9 G50 H . -3.25 10.97 26.90
O1 G50 H . -1.90 11.45 29.61
O2 G50 H . -3.32 14.09 26.74
C10 G50 H . -3.84 9.60 27.15
C11 G50 H . -3.45 8.83 28.23
C12 G50 H . -4.02 7.59 28.47
C13 G50 H . -5.00 7.10 27.64
C14 G50 H . -5.41 7.86 26.56
C15 G50 H . -4.84 9.10 26.33
O3 G50 H . -5.57 5.88 27.86
O4 G50 H . -0.03 14.98 32.10
O5 G50 H . -2.74 16.09 28.40
H3 G50 H . -1.28 16.43 30.39
H1 G50 H . -0.60 12.59 31.36
H4 G50 H . 0.08 15.82 32.24
HA G50 H . -2.53 11.04 30.02
H5 G50 H . -3.60 16.23 28.43
H8C1 G50 H . -4.87 12.20 27.24
H8C2 G50 H . -4.17 11.74 28.57
H9C1 G50 H . -2.31 10.96 27.16
H9C2 G50 H . -3.30 11.16 25.93
H11 G50 H . -2.78 9.15 28.80
H15 G50 H . -5.13 9.62 25.60
H12 G50 H . -3.72 7.08 29.22
H14 G50 H . -6.08 7.54 25.99
HB G50 H . -6.18 5.60 27.34
P1 LPP I . 6.26 8.51 -0.07
O2 LPP I . 5.94 7.18 0.57
O3 LPP I . 5.10 9.06 -0.87
O4 LPP I . 7.57 8.49 -0.83
O5 LPP I . 6.47 9.54 1.18
C6 LPP I . 7.09 10.84 0.93
C7 LPP I . 6.06 11.90 0.67
C8 LPP I . 5.10 12.15 1.82
O9 LPP I . 6.74 13.16 0.38
O27 LPP I . 5.85 12.23 3.06
C11 LPP I . 7.46 13.24 -0.74
O10 LPP I . 7.12 12.70 -1.75
C12 LPP I . 8.70 14.07 -0.65
C13 LPP I . 9.50 13.85 0.57
C14 LPP I . 9.38 15.00 1.54
C15 LPP I . 10.33 16.12 1.25
C16 LPP I . 11.67 15.97 1.90
C17 LPP I . 12.19 17.25 2.48
C18 LPP I . 11.46 17.68 3.72
C19 LPP I . 12.32 18.29 4.76
C20 LPP I . 12.42 19.79 4.64
C21 LPP I . 13.60 20.40 5.32
C22 LPP I . 13.51 21.88 5.46
C23 LPP I . 14.03 22.64 4.28
C24 LPP I . 13.80 24.11 4.35
C25 LPP I . 14.83 24.86 5.15
C26 LPP I . 15.39 26.06 4.45
C29 LPP I . 5.69 13.33 3.77
O28 LPP I . 4.71 13.53 4.44
C30 LPP I . 6.86 14.24 3.63
C31 LPP I . 7.22 14.95 4.89
C32 LPP I . 6.82 16.41 4.88
C33 LPP I . 7.76 17.29 4.13
C34 LPP I . 7.74 18.72 4.59
C35 LPP I . 8.25 19.72 3.57
C36 LPP I . 8.83 20.95 4.20
C37 LPP I . 9.24 22.01 3.22
C38 LPP I . 10.70 22.34 3.25
C39 LPP I . 11.10 23.50 2.38
C40 LPP I . 10.79 24.84 2.96
C41 LPP I . 11.54 25.97 2.30
C42 LPP I . 11.35 27.30 2.98
C43 LPP I . 12.43 27.61 3.96
C44 LPP I . 12.13 28.77 4.85
HC61 LPP I . 7.69 10.77 0.16
HC62 LPP I . 7.63 11.09 1.72
HC7 LPP I . 5.52 11.63 -0.12
HC81 LPP I . 4.45 11.41 1.88
HC82 LPP I . 4.61 12.99 1.68
H121 LPP I . 8.44 15.02 -0.69
H122 LPP I . 9.27 13.89 -1.43
H131 LPP I . 10.44 13.72 0.34
H132 LPP I . 9.19 13.03 1.02
H141 LPP I . 9.55 14.68 2.44
H142 LPP I . 8.47 15.35 1.51
H151 LPP I . 9.92 16.96 1.55
H152 LPP I . 10.46 16.17 0.28
H161 LPP I . 12.31 15.65 1.23
H162 LPP I . 11.61 15.30 2.60
H171 LPP I . 12.11 17.96 1.81
H172 LPP I . 13.13 17.13 2.70
H181 LPP I . 11.00 16.89 4.11
H182 LPP I . 10.76 18.32 3.46
H191 LPP I . 13.22 17.92 4.70
H192 LPP I . 11.96 18.08 5.65
H201 LPP I . 11.60 20.18 5.00
H202 LPP I . 12.46 20.01 3.68
H211 LPP I . 14.41 20.17 4.81
H212 LPP I . 13.69 19.99 6.21
H221 LPP I . 14.02 22.15 6.26
H222 LPP I . 12.58 22.13 5.61
H231 LPP I . 13.59 22.28 3.48
H232 LPP I . 14.99 22.46 4.19
H241 LPP I . 12.92 24.28 4.74
H242 LPP I . 13.80 24.47 3.44
H251 LPP I . 14.43 25.14 6.00
H252 LPP I . 15.56 24.25 5.37
H261 LPP I . 14.97 26.15 3.57
H262 LPP I . 16.35 25.96 4.34
H263 LPP I . 15.21 26.86 4.98
H301 LPP I . 6.65 14.91 2.94
H302 LPP I . 7.63 13.73 3.33
H311 LPP I . 8.18 14.90 5.02
H312 LPP I . 6.79 14.50 5.65
H321 LPP I . 6.76 16.72 5.80
H322 LPP I . 5.93 16.48 4.48
H331 LPP I . 7.53 17.27 3.17
H332 LPP I . 8.68 16.95 4.22
H341 LPP I . 8.28 18.80 5.39
H342 LPP I . 6.81 18.96 4.82
H351 LPP I . 7.50 19.98 2.99
H352 LPP I . 8.93 19.29 3.03
H361 LPP I . 9.62 20.69 4.72
H362 LPP I . 8.18 21.33 4.83
H371 LPP I . 9.01 21.71 2.31
H372 LPP I . 8.73 22.83 3.40
H381 LPP I . 11.21 21.55 2.95
H382 LPP I . 10.97 22.54 4.17
H391 LPP I . 10.64 23.41 1.52
H392 LPP I . 12.06 23.45 2.20
H401 LPP I . 11.02 24.83 3.91
H402 LPP I . 9.84 25.01 2.87
H411 LPP I . 11.25 26.04 1.37
H412 LPP I . 12.49 25.76 2.30
H421 LPP I . 10.49 27.29 3.45
H422 LPP I . 11.31 28.00 2.30
H431 LPP I . 13.26 27.79 3.46
H432 LPP I . 12.59 26.81 4.51
H441 LPP I . 11.87 29.54 4.31
H442 LPP I . 12.92 29.00 5.36
H443 LPP I . 11.40 28.54 5.45
C1 G50 J . 19.95 23.30 -13.40
C2 G50 J . 20.85 24.03 -12.64
C3 G50 J . 21.63 23.41 -11.67
C4 G50 J . 21.49 22.06 -11.45
C5 G50 J . 20.58 21.26 -12.20
C6 G50 J . 19.82 21.94 -13.18
C7 G50 J . 20.47 19.81 -11.89
C8 G50 J . 20.02 18.82 -12.94
C9 G50 J . 18.53 18.48 -12.83
O1 G50 J . 18.90 21.32 -13.98
O2 G50 J . 20.70 19.40 -10.77
C10 G50 J . 18.05 17.78 -14.07
C11 G50 J . 17.60 18.48 -15.18
C12 G50 J . 17.18 17.82 -16.32
C13 G50 J . 17.19 16.44 -16.37
C14 G50 J . 17.63 15.73 -15.28
C15 G50 J . 18.06 16.40 -14.14
O3 G50 J . 16.77 15.78 -17.49
O4 G50 J . 20.99 25.37 -12.87
O5 G50 J . 22.28 21.52 -10.47
H3 G50 J . 22.24 23.91 -11.17
H1 G50 J . 19.44 23.72 -14.05
H4 G50 J . 21.54 25.83 -12.41
HA G50 J . 19.14 21.00 -14.73
H5 G50 J . 22.92 20.99 -10.70
H8C1 G50 J . 20.53 18.00 -12.83
H8C2 G50 J . 20.21 19.17 -13.82
H9C1 G50 J . 18.02 19.30 -12.71
H9C2 G50 J . 18.38 17.92 -12.05
H11 G50 J . 17.59 19.42 -15.15
H15 G50 J . 18.37 15.90 -13.40
H12 G50 J . 16.88 18.32 -17.06
H14 G50 J . 17.65 14.78 -15.31
HB G50 J . 16.80 14.91 -17.51
#